data_5U1M
# 
_entry.id   5U1M 
# 
_audit_conform.dict_name       mmcif_pdbx.dic 
_audit_conform.dict_version    5.398 
_audit_conform.dict_location   http://mmcif.pdb.org/dictionaries/ascii/mmcif_pdbx.dic 
# 
loop_
_database_2.database_id 
_database_2.database_code 
_database_2.pdbx_database_accession 
_database_2.pdbx_DOI 
PDB   5U1M         pdb_00005u1m 10.2210/pdb5u1m/pdb 
WWPDB D_1000224884 ?            ?                   
# 
loop_
_pdbx_audit_revision_history.ordinal 
_pdbx_audit_revision_history.data_content_type 
_pdbx_audit_revision_history.major_revision 
_pdbx_audit_revision_history.minor_revision 
_pdbx_audit_revision_history.revision_date 
1 'Structure model' 1 0 2017-09-13 
2 'Structure model' 1 1 2024-11-06 
# 
_pdbx_audit_revision_details.ordinal             1 
_pdbx_audit_revision_details.revision_ordinal    1 
_pdbx_audit_revision_details.data_content_type   'Structure model' 
_pdbx_audit_revision_details.provider            repository 
_pdbx_audit_revision_details.type                'Initial release' 
_pdbx_audit_revision_details.description         ? 
_pdbx_audit_revision_details.details             ? 
# 
loop_
_pdbx_audit_revision_group.ordinal 
_pdbx_audit_revision_group.revision_ordinal 
_pdbx_audit_revision_group.data_content_type 
_pdbx_audit_revision_group.group 
1 2 'Structure model' 'Data collection'     
2 2 'Structure model' 'Database references' 
3 2 'Structure model' 'Structure summary'   
# 
loop_
_pdbx_audit_revision_category.ordinal 
_pdbx_audit_revision_category.revision_ordinal 
_pdbx_audit_revision_category.data_content_type 
_pdbx_audit_revision_category.category 
1 2 'Structure model' chem_comp_atom            
2 2 'Structure model' chem_comp_bond            
3 2 'Structure model' database_2                
4 2 'Structure model' pdbx_entry_details        
5 2 'Structure model' pdbx_modification_feature 
# 
loop_
_pdbx_audit_revision_item.ordinal 
_pdbx_audit_revision_item.revision_ordinal 
_pdbx_audit_revision_item.data_content_type 
_pdbx_audit_revision_item.item 
1 2 'Structure model' '_database_2.pdbx_DOI'                
2 2 'Structure model' '_database_2.pdbx_database_accession' 
# 
_database_PDB_caveat.id     1 
_database_PDB_caveat.text   'ENTRY CONTAINS ATOMS MODELED WITH B = 0.' 
# 
_pdbx_database_status.status_code                     REL 
_pdbx_database_status.status_code_sf                  AUTH 
_pdbx_database_status.status_code_mr                  ? 
_pdbx_database_status.entry_id                        5U1M 
_pdbx_database_status.recvd_initial_deposition_date   2016-11-28 
_pdbx_database_status.SG_entry                        N 
_pdbx_database_status.deposit_site                    RCSB 
_pdbx_database_status.process_site                    RCSB 
_pdbx_database_status.status_code_cs                  ? 
_pdbx_database_status.methods_development_category    ? 
_pdbx_database_status.pdb_format_compatible           Y 
_pdbx_database_status.status_code_nmr_data            ? 
# 
loop_
_audit_author.name 
_audit_author.pdbx_ordinal 
'Eck, M.J.'       1 
'Dhe-Paganon, S.' 2 
# 
_citation.abstract                  ? 
_citation.abstract_id_CAS           ? 
_citation.book_id_ISBN              ? 
_citation.book_publisher            ? 
_citation.book_publisher_city       ? 
_citation.book_title                ? 
_citation.coordinate_linkage        ? 
_citation.country                   UK 
_citation.database_id_Medline       ? 
_citation.details                   ? 
_citation.id                        primary 
_citation.journal_abbrev            'Nat Commun' 
_citation.journal_id_ASTM           ? 
_citation.journal_id_CSD            ? 
_citation.journal_id_ISSN           2041-1723 
_citation.journal_full              ? 
_citation.journal_issue             ? 
_citation.journal_volume            8 
_citation.language                  ? 
_citation.page_first                14892 
_citation.page_last                 14892 
_citation.title                     'Domain-dependent effects of insulin and IGF-1 receptors on signalling and gene expression.' 
_citation.year                      2017 
_citation.database_id_CSD           ? 
_citation.pdbx_database_id_DOI      10.1038/ncomms14892 
_citation.pdbx_database_id_PubMed   28345670 
_citation.unpublished_flag          ? 
# 
loop_
_citation_author.citation_id 
_citation_author.name 
_citation_author.ordinal 
_citation_author.identifier_ORCID 
primary 'Cai, W.'               1  ? 
primary 'Sakaguchi, M.'         2  ? 
primary 'Kleinridders, A.'      3  ? 
primary 'Gonzalez-Del Pino, G.' 4  ? 
primary 'Dreyfuss, J.M.'        5  ? 
primary 
;O'Neill, B.T.
;
6  ? 
primary 'Ramirez, A.K.'         7  ? 
primary 'Pan, H.'               8  ? 
primary 'Winnay, J.N.'          9  ? 
primary 'Boucher, J.'           10 ? 
primary 'Eck, M.J.'             11 ? 
primary 'Kahn, C.R.'            12 ? 
# 
loop_
_entity.id 
_entity.type 
_entity.src_method 
_entity.pdbx_description 
_entity.formula_weight 
_entity.pdbx_number_of_molecules 
_entity.pdbx_ec 
_entity.pdbx_mutation 
_entity.pdbx_fragment 
_entity.details 
1 polymer man 'Insulin receptor substrate 1' 11832.777 1   ? ? 'PTB domain (UNP residues 161-265)'           ? 
2 polymer man 'Insulin receptor'             1091.066  1   ? ? 'juxtamembrane region (UNP residues 991-999)' ? 
3 water   nat water                          18.015    120 ? ? ?                                             ? 
# 
loop_
_entity_name_com.entity_id 
_entity_name_com.name 
1 IRS-1 
2 IR    
# 
loop_
_entity_poly.entity_id 
_entity_poly.type 
_entity_poly.nstd_linkage 
_entity_poly.nstd_monomer 
_entity_poly.pdbx_seq_one_letter_code 
_entity_poly.pdbx_seq_one_letter_code_can 
_entity_poly.pdbx_strand_id 
_entity_poly.pdbx_target_identifier 
1 'polypeptide(L)' no no  
;KEVWQVILKPKGLGQTKNLIGIYRLCLTSKTISFVKLNSEAAAVVLQLMNIRRCGHSENFFFIEVGRSAVTGPGEFWMQV
DDSVVAQNMHETILEAMRAMSDAFR
;
;KEVWQVILKPKGLGQTKNLIGIYRLCLTSKTISFVKLNSEAAAVVLQLMNIRRCGHSENFFFIEVGRSAVTGPGEFWMQV
DDSVVAQNMHETILEAMRAMSDAFR
;
A ? 
2 'polypeptide(L)' no yes '(ACE)LYASSNPA(PTR)' XLYASSNPAY B ? 
# 
_pdbx_entity_nonpoly.entity_id   3 
_pdbx_entity_nonpoly.name        water 
_pdbx_entity_nonpoly.comp_id     HOH 
# 
loop_
_entity_poly_seq.entity_id 
_entity_poly_seq.num 
_entity_poly_seq.mon_id 
_entity_poly_seq.hetero 
1 1   LYS n 
1 2   GLU n 
1 3   VAL n 
1 4   TRP n 
1 5   GLN n 
1 6   VAL n 
1 7   ILE n 
1 8   LEU n 
1 9   LYS n 
1 10  PRO n 
1 11  LYS n 
1 12  GLY n 
1 13  LEU n 
1 14  GLY n 
1 15  GLN n 
1 16  THR n 
1 17  LYS n 
1 18  ASN n 
1 19  LEU n 
1 20  ILE n 
1 21  GLY n 
1 22  ILE n 
1 23  TYR n 
1 24  ARG n 
1 25  LEU n 
1 26  CYS n 
1 27  LEU n 
1 28  THR n 
1 29  SER n 
1 30  LYS n 
1 31  THR n 
1 32  ILE n 
1 33  SER n 
1 34  PHE n 
1 35  VAL n 
1 36  LYS n 
1 37  LEU n 
1 38  ASN n 
1 39  SER n 
1 40  GLU n 
1 41  ALA n 
1 42  ALA n 
1 43  ALA n 
1 44  VAL n 
1 45  VAL n 
1 46  LEU n 
1 47  GLN n 
1 48  LEU n 
1 49  MET n 
1 50  ASN n 
1 51  ILE n 
1 52  ARG n 
1 53  ARG n 
1 54  CYS n 
1 55  GLY n 
1 56  HIS n 
1 57  SER n 
1 58  GLU n 
1 59  ASN n 
1 60  PHE n 
1 61  PHE n 
1 62  PHE n 
1 63  ILE n 
1 64  GLU n 
1 65  VAL n 
1 66  GLY n 
1 67  ARG n 
1 68  SER n 
1 69  ALA n 
1 70  VAL n 
1 71  THR n 
1 72  GLY n 
1 73  PRO n 
1 74  GLY n 
1 75  GLU n 
1 76  PHE n 
1 77  TRP n 
1 78  MET n 
1 79  GLN n 
1 80  VAL n 
1 81  ASP n 
1 82  ASP n 
1 83  SER n 
1 84  VAL n 
1 85  VAL n 
1 86  ALA n 
1 87  GLN n 
1 88  ASN n 
1 89  MET n 
1 90  HIS n 
1 91  GLU n 
1 92  THR n 
1 93  ILE n 
1 94  LEU n 
1 95  GLU n 
1 96  ALA n 
1 97  MET n 
1 98  ARG n 
1 99  ALA n 
1 100 MET n 
1 101 SER n 
1 102 ASP n 
1 103 ALA n 
1 104 PHE n 
1 105 ARG n 
2 1   ACE n 
2 2   LEU n 
2 3   TYR n 
2 4   ALA n 
2 5   SER n 
2 6   SER n 
2 7   ASN n 
2 8   PRO n 
2 9   ALA n 
2 10  PTR n 
# 
loop_
_entity_src_gen.entity_id 
_entity_src_gen.pdbx_src_id 
_entity_src_gen.pdbx_alt_source_flag 
_entity_src_gen.pdbx_seq_type 
_entity_src_gen.pdbx_beg_seq_num 
_entity_src_gen.pdbx_end_seq_num 
_entity_src_gen.gene_src_common_name 
_entity_src_gen.gene_src_genus 
_entity_src_gen.pdbx_gene_src_gene 
_entity_src_gen.gene_src_species 
_entity_src_gen.gene_src_strain 
_entity_src_gen.gene_src_tissue 
_entity_src_gen.gene_src_tissue_fraction 
_entity_src_gen.gene_src_details 
_entity_src_gen.pdbx_gene_src_fragment 
_entity_src_gen.pdbx_gene_src_scientific_name 
_entity_src_gen.pdbx_gene_src_ncbi_taxonomy_id 
_entity_src_gen.pdbx_gene_src_variant 
_entity_src_gen.pdbx_gene_src_cell_line 
_entity_src_gen.pdbx_gene_src_atcc 
_entity_src_gen.pdbx_gene_src_organ 
_entity_src_gen.pdbx_gene_src_organelle 
_entity_src_gen.pdbx_gene_src_cell 
_entity_src_gen.pdbx_gene_src_cellular_location 
_entity_src_gen.host_org_common_name 
_entity_src_gen.pdbx_host_org_scientific_name 
_entity_src_gen.pdbx_host_org_ncbi_taxonomy_id 
_entity_src_gen.host_org_genus 
_entity_src_gen.pdbx_host_org_gene 
_entity_src_gen.pdbx_host_org_organ 
_entity_src_gen.host_org_species 
_entity_src_gen.pdbx_host_org_tissue 
_entity_src_gen.pdbx_host_org_tissue_fraction 
_entity_src_gen.pdbx_host_org_strain 
_entity_src_gen.pdbx_host_org_variant 
_entity_src_gen.pdbx_host_org_cell_line 
_entity_src_gen.pdbx_host_org_atcc 
_entity_src_gen.pdbx_host_org_culture_collection 
_entity_src_gen.pdbx_host_org_cell 
_entity_src_gen.pdbx_host_org_organelle 
_entity_src_gen.pdbx_host_org_cellular_location 
_entity_src_gen.pdbx_host_org_vector_type 
_entity_src_gen.pdbx_host_org_vector 
_entity_src_gen.host_org_details 
_entity_src_gen.expression_system_id 
_entity_src_gen.plasmid_name 
_entity_src_gen.plasmid_details 
_entity_src_gen.pdbx_description 
1 1 sample 'Biological sequence' 1 105 Human ? IRS1 ? ? ? ? ? ? 'Homo sapiens' 9606 ? ? ? ? ? ? ? ? 'Escherichia coli K-12' 83333 
? ? ? ? ? ? ? ? ? ? ? ? ? ? ? ? ? ? ? ? ? 
2 1 sample 'Biological sequence' 1 10  Human ? INSR ? ? ? ? ? ? 'Homo sapiens' 9606 ? ? ? ? ? ? ? ? 'Escherichia coli K-12' 83333 
? ? ? ? ? ? ? ? ? ? ? ? ? ? ? ? ? ? ? ? ? 
# 
loop_
_chem_comp.id 
_chem_comp.type 
_chem_comp.mon_nstd_flag 
_chem_comp.name 
_chem_comp.pdbx_synonyms 
_chem_comp.formula 
_chem_comp.formula_weight 
ACE non-polymer         . 'ACETYL GROUP'    ?                 'C2 H4 O'        44.053  
ALA 'L-peptide linking' y ALANINE           ?                 'C3 H7 N O2'     89.093  
ARG 'L-peptide linking' y ARGININE          ?                 'C6 H15 N4 O2 1' 175.209 
ASN 'L-peptide linking' y ASPARAGINE        ?                 'C4 H8 N2 O3'    132.118 
ASP 'L-peptide linking' y 'ASPARTIC ACID'   ?                 'C4 H7 N O4'     133.103 
CYS 'L-peptide linking' y CYSTEINE          ?                 'C3 H7 N O2 S'   121.158 
GLN 'L-peptide linking' y GLUTAMINE         ?                 'C5 H10 N2 O3'   146.144 
GLU 'L-peptide linking' y 'GLUTAMIC ACID'   ?                 'C5 H9 N O4'     147.129 
GLY 'peptide linking'   y GLYCINE           ?                 'C2 H5 N O2'     75.067  
HIS 'L-peptide linking' y HISTIDINE         ?                 'C6 H10 N3 O2 1' 156.162 
HOH non-polymer         . WATER             ?                 'H2 O'           18.015  
ILE 'L-peptide linking' y ISOLEUCINE        ?                 'C6 H13 N O2'    131.173 
LEU 'L-peptide linking' y LEUCINE           ?                 'C6 H13 N O2'    131.173 
LYS 'L-peptide linking' y LYSINE            ?                 'C6 H15 N2 O2 1' 147.195 
MET 'L-peptide linking' y METHIONINE        ?                 'C5 H11 N O2 S'  149.211 
PHE 'L-peptide linking' y PHENYLALANINE     ?                 'C9 H11 N O2'    165.189 
PRO 'L-peptide linking' y PROLINE           ?                 'C5 H9 N O2'     115.130 
PTR 'L-peptide linking' n O-PHOSPHOTYROSINE PHOSPHONOTYROSINE 'C9 H12 N O6 P'  261.168 
SER 'L-peptide linking' y SERINE            ?                 'C3 H7 N O3'     105.093 
THR 'L-peptide linking' y THREONINE         ?                 'C4 H9 N O3'     119.119 
TRP 'L-peptide linking' y TRYPTOPHAN        ?                 'C11 H12 N2 O2'  204.225 
TYR 'L-peptide linking' y TYROSINE          ?                 'C9 H11 N O3'    181.189 
VAL 'L-peptide linking' y VALINE            ?                 'C5 H11 N O2'    117.146 
# 
loop_
_pdbx_poly_seq_scheme.asym_id 
_pdbx_poly_seq_scheme.entity_id 
_pdbx_poly_seq_scheme.seq_id 
_pdbx_poly_seq_scheme.mon_id 
_pdbx_poly_seq_scheme.ndb_seq_num 
_pdbx_poly_seq_scheme.pdb_seq_num 
_pdbx_poly_seq_scheme.auth_seq_num 
_pdbx_poly_seq_scheme.pdb_mon_id 
_pdbx_poly_seq_scheme.auth_mon_id 
_pdbx_poly_seq_scheme.pdb_strand_id 
_pdbx_poly_seq_scheme.pdb_ins_code 
_pdbx_poly_seq_scheme.hetero 
A 1 1   LYS 1   161  161  LYS LYS A . n 
A 1 2   GLU 2   162  162  GLU GLU A . n 
A 1 3   VAL 3   163  163  VAL VAL A . n 
A 1 4   TRP 4   164  164  TRP TRP A . n 
A 1 5   GLN 5   165  165  GLN GLN A . n 
A 1 6   VAL 6   166  166  VAL VAL A . n 
A 1 7   ILE 7   167  167  ILE ILE A . n 
A 1 8   LEU 8   168  168  LEU LEU A . n 
A 1 9   LYS 9   169  169  LYS LYS A . n 
A 1 10  PRO 10  170  170  PRO PRO A . n 
A 1 11  LYS 11  171  171  LYS LYS A . n 
A 1 12  GLY 12  172  172  GLY GLY A . n 
A 1 13  LEU 13  173  173  LEU LEU A . n 
A 1 14  GLY 14  174  174  GLY GLY A . n 
A 1 15  GLN 15  175  175  GLN GLN A . n 
A 1 16  THR 16  176  176  THR THR A . n 
A 1 17  LYS 17  177  177  LYS LYS A . n 
A 1 18  ASN 18  178  178  ASN ASN A . n 
A 1 19  LEU 19  179  179  LEU LEU A . n 
A 1 20  ILE 20  180  180  ILE ILE A . n 
A 1 21  GLY 21  181  181  GLY GLY A . n 
A 1 22  ILE 22  182  182  ILE ILE A . n 
A 1 23  TYR 23  183  183  TYR TYR A . n 
A 1 24  ARG 24  184  184  ARG ARG A . n 
A 1 25  LEU 25  185  185  LEU LEU A . n 
A 1 26  CYS 26  186  186  CYS CYS A . n 
A 1 27  LEU 27  187  187  LEU LEU A . n 
A 1 28  THR 28  188  188  THR THR A . n 
A 1 29  SER 29  189  189  SER SER A . n 
A 1 30  LYS 30  190  190  LYS LYS A . n 
A 1 31  THR 31  191  191  THR THR A . n 
A 1 32  ILE 32  192  192  ILE ILE A . n 
A 1 33  SER 33  193  193  SER SER A . n 
A 1 34  PHE 34  194  194  PHE PHE A . n 
A 1 35  VAL 35  195  195  VAL VAL A . n 
A 1 36  LYS 36  196  196  LYS LYS A . n 
A 1 37  LEU 37  197  197  LEU LEU A . n 
A 1 38  ASN 38  198  198  ASN ASN A . n 
A 1 39  SER 39  199  199  SER SER A . n 
A 1 40  GLU 40  200  200  GLU GLU A . n 
A 1 41  ALA 41  201  201  ALA ALA A . n 
A 1 42  ALA 42  202  202  ALA ALA A . n 
A 1 43  ALA 43  203  203  ALA ALA A . n 
A 1 44  VAL 44  204  204  VAL VAL A . n 
A 1 45  VAL 45  205  205  VAL VAL A . n 
A 1 46  LEU 46  206  206  LEU LEU A . n 
A 1 47  GLN 47  207  207  GLN GLN A . n 
A 1 48  LEU 48  208  208  LEU LEU A . n 
A 1 49  MET 49  209  209  MET MET A . n 
A 1 50  ASN 50  210  210  ASN ASN A . n 
A 1 51  ILE 51  211  211  ILE ILE A . n 
A 1 52  ARG 52  212  212  ARG ARG A . n 
A 1 53  ARG 53  213  213  ARG ARG A . n 
A 1 54  CYS 54  214  214  CYS CYS A . n 
A 1 55  GLY 55  215  215  GLY GLY A . n 
A 1 56  HIS 56  216  216  HIS HIS A . n 
A 1 57  SER 57  217  217  SER SER A . n 
A 1 58  GLU 58  218  218  GLU GLU A . n 
A 1 59  ASN 59  219  219  ASN ASN A . n 
A 1 60  PHE 60  220  220  PHE PHE A . n 
A 1 61  PHE 61  221  221  PHE PHE A . n 
A 1 62  PHE 62  222  222  PHE PHE A . n 
A 1 63  ILE 63  223  223  ILE ILE A . n 
A 1 64  GLU 64  224  224  GLU GLU A . n 
A 1 65  VAL 65  225  225  VAL VAL A . n 
A 1 66  GLY 66  226  226  GLY GLY A . n 
A 1 67  ARG 67  227  227  ARG ARG A . n 
A 1 68  SER 68  228  228  SER SER A . n 
A 1 69  ALA 69  229  229  ALA ALA A . n 
A 1 70  VAL 70  230  230  VAL VAL A . n 
A 1 71  THR 71  231  231  THR THR A . n 
A 1 72  GLY 72  232  232  GLY GLY A . n 
A 1 73  PRO 73  233  233  PRO PRO A . n 
A 1 74  GLY 74  234  234  GLY GLY A . n 
A 1 75  GLU 75  235  235  GLU GLU A . n 
A 1 76  PHE 76  236  236  PHE PHE A . n 
A 1 77  TRP 77  237  237  TRP TRP A . n 
A 1 78  MET 78  238  238  MET MET A . n 
A 1 79  GLN 79  239  239  GLN GLN A . n 
A 1 80  VAL 80  240  240  VAL VAL A . n 
A 1 81  ASP 81  241  241  ASP ASP A . n 
A 1 82  ASP 82  242  242  ASP ASP A . n 
A 1 83  SER 83  243  243  SER SER A . n 
A 1 84  VAL 84  244  244  VAL VAL A . n 
A 1 85  VAL 85  245  245  VAL VAL A . n 
A 1 86  ALA 86  246  246  ALA ALA A . n 
A 1 87  GLN 87  247  247  GLN GLN A . n 
A 1 88  ASN 88  248  248  ASN ASN A . n 
A 1 89  MET 89  249  249  MET MET A . n 
A 1 90  HIS 90  250  250  HIS HIS A . n 
A 1 91  GLU 91  251  251  GLU GLU A . n 
A 1 92  THR 92  252  252  THR THR A . n 
A 1 93  ILE 93  253  253  ILE ILE A . n 
A 1 94  LEU 94  254  254  LEU LEU A . n 
A 1 95  GLU 95  255  255  GLU GLU A . n 
A 1 96  ALA 96  256  256  ALA ALA A . n 
A 1 97  MET 97  257  257  MET MET A . n 
A 1 98  ARG 98  258  258  ARG ARG A . n 
A 1 99  ALA 99  259  259  ALA ALA A . n 
A 1 100 MET 100 260  260  MET MET A . n 
A 1 101 SER 101 261  261  SER SER A . n 
A 1 102 ASP 102 262  262  ASP ASP A . n 
A 1 103 ALA 103 263  263  ALA ALA A . n 
A 1 104 PHE 104 264  264  PHE PHE A . n 
A 1 105 ARG 105 265  265  ARG ARG A . n 
B 2 1   ACE 1   1000 1000 ACE ACE B . n 
B 2 2   LEU 2   1001 1001 LEU LEU B . n 
B 2 3   TYR 3   1002 1002 TYR TYR B . n 
B 2 4   ALA 4   1003 1003 ALA ALA B . n 
B 2 5   SER 5   1004 1004 SER SER B . n 
B 2 6   SER 6   1005 1005 SER SER B . n 
B 2 7   ASN 7   1006 1006 ASN ASN B . n 
B 2 8   PRO 8   1007 1007 PRO PRO B . n 
B 2 9   ALA 9   1008 1008 ALA ALA B . n 
B 2 10  PTR 10  1009 1009 PTR PTY B . n 
# 
loop_
_pdbx_nonpoly_scheme.asym_id 
_pdbx_nonpoly_scheme.entity_id 
_pdbx_nonpoly_scheme.mon_id 
_pdbx_nonpoly_scheme.ndb_seq_num 
_pdbx_nonpoly_scheme.pdb_seq_num 
_pdbx_nonpoly_scheme.auth_seq_num 
_pdbx_nonpoly_scheme.pdb_mon_id 
_pdbx_nonpoly_scheme.auth_mon_id 
_pdbx_nonpoly_scheme.pdb_strand_id 
_pdbx_nonpoly_scheme.pdb_ins_code 
C 3 HOH 1   301  2076 HOH HOH A . 
C 3 HOH 2   302  2095 HOH HOH A . 
C 3 HOH 3   303  2034 HOH HOH A . 
C 3 HOH 4   304  2103 HOH HOH A . 
C 3 HOH 5   305  2057 HOH HOH A . 
C 3 HOH 6   306  2038 HOH HOH A . 
C 3 HOH 7   307  2041 HOH HOH A . 
C 3 HOH 8   308  2085 HOH HOH A . 
C 3 HOH 9   309  2047 HOH HOH A . 
C 3 HOH 10  310  2108 HOH HOH A . 
C 3 HOH 11  311  2090 HOH HOH A . 
C 3 HOH 12  312  2033 HOH HOH A . 
C 3 HOH 13  313  2096 HOH HOH A . 
C 3 HOH 14  314  2014 HOH HOH A . 
C 3 HOH 15  315  2037 HOH HOH A . 
C 3 HOH 16  316  2118 HOH HOH A . 
C 3 HOH 17  317  2110 HOH HOH A . 
C 3 HOH 18  318  2077 HOH HOH A . 
C 3 HOH 19  319  2003 HOH HOH A . 
C 3 HOH 20  320  2091 HOH HOH A . 
C 3 HOH 21  321  2102 HOH HOH A . 
C 3 HOH 22  322  2075 HOH HOH A . 
C 3 HOH 23  323  2068 HOH HOH A . 
C 3 HOH 24  324  2089 HOH HOH A . 
C 3 HOH 25  325  2078 HOH HOH A . 
C 3 HOH 26  326  2032 HOH HOH A . 
C 3 HOH 27  327  2035 HOH HOH A . 
C 3 HOH 28  328  2010 HOH HOH A . 
C 3 HOH 29  329  2088 HOH HOH A . 
C 3 HOH 30  330  2086 HOH HOH A . 
C 3 HOH 31  331  2002 HOH HOH A . 
C 3 HOH 32  332  2029 HOH HOH A . 
C 3 HOH 33  333  2070 HOH HOH A . 
C 3 HOH 34  334  2058 HOH HOH A . 
C 3 HOH 35  335  2083 HOH HOH A . 
C 3 HOH 36  336  2027 HOH HOH A . 
C 3 HOH 37  337  2115 HOH HOH A . 
C 3 HOH 38  338  2099 HOH HOH A . 
C 3 HOH 39  339  2028 HOH HOH A . 
C 3 HOH 40  340  2092 HOH HOH A . 
C 3 HOH 41  341  2060 HOH HOH A . 
C 3 HOH 42  342  2022 HOH HOH A . 
C 3 HOH 43  343  2051 HOH HOH A . 
C 3 HOH 44  344  2082 HOH HOH A . 
C 3 HOH 45  345  2053 HOH HOH A . 
C 3 HOH 46  346  2119 HOH HOH A . 
C 3 HOH 47  347  2116 HOH HOH A . 
C 3 HOH 48  348  2046 HOH HOH A . 
C 3 HOH 49  349  2104 HOH HOH A . 
C 3 HOH 50  350  2031 HOH HOH A . 
C 3 HOH 51  351  2005 HOH HOH A . 
C 3 HOH 52  352  2101 HOH HOH A . 
C 3 HOH 53  353  2056 HOH HOH A . 
C 3 HOH 54  354  2021 HOH HOH A . 
C 3 HOH 55  355  2044 HOH HOH A . 
C 3 HOH 56  356  2120 HOH HOH A . 
C 3 HOH 57  357  2100 HOH HOH A . 
C 3 HOH 58  358  2071 HOH HOH A . 
C 3 HOH 59  359  2045 HOH HOH A . 
C 3 HOH 60  360  2084 HOH HOH A . 
C 3 HOH 61  361  2004 HOH HOH A . 
C 3 HOH 62  362  2079 HOH HOH A . 
C 3 HOH 63  363  2111 HOH HOH A . 
C 3 HOH 64  364  2015 HOH HOH A . 
C 3 HOH 65  365  2052 HOH HOH A . 
C 3 HOH 66  366  2074 HOH HOH A . 
C 3 HOH 67  367  2098 HOH HOH A . 
C 3 HOH 68  368  2066 HOH HOH A . 
C 3 HOH 69  369  2106 HOH HOH A . 
C 3 HOH 70  370  2094 HOH HOH A . 
C 3 HOH 71  371  2006 HOH HOH A . 
C 3 HOH 72  372  2097 HOH HOH A . 
C 3 HOH 73  373  2114 HOH HOH A . 
C 3 HOH 74  374  2067 HOH HOH A . 
C 3 HOH 75  375  2112 HOH HOH A . 
C 3 HOH 76  376  2062 HOH HOH A . 
C 3 HOH 77  377  2039 HOH HOH A . 
C 3 HOH 78  378  2050 HOH HOH A . 
C 3 HOH 79  379  2105 HOH HOH A . 
C 3 HOH 80  380  2049 HOH HOH A . 
C 3 HOH 81  381  2069 HOH HOH A . 
C 3 HOH 82  382  2013 HOH HOH A . 
C 3 HOH 83  383  2081 HOH HOH A . 
C 3 HOH 84  384  2012 HOH HOH A . 
C 3 HOH 85  385  2063 HOH HOH A . 
C 3 HOH 86  386  2109 HOH HOH A . 
C 3 HOH 87  387  2087 HOH HOH A . 
C 3 HOH 88  388  2080 HOH HOH A . 
C 3 HOH 89  389  2072 HOH HOH A . 
C 3 HOH 90  390  2043 HOH HOH A . 
C 3 HOH 91  391  2117 HOH HOH A . 
C 3 HOH 92  392  2036 HOH HOH A . 
C 3 HOH 93  393  2030 HOH HOH A . 
C 3 HOH 94  394  2059 HOH HOH A . 
C 3 HOH 95  395  2093 HOH HOH A . 
C 3 HOH 96  396  2040 HOH HOH A . 
C 3 HOH 97  397  2107 HOH HOH A . 
C 3 HOH 98  398  2024 HOH HOH A . 
C 3 HOH 99  399  2048 HOH HOH A . 
C 3 HOH 100 400  2073 HOH HOH A . 
C 3 HOH 101 401  2113 HOH HOH A . 
C 3 HOH 102 402  2065 HOH HOH A . 
C 3 HOH 103 403  2042 HOH HOH A . 
C 3 HOH 104 404  2001 HOH HOH A . 
C 3 HOH 105 405  2064 HOH HOH A . 
D 3 HOH 1   1101 2020 HOH HOH B . 
D 3 HOH 2   1102 2009 HOH HOH B . 
D 3 HOH 3   1103 2054 HOH HOH B . 
D 3 HOH 4   1104 2019 HOH HOH B . 
D 3 HOH 5   1105 2018 HOH HOH B . 
D 3 HOH 6   1106 2025 HOH HOH B . 
D 3 HOH 7   1107 2007 HOH HOH B . 
D 3 HOH 8   1108 2026 HOH HOH B . 
D 3 HOH 9   1109 2008 HOH HOH B . 
D 3 HOH 10  1110 2061 HOH HOH B . 
D 3 HOH 11  1111 2017 HOH HOH B . 
D 3 HOH 12  1112 2016 HOH HOH B . 
D 3 HOH 13  1113 2055 HOH HOH B . 
D 3 HOH 14  1114 2023 HOH HOH B . 
D 3 HOH 15  1115 2011 HOH HOH B . 
# 
loop_
_software.citation_id 
_software.classification 
_software.compiler_name 
_software.compiler_version 
_software.contact_author 
_software.contact_author_email 
_software.date 
_software.description 
_software.dependencies 
_software.hardware 
_software.language 
_software.location 
_software.mods 
_software.name 
_software.os 
_software.os_version 
_software.type 
_software.version 
_software.pdbx_ordinal 
? refinement        ? ? ? ? ? ? ? ? ? ? ? REFMAC      ? ? ? .    1 
? 'data extraction' ? ? ? ? ? ? ? ? ? ? ? PDB_EXTRACT ? ? ? 3.20 2 
? 'data reduction'  ? ? ? ? ? ? ? ? ? ? ? XDS         ? ? ? .    3 
? 'data scaling'    ? ? ? ? ? ? ? ? ? ? ? XSCALE      ? ? ? .    4 
? phasing           ? ? ? ? ? ? ? ? ? ? ? MLPHARE     ? ? ? .    5 
# 
_cell.angle_alpha                  90.000 
_cell.angle_alpha_esd              ? 
_cell.angle_beta                   90.000 
_cell.angle_beta_esd               ? 
_cell.angle_gamma                  90.000 
_cell.angle_gamma_esd              ? 
_cell.entry_id                     5U1M 
_cell.details                      ? 
_cell.formula_units_Z              ? 
_cell.length_a                     68.370 
_cell.length_a_esd                 ? 
_cell.length_b                     68.370 
_cell.length_b_esd                 ? 
_cell.length_c                     57.520 
_cell.length_c_esd                 ? 
_cell.volume                       ? 
_cell.volume_esd                   ? 
_cell.Z_PDB                        8 
_cell.reciprocal_angle_alpha       ? 
_cell.reciprocal_angle_beta        ? 
_cell.reciprocal_angle_gamma       ? 
_cell.reciprocal_angle_alpha_esd   ? 
_cell.reciprocal_angle_beta_esd    ? 
_cell.reciprocal_angle_gamma_esd   ? 
_cell.reciprocal_length_a          ? 
_cell.reciprocal_length_b          ? 
_cell.reciprocal_length_c          ? 
_cell.reciprocal_length_a_esd      ? 
_cell.reciprocal_length_b_esd      ? 
_cell.reciprocal_length_c_esd      ? 
_cell.pdbx_unique_axis             ? 
# 
_symmetry.entry_id                         5U1M 
_symmetry.cell_setting                     ? 
_symmetry.Int_Tables_number                89 
_symmetry.space_group_name_Hall            ? 
_symmetry.space_group_name_H-M             'P 4 2 2' 
_symmetry.pdbx_full_space_group_name_H-M   ? 
# 
_exptl.absorpt_coefficient_mu     ? 
_exptl.absorpt_correction_T_max   ? 
_exptl.absorpt_correction_T_min   ? 
_exptl.absorpt_correction_type    ? 
_exptl.absorpt_process_details    ? 
_exptl.entry_id                   5U1M 
_exptl.crystals_number            1 
_exptl.details                    ? 
_exptl.method                     'X-RAY DIFFRACTION' 
_exptl.method_details             ? 
# 
_exptl_crystal.colour                      ? 
_exptl_crystal.density_diffrn              ? 
_exptl_crystal.density_Matthews            2.60 
_exptl_crystal.density_method              ? 
_exptl_crystal.density_percent_sol         52.70 
_exptl_crystal.description                 ? 
_exptl_crystal.F_000                       ? 
_exptl_crystal.id                          1 
_exptl_crystal.preparation                 ? 
_exptl_crystal.size_max                    ? 
_exptl_crystal.size_mid                    ? 
_exptl_crystal.size_min                    ? 
_exptl_crystal.size_rad                    ? 
_exptl_crystal.colour_lustre               ? 
_exptl_crystal.colour_modifier             ? 
_exptl_crystal.colour_primary              ? 
_exptl_crystal.density_meas                ? 
_exptl_crystal.density_meas_esd            ? 
_exptl_crystal.density_meas_gt             ? 
_exptl_crystal.density_meas_lt             ? 
_exptl_crystal.density_meas_temp           ? 
_exptl_crystal.density_meas_temp_esd       ? 
_exptl_crystal.density_meas_temp_gt        ? 
_exptl_crystal.density_meas_temp_lt        ? 
_exptl_crystal.pdbx_crystal_image_url      ? 
_exptl_crystal.pdbx_crystal_image_format   ? 
_exptl_crystal.pdbx_mosaicity              ? 
_exptl_crystal.pdbx_mosaicity_esd          ? 
# 
_exptl_crystal_grow.apparatus       ? 
_exptl_crystal_grow.atmosphere      ? 
_exptl_crystal_grow.crystal_id      1 
_exptl_crystal_grow.details         ? 
_exptl_crystal_grow.method          'VAPOR DIFFUSION, HANGING DROP' 
_exptl_crystal_grow.method_ref      ? 
_exptl_crystal_grow.pH              ? 
_exptl_crystal_grow.pressure        ? 
_exptl_crystal_grow.pressure_esd    ? 
_exptl_crystal_grow.seeding         ? 
_exptl_crystal_grow.seeding_ref     ? 
_exptl_crystal_grow.temp            293 
_exptl_crystal_grow.temp_details    ? 
_exptl_crystal_grow.temp_esd        ? 
_exptl_crystal_grow.time            ? 
_exptl_crystal_grow.pdbx_details    'ammonium sulfate' 
_exptl_crystal_grow.pdbx_pH_range   ? 
# 
_diffrn.ambient_environment    ? 
_diffrn.ambient_temp           293 
_diffrn.ambient_temp_details   ? 
_diffrn.ambient_temp_esd       ? 
_diffrn.crystal_id             1 
_diffrn.crystal_support        ? 
_diffrn.crystal_treatment      ? 
_diffrn.details                ? 
_diffrn.id                     1 
_diffrn.ambient_pressure       ? 
_diffrn.ambient_pressure_esd   ? 
_diffrn.ambient_pressure_gt    ? 
_diffrn.ambient_pressure_lt    ? 
_diffrn.ambient_temp_gt        ? 
_diffrn.ambient_temp_lt        ? 
# 
_diffrn_detector.details                      ? 
_diffrn_detector.detector                     'IMAGE PLATE' 
_diffrn_detector.diffrn_id                    1 
_diffrn_detector.type                         MARRESEARCH 
_diffrn_detector.area_resol_mean              ? 
_diffrn_detector.dtime                        ? 
_diffrn_detector.pdbx_frames_total            ? 
_diffrn_detector.pdbx_collection_time_total   ? 
_diffrn_detector.pdbx_collection_date         1996-01-01 
# 
_diffrn_radiation.collimation                      ? 
_diffrn_radiation.diffrn_id                        1 
_diffrn_radiation.filter_edge                      ? 
_diffrn_radiation.inhomogeneity                    ? 
_diffrn_radiation.monochromator                    ? 
_diffrn_radiation.polarisn_norm                    ? 
_diffrn_radiation.polarisn_ratio                   ? 
_diffrn_radiation.probe                            ? 
_diffrn_radiation.type                             ? 
_diffrn_radiation.xray_symbol                      ? 
_diffrn_radiation.wavelength_id                    1 
_diffrn_radiation.pdbx_monochromatic_or_laue_m_l   M 
_diffrn_radiation.pdbx_wavelength_list             ? 
_diffrn_radiation.pdbx_wavelength                  ? 
_diffrn_radiation.pdbx_diffrn_protocol             'SINGLE WAVELENGTH' 
_diffrn_radiation.pdbx_analyzer                    ? 
_diffrn_radiation.pdbx_scattering_type             x-ray 
# 
_diffrn_radiation_wavelength.id           1 
_diffrn_radiation_wavelength.wavelength   1.0 
_diffrn_radiation_wavelength.wt           1.0 
# 
_diffrn_source.current                     ? 
_diffrn_source.details                     ? 
_diffrn_source.diffrn_id                   1 
_diffrn_source.power                       ? 
_diffrn_source.size                        ? 
_diffrn_source.source                      'ROTATING ANODE' 
_diffrn_source.target                      ? 
_diffrn_source.type                        'ELLIOTT GX-13' 
_diffrn_source.voltage                     ? 
_diffrn_source.take-off_angle              ? 
_diffrn_source.pdbx_wavelength_list        1.0 
_diffrn_source.pdbx_wavelength             ? 
_diffrn_source.pdbx_synchrotron_beamline   ? 
_diffrn_source.pdbx_synchrotron_site       ? 
# 
_reflns.B_iso_Wilson_estimate            ? 
_reflns.entry_id                         5U1M 
_reflns.data_reduction_details           ? 
_reflns.data_reduction_method            ? 
_reflns.d_resolution_high                1.8 
_reflns.d_resolution_low                 20.0 
_reflns.details                          ? 
_reflns.limit_h_max                      ? 
_reflns.limit_h_min                      ? 
_reflns.limit_k_max                      ? 
_reflns.limit_k_min                      ? 
_reflns.limit_l_max                      ? 
_reflns.limit_l_min                      ? 
_reflns.number_all                       ? 
_reflns.number_obs                       12453 
_reflns.observed_criterion               ? 
_reflns.observed_criterion_F_max         ? 
_reflns.observed_criterion_F_min         ? 
_reflns.observed_criterion_I_max         ? 
_reflns.observed_criterion_I_min         ? 
_reflns.observed_criterion_sigma_F       ? 
_reflns.observed_criterion_sigma_I       ? 
_reflns.percent_possible_obs             94.9 
_reflns.R_free_details                   ? 
_reflns.Rmerge_F_all                     ? 
_reflns.Rmerge_F_obs                     ? 
_reflns.Friedel_coverage                 ? 
_reflns.number_gt                        ? 
_reflns.threshold_expression             ? 
_reflns.pdbx_redundancy                  6 
_reflns.pdbx_Rmerge_I_obs                ? 
_reflns.pdbx_Rmerge_I_all                ? 
_reflns.pdbx_Rsym_value                  ? 
_reflns.pdbx_netI_over_av_sigmaI         ? 
_reflns.pdbx_netI_over_sigmaI            15 
_reflns.pdbx_res_netI_over_av_sigmaI_2   ? 
_reflns.pdbx_res_netI_over_sigmaI_2      ? 
_reflns.pdbx_chi_squared                 ? 
_reflns.pdbx_scaling_rejects             ? 
_reflns.pdbx_d_res_high_opt              ? 
_reflns.pdbx_d_res_low_opt               ? 
_reflns.pdbx_d_res_opt_method            ? 
_reflns.phase_calculation_details        ? 
_reflns.pdbx_Rrim_I_all                  ? 
_reflns.pdbx_Rpim_I_all                  ? 
_reflns.pdbx_d_opt                       ? 
_reflns.pdbx_number_measured_all         ? 
_reflns.pdbx_diffrn_id                   1 
_reflns.pdbx_ordinal                     1 
_reflns.pdbx_CC_half                     ? 
_reflns.pdbx_R_split                     ? 
# 
_reflns_shell.d_res_high                  1.8 
_reflns_shell.d_res_low                   ? 
_reflns_shell.meanI_over_sigI_all         ? 
_reflns_shell.meanI_over_sigI_obs         ? 
_reflns_shell.number_measured_all         ? 
_reflns_shell.number_measured_obs         ? 
_reflns_shell.number_possible             ? 
_reflns_shell.number_unique_all           ? 
_reflns_shell.number_unique_obs           ? 
_reflns_shell.percent_possible_all        ? 
_reflns_shell.percent_possible_obs        ? 
_reflns_shell.Rmerge_F_all                ? 
_reflns_shell.Rmerge_F_obs                ? 
_reflns_shell.Rmerge_I_all                ? 
_reflns_shell.Rmerge_I_obs                ? 
_reflns_shell.meanI_over_sigI_gt          ? 
_reflns_shell.meanI_over_uI_all           ? 
_reflns_shell.meanI_over_uI_gt            ? 
_reflns_shell.number_measured_gt          ? 
_reflns_shell.number_unique_gt            ? 
_reflns_shell.percent_possible_gt         ? 
_reflns_shell.Rmerge_F_gt                 ? 
_reflns_shell.Rmerge_I_gt                 ? 
_reflns_shell.pdbx_redundancy             ? 
_reflns_shell.pdbx_Rsym_value             ? 
_reflns_shell.pdbx_chi_squared            ? 
_reflns_shell.pdbx_netI_over_sigmaI_all   ? 
_reflns_shell.pdbx_netI_over_sigmaI_obs   ? 
_reflns_shell.pdbx_Rrim_I_all             ? 
_reflns_shell.pdbx_Rpim_I_all             ? 
_reflns_shell.pdbx_rejects                ? 
_reflns_shell.pdbx_ordinal                1 
_reflns_shell.pdbx_diffrn_id              1 
_reflns_shell.pdbx_CC_half                ? 
_reflns_shell.pdbx_R_split                ? 
# 
_refine.aniso_B[1][1]                            ? 
_refine.aniso_B[1][2]                            ? 
_refine.aniso_B[1][3]                            ? 
_refine.aniso_B[2][2]                            ? 
_refine.aniso_B[2][3]                            ? 
_refine.aniso_B[3][3]                            ? 
_refine.B_iso_max                                51.580 
_refine.B_iso_mean                               12.4704 
_refine.B_iso_min                                0.000 
_refine.correlation_coeff_Fo_to_Fc               ? 
_refine.correlation_coeff_Fo_to_Fc_free          ? 
_refine.details                                  ? 
_refine.diff_density_max                         ? 
_refine.diff_density_max_esd                     ? 
_refine.diff_density_min                         ? 
_refine.diff_density_min_esd                     ? 
_refine.diff_density_rms                         ? 
_refine.diff_density_rms_esd                     ? 
_refine.entry_id                                 5U1M 
_refine.pdbx_refine_id                           'X-RAY DIFFRACTION' 
_refine.ls_abs_structure_details                 ? 
_refine.ls_abs_structure_Flack                   ? 
_refine.ls_abs_structure_Flack_esd               ? 
_refine.ls_abs_structure_Rogers                  ? 
_refine.ls_abs_structure_Rogers_esd              ? 
_refine.ls_d_res_high                            1.8 
_refine.ls_d_res_low                             20.0 
_refine.ls_extinction_coef                       ? 
_refine.ls_extinction_coef_esd                   ? 
_refine.ls_extinction_expression                 ? 
_refine.ls_extinction_method                     ? 
_refine.ls_goodness_of_fit_all                   ? 
_refine.ls_goodness_of_fit_all_esd               ? 
_refine.ls_goodness_of_fit_obs                   ? 
_refine.ls_goodness_of_fit_obs_esd               ? 
_refine.ls_hydrogen_treatment                    ? 
_refine.ls_matrix_type                           ? 
_refine.ls_number_constraints                    ? 
_refine.ls_number_parameters                     ? 
_refine.ls_number_reflns_all                     ? 
_refine.ls_number_reflns_obs                     12453 
_refine.ls_number_reflns_R_free                  ? 
_refine.ls_number_reflns_R_work                  ? 
_refine.ls_number_restraints                     ? 
_refine.ls_percent_reflns_obs                    94.9 
_refine.ls_percent_reflns_R_free                 ? 
_refine.ls_R_factor_all                          ? 
_refine.ls_R_factor_obs                          ? 
_refine.ls_R_factor_R_free                       ? 
_refine.ls_R_factor_R_free_error                 ? 
_refine.ls_R_factor_R_free_error_details         ? 
_refine.ls_R_factor_R_work                       ? 
_refine.ls_R_Fsqd_factor_obs                     ? 
_refine.ls_R_I_factor_obs                        ? 
_refine.ls_redundancy_reflns_all                 ? 
_refine.ls_redundancy_reflns_obs                 ? 
_refine.ls_restrained_S_all                      ? 
_refine.ls_restrained_S_obs                      ? 
_refine.ls_shift_over_esd_max                    ? 
_refine.ls_shift_over_esd_mean                   ? 
_refine.ls_structure_factor_coef                 ? 
_refine.ls_weighting_details                     ? 
_refine.ls_weighting_scheme                      ? 
_refine.ls_wR_factor_all                         ? 
_refine.ls_wR_factor_obs                         ? 
_refine.ls_wR_factor_R_free                      ? 
_refine.ls_wR_factor_R_work                      ? 
_refine.occupancy_max                            ? 
_refine.occupancy_min                            ? 
_refine.solvent_model_details                    ? 
_refine.solvent_model_param_bsol                 ? 
_refine.solvent_model_param_ksol                 ? 
_refine.ls_R_factor_gt                           ? 
_refine.ls_goodness_of_fit_gt                    ? 
_refine.ls_goodness_of_fit_ref                   ? 
_refine.ls_shift_over_su_max                     ? 
_refine.ls_shift_over_su_max_lt                  ? 
_refine.ls_shift_over_su_mean                    ? 
_refine.ls_shift_over_su_mean_lt                 ? 
_refine.pdbx_ls_sigma_I                          ? 
_refine.pdbx_ls_sigma_F                          ? 
_refine.pdbx_ls_sigma_Fsqd                       ? 
_refine.pdbx_data_cutoff_high_absF               ? 
_refine.pdbx_data_cutoff_high_rms_absF           ? 
_refine.pdbx_data_cutoff_low_absF                ? 
_refine.pdbx_isotropic_thermal_model             ? 
_refine.pdbx_ls_cross_valid_method               'FREE R-VALUE' 
_refine.pdbx_method_to_determine_struct          ? 
_refine.pdbx_starting_model                      ? 
_refine.pdbx_stereochemistry_target_values       ? 
_refine.pdbx_R_Free_selection_details            ? 
_refine.pdbx_stereochem_target_val_spec_case     ? 
_refine.pdbx_overall_ESU_R                       ? 
_refine.pdbx_overall_ESU_R_Free                  ? 
_refine.pdbx_solvent_vdw_probe_radii             ? 
_refine.pdbx_solvent_ion_probe_radii             ? 
_refine.pdbx_solvent_shrinkage_radii             ? 
_refine.pdbx_real_space_R                        ? 
_refine.pdbx_density_correlation                 ? 
_refine.pdbx_pd_number_of_powder_patterns        ? 
_refine.pdbx_pd_number_of_points                 ? 
_refine.pdbx_pd_meas_number_of_points            ? 
_refine.pdbx_pd_proc_ls_prof_R_factor            ? 
_refine.pdbx_pd_proc_ls_prof_wR_factor           ? 
_refine.pdbx_pd_Marquardt_correlation_coeff      ? 
_refine.pdbx_pd_Fsqrd_R_factor                   ? 
_refine.pdbx_pd_ls_matrix_band_width             ? 
_refine.pdbx_overall_phase_error                 ? 
_refine.pdbx_overall_SU_R_free_Cruickshank_DPI   ? 
_refine.pdbx_overall_SU_R_free_Blow_DPI          ? 
_refine.pdbx_overall_SU_R_Blow_DPI               ? 
_refine.pdbx_TLS_residual_ADP_flag               ? 
_refine.pdbx_diffrn_id                           1 
_refine.overall_SU_B                             ? 
_refine.overall_SU_ML                            ? 
_refine.overall_SU_R_Cruickshank_DPI             ? 
_refine.overall_SU_R_free                        ? 
_refine.overall_FOM_free_R_set                   ? 
_refine.overall_FOM_work_R_set                   ? 
_refine.pdbx_average_fsc_overall                 ? 
_refine.pdbx_average_fsc_work                    ? 
_refine.pdbx_average_fsc_free                    ? 
# 
_refine_hist.pdbx_refine_id                   'X-RAY DIFFRACTION' 
_refine_hist.cycle_id                         LAST 
_refine_hist.pdbx_number_atoms_protein        905 
_refine_hist.pdbx_number_atoms_nucleic_acid   0 
_refine_hist.pdbx_number_atoms_ligand         0 
_refine_hist.number_atoms_solvent             120 
_refine_hist.number_atoms_total               1025 
_refine_hist.d_res_high                       1.8 
_refine_hist.d_res_low                        20.0 
# 
_struct.entry_id                     5U1M 
_struct.title                        'Structure of the IRS-1 PTB Domain Bound to the Juxtamembrane Region of the Insulin Receptor' 
_struct.pdbx_model_details           ? 
_struct.pdbx_formula_weight          ? 
_struct.pdbx_formula_weight_method   ? 
_struct.pdbx_model_type_details      ? 
_struct.pdbx_CASP_flag               N 
# 
_struct_keywords.entry_id        5U1M 
_struct_keywords.text            'PTB domain, Insulin Receptor Substrate-1, Phosphopeptide, Insulin Receptor, PROTEIN BINDING' 
_struct_keywords.pdbx_keywords   'PROTEIN BINDING' 
# 
loop_
_struct_asym.id 
_struct_asym.pdbx_blank_PDB_chainid_flag 
_struct_asym.pdbx_modified 
_struct_asym.entity_id 
_struct_asym.details 
A N N 1 ? 
B N N 2 ? 
C N N 3 ? 
D N N 3 ? 
# 
loop_
_struct_ref.id 
_struct_ref.db_name 
_struct_ref.db_code 
_struct_ref.pdbx_db_accession 
_struct_ref.pdbx_db_isoform 
_struct_ref.entity_id 
_struct_ref.pdbx_seq_one_letter_code 
_struct_ref.pdbx_align_begin 
1 UNP IRS1_HUMAN P35568 ? 1 
;KEVWQVILKPKGLGQTKNLIGIYRLCLTSKTISFVKLNSEAAAVVLQLMNIRRCGHSENFFFIEVGRSAVTGPGEFWMQV
DDSVVAQNMHETILEAMRAMSDEFR
;
161 
2 UNP INSR_HUMAN P06213 ? 2 LYASSNPEY 991 
# 
loop_
_struct_ref_seq.align_id 
_struct_ref_seq.ref_id 
_struct_ref_seq.pdbx_PDB_id_code 
_struct_ref_seq.pdbx_strand_id 
_struct_ref_seq.seq_align_beg 
_struct_ref_seq.pdbx_seq_align_beg_ins_code 
_struct_ref_seq.seq_align_end 
_struct_ref_seq.pdbx_seq_align_end_ins_code 
_struct_ref_seq.pdbx_db_accession 
_struct_ref_seq.db_align_beg 
_struct_ref_seq.pdbx_db_align_beg_ins_code 
_struct_ref_seq.db_align_end 
_struct_ref_seq.pdbx_db_align_end_ins_code 
_struct_ref_seq.pdbx_auth_seq_align_beg 
_struct_ref_seq.pdbx_auth_seq_align_end 
1 1 5U1M A 1 ? 105 ? P35568 161 ? 265 ? 161  265  
2 2 5U1M B 2 ? 10  ? P06213 991 ? 999 ? 1001 1009 
# 
loop_
_struct_ref_seq_dif.align_id 
_struct_ref_seq_dif.pdbx_pdb_id_code 
_struct_ref_seq_dif.mon_id 
_struct_ref_seq_dif.pdbx_pdb_strand_id 
_struct_ref_seq_dif.seq_num 
_struct_ref_seq_dif.pdbx_pdb_ins_code 
_struct_ref_seq_dif.pdbx_seq_db_name 
_struct_ref_seq_dif.pdbx_seq_db_accession_code 
_struct_ref_seq_dif.db_mon_id 
_struct_ref_seq_dif.pdbx_seq_db_seq_num 
_struct_ref_seq_dif.details 
_struct_ref_seq_dif.pdbx_auth_seq_num 
_struct_ref_seq_dif.pdbx_ordinal 
1 5U1M ALA A 103 ? UNP P35568 GLU 263 conflict    263  1 
2 5U1M ACE B 1   ? UNP P06213 ?   ?   acetylation 1000 2 
2 5U1M ALA B 9   ? UNP P06213 GLU 998 conflict    1008 3 
# 
_pdbx_struct_assembly.id                   1 
_pdbx_struct_assembly.details              author_and_software_defined_assembly 
_pdbx_struct_assembly.method_details       PISA 
_pdbx_struct_assembly.oligomeric_details   dimeric 
_pdbx_struct_assembly.oligomeric_count     2 
# 
loop_
_pdbx_struct_assembly_prop.biol_id 
_pdbx_struct_assembly_prop.type 
_pdbx_struct_assembly_prop.value 
_pdbx_struct_assembly_prop.details 
1 'ABSA (A^2)' 1360 ? 
1 MORE         -11  ? 
1 'SSA (A^2)'  6480 ? 
# 
_pdbx_struct_assembly_gen.assembly_id       1 
_pdbx_struct_assembly_gen.oper_expression   1 
_pdbx_struct_assembly_gen.asym_id_list      A,B,C,D 
# 
_pdbx_struct_oper_list.id                   1 
_pdbx_struct_oper_list.type                 'identity operation' 
_pdbx_struct_oper_list.name                 1_555 
_pdbx_struct_oper_list.symmetry_operation   x,y,z 
_pdbx_struct_oper_list.matrix[1][1]         1.0000000000 
_pdbx_struct_oper_list.matrix[1][2]         0.0000000000 
_pdbx_struct_oper_list.matrix[1][3]         0.0000000000 
_pdbx_struct_oper_list.vector[1]            0.0000000000 
_pdbx_struct_oper_list.matrix[2][1]         0.0000000000 
_pdbx_struct_oper_list.matrix[2][2]         1.0000000000 
_pdbx_struct_oper_list.matrix[2][3]         0.0000000000 
_pdbx_struct_oper_list.vector[2]            0.0000000000 
_pdbx_struct_oper_list.matrix[3][1]         0.0000000000 
_pdbx_struct_oper_list.matrix[3][2]         0.0000000000 
_pdbx_struct_oper_list.matrix[3][3]         1.0000000000 
_pdbx_struct_oper_list.vector[3]            0.0000000000 
# 
loop_
_struct_conf.conf_type_id 
_struct_conf.id 
_struct_conf.pdbx_PDB_helix_id 
_struct_conf.beg_label_comp_id 
_struct_conf.beg_label_asym_id 
_struct_conf.beg_label_seq_id 
_struct_conf.pdbx_beg_PDB_ins_code 
_struct_conf.end_label_comp_id 
_struct_conf.end_label_asym_id 
_struct_conf.end_label_seq_id 
_struct_conf.pdbx_end_PDB_ins_code 
_struct_conf.beg_auth_comp_id 
_struct_conf.beg_auth_asym_id 
_struct_conf.beg_auth_seq_id 
_struct_conf.end_auth_comp_id 
_struct_conf.end_auth_asym_id 
_struct_conf.end_auth_seq_id 
_struct_conf.pdbx_PDB_helix_class 
_struct_conf.details 
_struct_conf.pdbx_PDB_helix_length 
HELX_P HELX_P1 AA1 LEU A 13 ? LYS A 17  ? LEU A 173 LYS A 177 1 ? 5  
HELX_P HELX_P2 AA2 ASP A 82 ? ALA A 103 ? ASP A 242 ALA A 263 1 ? 22 
# 
_struct_conf_type.id          HELX_P 
_struct_conf_type.criteria    ? 
_struct_conf_type.reference   ? 
# 
loop_
_struct_conn.id 
_struct_conn.conn_type_id 
_struct_conn.pdbx_leaving_atom_flag 
_struct_conn.pdbx_PDB_id 
_struct_conn.ptnr1_label_asym_id 
_struct_conn.ptnr1_label_comp_id 
_struct_conn.ptnr1_label_seq_id 
_struct_conn.ptnr1_label_atom_id 
_struct_conn.pdbx_ptnr1_label_alt_id 
_struct_conn.pdbx_ptnr1_PDB_ins_code 
_struct_conn.pdbx_ptnr1_standard_comp_id 
_struct_conn.ptnr1_symmetry 
_struct_conn.ptnr2_label_asym_id 
_struct_conn.ptnr2_label_comp_id 
_struct_conn.ptnr2_label_seq_id 
_struct_conn.ptnr2_label_atom_id 
_struct_conn.pdbx_ptnr2_label_alt_id 
_struct_conn.pdbx_ptnr2_PDB_ins_code 
_struct_conn.ptnr1_auth_asym_id 
_struct_conn.ptnr1_auth_comp_id 
_struct_conn.ptnr1_auth_seq_id 
_struct_conn.ptnr2_auth_asym_id 
_struct_conn.ptnr2_auth_comp_id 
_struct_conn.ptnr2_auth_seq_id 
_struct_conn.ptnr2_symmetry 
_struct_conn.pdbx_ptnr3_label_atom_id 
_struct_conn.pdbx_ptnr3_label_seq_id 
_struct_conn.pdbx_ptnr3_label_comp_id 
_struct_conn.pdbx_ptnr3_label_asym_id 
_struct_conn.pdbx_ptnr3_label_alt_id 
_struct_conn.pdbx_ptnr3_PDB_ins_code 
_struct_conn.details 
_struct_conn.pdbx_dist_value 
_struct_conn.pdbx_value_order 
_struct_conn.pdbx_role 
covale1 covale both ? B ACE 1 C ? ? ? 1_555 B LEU 2  N ? ? B ACE 1000 B LEU 1001 1_555 ? ? ? ? ? ? ? 1.315 ? ? 
covale2 covale both ? B ALA 9 C ? ? ? 1_555 B PTR 10 N ? ? B ALA 1008 B PTR 1009 1_555 ? ? ? ? ? ? ? 1.327 ? ? 
# 
_struct_conn_type.id          covale 
_struct_conn_type.criteria    ? 
_struct_conn_type.reference   ? 
# 
loop_
_pdbx_modification_feature.ordinal 
_pdbx_modification_feature.label_comp_id 
_pdbx_modification_feature.label_asym_id 
_pdbx_modification_feature.label_seq_id 
_pdbx_modification_feature.label_alt_id 
_pdbx_modification_feature.modified_residue_label_comp_id 
_pdbx_modification_feature.modified_residue_label_asym_id 
_pdbx_modification_feature.modified_residue_label_seq_id 
_pdbx_modification_feature.modified_residue_label_alt_id 
_pdbx_modification_feature.auth_comp_id 
_pdbx_modification_feature.auth_asym_id 
_pdbx_modification_feature.auth_seq_id 
_pdbx_modification_feature.PDB_ins_code 
_pdbx_modification_feature.symmetry 
_pdbx_modification_feature.modified_residue_auth_comp_id 
_pdbx_modification_feature.modified_residue_auth_asym_id 
_pdbx_modification_feature.modified_residue_auth_seq_id 
_pdbx_modification_feature.modified_residue_PDB_ins_code 
_pdbx_modification_feature.modified_residue_symmetry 
_pdbx_modification_feature.comp_id_linking_atom 
_pdbx_modification_feature.modified_residue_id_linking_atom 
_pdbx_modification_feature.modified_residue_id 
_pdbx_modification_feature.ref_pcm_id 
_pdbx_modification_feature.ref_comp_id 
_pdbx_modification_feature.type 
_pdbx_modification_feature.category 
1 PTR B 10 ? .   . . . PTR B 1009 ? 1_555 .   . .    . .     . . TYR 1  PTR Phosphorylation 'Named protein modification' 
2 ACE B 1  ? LEU B 2 ? ACE B 1000 ? 1_555 LEU B 1001 ? 1_555 . . LEU 14 ACE None            'Terminal acetylation'       
# 
_struct_sheet.id               AA1 
_struct_sheet.type             ? 
_struct_sheet.number_strands   8 
_struct_sheet.details          ? 
# 
loop_
_struct_sheet_order.sheet_id 
_struct_sheet_order.range_id_1 
_struct_sheet_order.range_id_2 
_struct_sheet_order.offset 
_struct_sheet_order.sense 
AA1 1 2 ? anti-parallel 
AA1 2 3 ? anti-parallel 
AA1 3 4 ? anti-parallel 
AA1 4 5 ? anti-parallel 
AA1 5 6 ? anti-parallel 
AA1 6 7 ? anti-parallel 
AA1 7 8 ? anti-parallel 
# 
loop_
_struct_sheet_range.sheet_id 
_struct_sheet_range.id 
_struct_sheet_range.beg_label_comp_id 
_struct_sheet_range.beg_label_asym_id 
_struct_sheet_range.beg_label_seq_id 
_struct_sheet_range.pdbx_beg_PDB_ins_code 
_struct_sheet_range.end_label_comp_id 
_struct_sheet_range.end_label_asym_id 
_struct_sheet_range.end_label_seq_id 
_struct_sheet_range.pdbx_end_PDB_ins_code 
_struct_sheet_range.beg_auth_comp_id 
_struct_sheet_range.beg_auth_asym_id 
_struct_sheet_range.beg_auth_seq_id 
_struct_sheet_range.end_auth_comp_id 
_struct_sheet_range.end_auth_asym_id 
_struct_sheet_range.end_auth_seq_id 
AA1 1 VAL A 44 ? GLN A 47 ? VAL A 204  GLN A 207  
AA1 2 THR A 31 ? LYS A 36 ? THR A 191  LYS A 196  
AA1 3 GLY A 21 ? LEU A 27 ? GLY A 181  LEU A 187  
AA1 4 GLU A 2  ? GLY A 12 ? GLU A 162  GLY A 172  
AA1 5 GLY A 74 ? GLN A 79 ? GLY A 234  GLN A 239  
AA1 6 PHE A 60 ? VAL A 65 ? PHE A 220  VAL A 225  
AA1 7 ILE A 51 ? SER A 57 ? ILE A 211  SER A 217  
AA1 8 TYR B 3  ? SER B 6  ? TYR B 1002 SER B 1005 
# 
loop_
_pdbx_struct_sheet_hbond.sheet_id 
_pdbx_struct_sheet_hbond.range_id_1 
_pdbx_struct_sheet_hbond.range_id_2 
_pdbx_struct_sheet_hbond.range_1_label_atom_id 
_pdbx_struct_sheet_hbond.range_1_label_comp_id 
_pdbx_struct_sheet_hbond.range_1_label_asym_id 
_pdbx_struct_sheet_hbond.range_1_label_seq_id 
_pdbx_struct_sheet_hbond.range_1_PDB_ins_code 
_pdbx_struct_sheet_hbond.range_1_auth_atom_id 
_pdbx_struct_sheet_hbond.range_1_auth_comp_id 
_pdbx_struct_sheet_hbond.range_1_auth_asym_id 
_pdbx_struct_sheet_hbond.range_1_auth_seq_id 
_pdbx_struct_sheet_hbond.range_2_label_atom_id 
_pdbx_struct_sheet_hbond.range_2_label_comp_id 
_pdbx_struct_sheet_hbond.range_2_label_asym_id 
_pdbx_struct_sheet_hbond.range_2_label_seq_id 
_pdbx_struct_sheet_hbond.range_2_PDB_ins_code 
_pdbx_struct_sheet_hbond.range_2_auth_atom_id 
_pdbx_struct_sheet_hbond.range_2_auth_comp_id 
_pdbx_struct_sheet_hbond.range_2_auth_asym_id 
_pdbx_struct_sheet_hbond.range_2_auth_seq_id 
AA1 1 2 O LEU A 46 ? O LEU A 206 N ILE A 32 ? N ILE A 192  
AA1 2 3 O SER A 33 ? O SER A 193 N CYS A 26 ? N CYS A 186  
AA1 3 4 O LEU A 27 ? O LEU A 187 N GLU A 2  ? N GLU A 162  
AA1 4 5 N ILE A 7  ? N ILE A 167 O GLN A 79 ? O GLN A 239  
AA1 5 6 O GLY A 74 ? O GLY A 234 N VAL A 65 ? N VAL A 225  
AA1 6 7 O GLU A 64 ? O GLU A 224 N ARG A 53 ? N ARG A 213  
AA1 7 8 N CYS A 54 ? N CYS A 214 O SER B 5  ? O SER B 1004 
# 
_pdbx_entry_details.entry_id                   5U1M 
_pdbx_entry_details.compound_details           ? 
_pdbx_entry_details.source_details             ? 
_pdbx_entry_details.nonpolymer_details         ? 
_pdbx_entry_details.sequence_details           ? 
_pdbx_entry_details.has_ligand_of_interest     ? 
_pdbx_entry_details.has_protein_modification   Y 
# 
loop_
_pdbx_validate_close_contact.id 
_pdbx_validate_close_contact.PDB_model_num 
_pdbx_validate_close_contact.auth_atom_id_1 
_pdbx_validate_close_contact.auth_asym_id_1 
_pdbx_validate_close_contact.auth_comp_id_1 
_pdbx_validate_close_contact.auth_seq_id_1 
_pdbx_validate_close_contact.PDB_ins_code_1 
_pdbx_validate_close_contact.label_alt_id_1 
_pdbx_validate_close_contact.auth_atom_id_2 
_pdbx_validate_close_contact.auth_asym_id_2 
_pdbx_validate_close_contact.auth_comp_id_2 
_pdbx_validate_close_contact.auth_seq_id_2 
_pdbx_validate_close_contact.PDB_ins_code_2 
_pdbx_validate_close_contact.label_alt_id_2 
_pdbx_validate_close_contact.dist 
1 1 HH21 A ARG 213  ? ? H2 A HOH 314  ? ? 1.16 
2 1 HZ2  A LYS 190  ? ? H1 A HOH 316  ? ? 1.27 
3 1 HG1  A THR 188  ? ? H  A LYS 190  ? ? 1.31 
4 1 HH11 A ARG 258  ? ? H2 A HOH 332  ? ? 1.34 
5 1 C    B ACE 1000 ? ? H  B LEU 1001 ? ? 1.51 
6 1 H1   A HOH 349  ? ? O  A HOH 391  ? ? 1.58 
# 
loop_
_pdbx_validate_torsion.id 
_pdbx_validate_torsion.PDB_model_num 
_pdbx_validate_torsion.auth_comp_id 
_pdbx_validate_torsion.auth_asym_id 
_pdbx_validate_torsion.auth_seq_id 
_pdbx_validate_torsion.PDB_ins_code 
_pdbx_validate_torsion.label_alt_id 
_pdbx_validate_torsion.phi 
_pdbx_validate_torsion.psi 
1 1 THR A 188 ? ? -106.19 -165.02 
2 1 ASN A 198 ? ? 80.00   -1.42   
3 1 GLU A 218 ? ? 54.57   -120.32 
# 
_pdbx_struct_mod_residue.id               1 
_pdbx_struct_mod_residue.label_asym_id    B 
_pdbx_struct_mod_residue.label_comp_id    PTR 
_pdbx_struct_mod_residue.label_seq_id     10 
_pdbx_struct_mod_residue.auth_asym_id     B 
_pdbx_struct_mod_residue.auth_comp_id     PTR 
_pdbx_struct_mod_residue.auth_seq_id      1009 
_pdbx_struct_mod_residue.PDB_ins_code     ? 
_pdbx_struct_mod_residue.parent_comp_id   TYR 
_pdbx_struct_mod_residue.details          'modified residue' 
# 
loop_
_chem_comp_atom.comp_id 
_chem_comp_atom.atom_id 
_chem_comp_atom.type_symbol 
_chem_comp_atom.pdbx_aromatic_flag 
_chem_comp_atom.pdbx_stereo_config 
_chem_comp_atom.pdbx_ordinal 
ACE C    C N N 1   
ACE O    O N N 2   
ACE CH3  C N N 3   
ACE H    H N N 4   
ACE H1   H N N 5   
ACE H2   H N N 6   
ACE H3   H N N 7   
ALA N    N N N 8   
ALA CA   C N S 9   
ALA C    C N N 10  
ALA O    O N N 11  
ALA CB   C N N 12  
ALA OXT  O N N 13  
ALA H    H N N 14  
ALA H2   H N N 15  
ALA HA   H N N 16  
ALA HB1  H N N 17  
ALA HB2  H N N 18  
ALA HB3  H N N 19  
ALA HXT  H N N 20  
ARG N    N N N 21  
ARG CA   C N S 22  
ARG C    C N N 23  
ARG O    O N N 24  
ARG CB   C N N 25  
ARG CG   C N N 26  
ARG CD   C N N 27  
ARG NE   N N N 28  
ARG CZ   C N N 29  
ARG NH1  N N N 30  
ARG NH2  N N N 31  
ARG OXT  O N N 32  
ARG H    H N N 33  
ARG H2   H N N 34  
ARG HA   H N N 35  
ARG HB2  H N N 36  
ARG HB3  H N N 37  
ARG HG2  H N N 38  
ARG HG3  H N N 39  
ARG HD2  H N N 40  
ARG HD3  H N N 41  
ARG HE   H N N 42  
ARG HH11 H N N 43  
ARG HH12 H N N 44  
ARG HH21 H N N 45  
ARG HH22 H N N 46  
ARG HXT  H N N 47  
ASN N    N N N 48  
ASN CA   C N S 49  
ASN C    C N N 50  
ASN O    O N N 51  
ASN CB   C N N 52  
ASN CG   C N N 53  
ASN OD1  O N N 54  
ASN ND2  N N N 55  
ASN OXT  O N N 56  
ASN H    H N N 57  
ASN H2   H N N 58  
ASN HA   H N N 59  
ASN HB2  H N N 60  
ASN HB3  H N N 61  
ASN HD21 H N N 62  
ASN HD22 H N N 63  
ASN HXT  H N N 64  
ASP N    N N N 65  
ASP CA   C N S 66  
ASP C    C N N 67  
ASP O    O N N 68  
ASP CB   C N N 69  
ASP CG   C N N 70  
ASP OD1  O N N 71  
ASP OD2  O N N 72  
ASP OXT  O N N 73  
ASP H    H N N 74  
ASP H2   H N N 75  
ASP HA   H N N 76  
ASP HB2  H N N 77  
ASP HB3  H N N 78  
ASP HD2  H N N 79  
ASP HXT  H N N 80  
CYS N    N N N 81  
CYS CA   C N R 82  
CYS C    C N N 83  
CYS O    O N N 84  
CYS CB   C N N 85  
CYS SG   S N N 86  
CYS OXT  O N N 87  
CYS H    H N N 88  
CYS H2   H N N 89  
CYS HA   H N N 90  
CYS HB2  H N N 91  
CYS HB3  H N N 92  
CYS HG   H N N 93  
CYS HXT  H N N 94  
GLN N    N N N 95  
GLN CA   C N S 96  
GLN C    C N N 97  
GLN O    O N N 98  
GLN CB   C N N 99  
GLN CG   C N N 100 
GLN CD   C N N 101 
GLN OE1  O N N 102 
GLN NE2  N N N 103 
GLN OXT  O N N 104 
GLN H    H N N 105 
GLN H2   H N N 106 
GLN HA   H N N 107 
GLN HB2  H N N 108 
GLN HB3  H N N 109 
GLN HG2  H N N 110 
GLN HG3  H N N 111 
GLN HE21 H N N 112 
GLN HE22 H N N 113 
GLN HXT  H N N 114 
GLU N    N N N 115 
GLU CA   C N S 116 
GLU C    C N N 117 
GLU O    O N N 118 
GLU CB   C N N 119 
GLU CG   C N N 120 
GLU CD   C N N 121 
GLU OE1  O N N 122 
GLU OE2  O N N 123 
GLU OXT  O N N 124 
GLU H    H N N 125 
GLU H2   H N N 126 
GLU HA   H N N 127 
GLU HB2  H N N 128 
GLU HB3  H N N 129 
GLU HG2  H N N 130 
GLU HG3  H N N 131 
GLU HE2  H N N 132 
GLU HXT  H N N 133 
GLY N    N N N 134 
GLY CA   C N N 135 
GLY C    C N N 136 
GLY O    O N N 137 
GLY OXT  O N N 138 
GLY H    H N N 139 
GLY H2   H N N 140 
GLY HA2  H N N 141 
GLY HA3  H N N 142 
GLY HXT  H N N 143 
HIS N    N N N 144 
HIS CA   C N S 145 
HIS C    C N N 146 
HIS O    O N N 147 
HIS CB   C N N 148 
HIS CG   C Y N 149 
HIS ND1  N Y N 150 
HIS CD2  C Y N 151 
HIS CE1  C Y N 152 
HIS NE2  N Y N 153 
HIS OXT  O N N 154 
HIS H    H N N 155 
HIS H2   H N N 156 
HIS HA   H N N 157 
HIS HB2  H N N 158 
HIS HB3  H N N 159 
HIS HD1  H N N 160 
HIS HD2  H N N 161 
HIS HE1  H N N 162 
HIS HE2  H N N 163 
HIS HXT  H N N 164 
HOH O    O N N 165 
HOH H1   H N N 166 
HOH H2   H N N 167 
ILE N    N N N 168 
ILE CA   C N S 169 
ILE C    C N N 170 
ILE O    O N N 171 
ILE CB   C N S 172 
ILE CG1  C N N 173 
ILE CG2  C N N 174 
ILE CD1  C N N 175 
ILE OXT  O N N 176 
ILE H    H N N 177 
ILE H2   H N N 178 
ILE HA   H N N 179 
ILE HB   H N N 180 
ILE HG12 H N N 181 
ILE HG13 H N N 182 
ILE HG21 H N N 183 
ILE HG22 H N N 184 
ILE HG23 H N N 185 
ILE HD11 H N N 186 
ILE HD12 H N N 187 
ILE HD13 H N N 188 
ILE HXT  H N N 189 
LEU N    N N N 190 
LEU CA   C N S 191 
LEU C    C N N 192 
LEU O    O N N 193 
LEU CB   C N N 194 
LEU CG   C N N 195 
LEU CD1  C N N 196 
LEU CD2  C N N 197 
LEU OXT  O N N 198 
LEU H    H N N 199 
LEU H2   H N N 200 
LEU HA   H N N 201 
LEU HB2  H N N 202 
LEU HB3  H N N 203 
LEU HG   H N N 204 
LEU HD11 H N N 205 
LEU HD12 H N N 206 
LEU HD13 H N N 207 
LEU HD21 H N N 208 
LEU HD22 H N N 209 
LEU HD23 H N N 210 
LEU HXT  H N N 211 
LYS N    N N N 212 
LYS CA   C N S 213 
LYS C    C N N 214 
LYS O    O N N 215 
LYS CB   C N N 216 
LYS CG   C N N 217 
LYS CD   C N N 218 
LYS CE   C N N 219 
LYS NZ   N N N 220 
LYS OXT  O N N 221 
LYS H    H N N 222 
LYS H2   H N N 223 
LYS HA   H N N 224 
LYS HB2  H N N 225 
LYS HB3  H N N 226 
LYS HG2  H N N 227 
LYS HG3  H N N 228 
LYS HD2  H N N 229 
LYS HD3  H N N 230 
LYS HE2  H N N 231 
LYS HE3  H N N 232 
LYS HZ1  H N N 233 
LYS HZ2  H N N 234 
LYS HZ3  H N N 235 
LYS HXT  H N N 236 
MET N    N N N 237 
MET CA   C N S 238 
MET C    C N N 239 
MET O    O N N 240 
MET CB   C N N 241 
MET CG   C N N 242 
MET SD   S N N 243 
MET CE   C N N 244 
MET OXT  O N N 245 
MET H    H N N 246 
MET H2   H N N 247 
MET HA   H N N 248 
MET HB2  H N N 249 
MET HB3  H N N 250 
MET HG2  H N N 251 
MET HG3  H N N 252 
MET HE1  H N N 253 
MET HE2  H N N 254 
MET HE3  H N N 255 
MET HXT  H N N 256 
PHE N    N N N 257 
PHE CA   C N S 258 
PHE C    C N N 259 
PHE O    O N N 260 
PHE CB   C N N 261 
PHE CG   C Y N 262 
PHE CD1  C Y N 263 
PHE CD2  C Y N 264 
PHE CE1  C Y N 265 
PHE CE2  C Y N 266 
PHE CZ   C Y N 267 
PHE OXT  O N N 268 
PHE H    H N N 269 
PHE H2   H N N 270 
PHE HA   H N N 271 
PHE HB2  H N N 272 
PHE HB3  H N N 273 
PHE HD1  H N N 274 
PHE HD2  H N N 275 
PHE HE1  H N N 276 
PHE HE2  H N N 277 
PHE HZ   H N N 278 
PHE HXT  H N N 279 
PRO N    N N N 280 
PRO CA   C N S 281 
PRO C    C N N 282 
PRO O    O N N 283 
PRO CB   C N N 284 
PRO CG   C N N 285 
PRO CD   C N N 286 
PRO OXT  O N N 287 
PRO H    H N N 288 
PRO HA   H N N 289 
PRO HB2  H N N 290 
PRO HB3  H N N 291 
PRO HG2  H N N 292 
PRO HG3  H N N 293 
PRO HD2  H N N 294 
PRO HD3  H N N 295 
PRO HXT  H N N 296 
PTR N    N N N 297 
PTR CA   C N S 298 
PTR C    C N N 299 
PTR O    O N N 300 
PTR OXT  O N N 301 
PTR CB   C N N 302 
PTR CG   C Y N 303 
PTR CD1  C Y N 304 
PTR CD2  C Y N 305 
PTR CE1  C Y N 306 
PTR CE2  C Y N 307 
PTR CZ   C Y N 308 
PTR OH   O N N 309 
PTR P    P N N 310 
PTR O1P  O N N 311 
PTR O2P  O N N 312 
PTR O3P  O N N 313 
PTR H    H N N 314 
PTR H2   H N N 315 
PTR HA   H N N 316 
PTR HXT  H N N 317 
PTR HB2  H N N 318 
PTR HB3  H N N 319 
PTR HD1  H N N 320 
PTR HD2  H N N 321 
PTR HE1  H N N 322 
PTR HE2  H N N 323 
PTR HO2P H N N 324 
PTR HO3P H N N 325 
SER N    N N N 326 
SER CA   C N S 327 
SER C    C N N 328 
SER O    O N N 329 
SER CB   C N N 330 
SER OG   O N N 331 
SER OXT  O N N 332 
SER H    H N N 333 
SER H2   H N N 334 
SER HA   H N N 335 
SER HB2  H N N 336 
SER HB3  H N N 337 
SER HG   H N N 338 
SER HXT  H N N 339 
THR N    N N N 340 
THR CA   C N S 341 
THR C    C N N 342 
THR O    O N N 343 
THR CB   C N R 344 
THR OG1  O N N 345 
THR CG2  C N N 346 
THR OXT  O N N 347 
THR H    H N N 348 
THR H2   H N N 349 
THR HA   H N N 350 
THR HB   H N N 351 
THR HG1  H N N 352 
THR HG21 H N N 353 
THR HG22 H N N 354 
THR HG23 H N N 355 
THR HXT  H N N 356 
TRP N    N N N 357 
TRP CA   C N S 358 
TRP C    C N N 359 
TRP O    O N N 360 
TRP CB   C N N 361 
TRP CG   C Y N 362 
TRP CD1  C Y N 363 
TRP CD2  C Y N 364 
TRP NE1  N Y N 365 
TRP CE2  C Y N 366 
TRP CE3  C Y N 367 
TRP CZ2  C Y N 368 
TRP CZ3  C Y N 369 
TRP CH2  C Y N 370 
TRP OXT  O N N 371 
TRP H    H N N 372 
TRP H2   H N N 373 
TRP HA   H N N 374 
TRP HB2  H N N 375 
TRP HB3  H N N 376 
TRP HD1  H N N 377 
TRP HE1  H N N 378 
TRP HE3  H N N 379 
TRP HZ2  H N N 380 
TRP HZ3  H N N 381 
TRP HH2  H N N 382 
TRP HXT  H N N 383 
TYR N    N N N 384 
TYR CA   C N S 385 
TYR C    C N N 386 
TYR O    O N N 387 
TYR CB   C N N 388 
TYR CG   C Y N 389 
TYR CD1  C Y N 390 
TYR CD2  C Y N 391 
TYR CE1  C Y N 392 
TYR CE2  C Y N 393 
TYR CZ   C Y N 394 
TYR OH   O N N 395 
TYR OXT  O N N 396 
TYR H    H N N 397 
TYR H2   H N N 398 
TYR HA   H N N 399 
TYR HB2  H N N 400 
TYR HB3  H N N 401 
TYR HD1  H N N 402 
TYR HD2  H N N 403 
TYR HE1  H N N 404 
TYR HE2  H N N 405 
TYR HH   H N N 406 
TYR HXT  H N N 407 
VAL N    N N N 408 
VAL CA   C N S 409 
VAL C    C N N 410 
VAL O    O N N 411 
VAL CB   C N N 412 
VAL CG1  C N N 413 
VAL CG2  C N N 414 
VAL OXT  O N N 415 
VAL H    H N N 416 
VAL H2   H N N 417 
VAL HA   H N N 418 
VAL HB   H N N 419 
VAL HG11 H N N 420 
VAL HG12 H N N 421 
VAL HG13 H N N 422 
VAL HG21 H N N 423 
VAL HG22 H N N 424 
VAL HG23 H N N 425 
VAL HXT  H N N 426 
# 
loop_
_chem_comp_bond.comp_id 
_chem_comp_bond.atom_id_1 
_chem_comp_bond.atom_id_2 
_chem_comp_bond.value_order 
_chem_comp_bond.pdbx_aromatic_flag 
_chem_comp_bond.pdbx_stereo_config 
_chem_comp_bond.pdbx_ordinal 
ACE C   O    doub N N 1   
ACE C   CH3  sing N N 2   
ACE C   H    sing N N 3   
ACE CH3 H1   sing N N 4   
ACE CH3 H2   sing N N 5   
ACE CH3 H3   sing N N 6   
ALA N   CA   sing N N 7   
ALA N   H    sing N N 8   
ALA N   H2   sing N N 9   
ALA CA  C    sing N N 10  
ALA CA  CB   sing N N 11  
ALA CA  HA   sing N N 12  
ALA C   O    doub N N 13  
ALA C   OXT  sing N N 14  
ALA CB  HB1  sing N N 15  
ALA CB  HB2  sing N N 16  
ALA CB  HB3  sing N N 17  
ALA OXT HXT  sing N N 18  
ARG N   CA   sing N N 19  
ARG N   H    sing N N 20  
ARG N   H2   sing N N 21  
ARG CA  C    sing N N 22  
ARG CA  CB   sing N N 23  
ARG CA  HA   sing N N 24  
ARG C   O    doub N N 25  
ARG C   OXT  sing N N 26  
ARG CB  CG   sing N N 27  
ARG CB  HB2  sing N N 28  
ARG CB  HB3  sing N N 29  
ARG CG  CD   sing N N 30  
ARG CG  HG2  sing N N 31  
ARG CG  HG3  sing N N 32  
ARG CD  NE   sing N N 33  
ARG CD  HD2  sing N N 34  
ARG CD  HD3  sing N N 35  
ARG NE  CZ   sing N N 36  
ARG NE  HE   sing N N 37  
ARG CZ  NH1  sing N N 38  
ARG CZ  NH2  doub N N 39  
ARG NH1 HH11 sing N N 40  
ARG NH1 HH12 sing N N 41  
ARG NH2 HH21 sing N N 42  
ARG NH2 HH22 sing N N 43  
ARG OXT HXT  sing N N 44  
ASN N   CA   sing N N 45  
ASN N   H    sing N N 46  
ASN N   H2   sing N N 47  
ASN CA  C    sing N N 48  
ASN CA  CB   sing N N 49  
ASN CA  HA   sing N N 50  
ASN C   O    doub N N 51  
ASN C   OXT  sing N N 52  
ASN CB  CG   sing N N 53  
ASN CB  HB2  sing N N 54  
ASN CB  HB3  sing N N 55  
ASN CG  OD1  doub N N 56  
ASN CG  ND2  sing N N 57  
ASN ND2 HD21 sing N N 58  
ASN ND2 HD22 sing N N 59  
ASN OXT HXT  sing N N 60  
ASP N   CA   sing N N 61  
ASP N   H    sing N N 62  
ASP N   H2   sing N N 63  
ASP CA  C    sing N N 64  
ASP CA  CB   sing N N 65  
ASP CA  HA   sing N N 66  
ASP C   O    doub N N 67  
ASP C   OXT  sing N N 68  
ASP CB  CG   sing N N 69  
ASP CB  HB2  sing N N 70  
ASP CB  HB3  sing N N 71  
ASP CG  OD1  doub N N 72  
ASP CG  OD2  sing N N 73  
ASP OD2 HD2  sing N N 74  
ASP OXT HXT  sing N N 75  
CYS N   CA   sing N N 76  
CYS N   H    sing N N 77  
CYS N   H2   sing N N 78  
CYS CA  C    sing N N 79  
CYS CA  CB   sing N N 80  
CYS CA  HA   sing N N 81  
CYS C   O    doub N N 82  
CYS C   OXT  sing N N 83  
CYS CB  SG   sing N N 84  
CYS CB  HB2  sing N N 85  
CYS CB  HB3  sing N N 86  
CYS SG  HG   sing N N 87  
CYS OXT HXT  sing N N 88  
GLN N   CA   sing N N 89  
GLN N   H    sing N N 90  
GLN N   H2   sing N N 91  
GLN CA  C    sing N N 92  
GLN CA  CB   sing N N 93  
GLN CA  HA   sing N N 94  
GLN C   O    doub N N 95  
GLN C   OXT  sing N N 96  
GLN CB  CG   sing N N 97  
GLN CB  HB2  sing N N 98  
GLN CB  HB3  sing N N 99  
GLN CG  CD   sing N N 100 
GLN CG  HG2  sing N N 101 
GLN CG  HG3  sing N N 102 
GLN CD  OE1  doub N N 103 
GLN CD  NE2  sing N N 104 
GLN NE2 HE21 sing N N 105 
GLN NE2 HE22 sing N N 106 
GLN OXT HXT  sing N N 107 
GLU N   CA   sing N N 108 
GLU N   H    sing N N 109 
GLU N   H2   sing N N 110 
GLU CA  C    sing N N 111 
GLU CA  CB   sing N N 112 
GLU CA  HA   sing N N 113 
GLU C   O    doub N N 114 
GLU C   OXT  sing N N 115 
GLU CB  CG   sing N N 116 
GLU CB  HB2  sing N N 117 
GLU CB  HB3  sing N N 118 
GLU CG  CD   sing N N 119 
GLU CG  HG2  sing N N 120 
GLU CG  HG3  sing N N 121 
GLU CD  OE1  doub N N 122 
GLU CD  OE2  sing N N 123 
GLU OE2 HE2  sing N N 124 
GLU OXT HXT  sing N N 125 
GLY N   CA   sing N N 126 
GLY N   H    sing N N 127 
GLY N   H2   sing N N 128 
GLY CA  C    sing N N 129 
GLY CA  HA2  sing N N 130 
GLY CA  HA3  sing N N 131 
GLY C   O    doub N N 132 
GLY C   OXT  sing N N 133 
GLY OXT HXT  sing N N 134 
HIS N   CA   sing N N 135 
HIS N   H    sing N N 136 
HIS N   H2   sing N N 137 
HIS CA  C    sing N N 138 
HIS CA  CB   sing N N 139 
HIS CA  HA   sing N N 140 
HIS C   O    doub N N 141 
HIS C   OXT  sing N N 142 
HIS CB  CG   sing N N 143 
HIS CB  HB2  sing N N 144 
HIS CB  HB3  sing N N 145 
HIS CG  ND1  sing Y N 146 
HIS CG  CD2  doub Y N 147 
HIS ND1 CE1  doub Y N 148 
HIS ND1 HD1  sing N N 149 
HIS CD2 NE2  sing Y N 150 
HIS CD2 HD2  sing N N 151 
HIS CE1 NE2  sing Y N 152 
HIS CE1 HE1  sing N N 153 
HIS NE2 HE2  sing N N 154 
HIS OXT HXT  sing N N 155 
HOH O   H1   sing N N 156 
HOH O   H2   sing N N 157 
ILE N   CA   sing N N 158 
ILE N   H    sing N N 159 
ILE N   H2   sing N N 160 
ILE CA  C    sing N N 161 
ILE CA  CB   sing N N 162 
ILE CA  HA   sing N N 163 
ILE C   O    doub N N 164 
ILE C   OXT  sing N N 165 
ILE CB  CG1  sing N N 166 
ILE CB  CG2  sing N N 167 
ILE CB  HB   sing N N 168 
ILE CG1 CD1  sing N N 169 
ILE CG1 HG12 sing N N 170 
ILE CG1 HG13 sing N N 171 
ILE CG2 HG21 sing N N 172 
ILE CG2 HG22 sing N N 173 
ILE CG2 HG23 sing N N 174 
ILE CD1 HD11 sing N N 175 
ILE CD1 HD12 sing N N 176 
ILE CD1 HD13 sing N N 177 
ILE OXT HXT  sing N N 178 
LEU N   CA   sing N N 179 
LEU N   H    sing N N 180 
LEU N   H2   sing N N 181 
LEU CA  C    sing N N 182 
LEU CA  CB   sing N N 183 
LEU CA  HA   sing N N 184 
LEU C   O    doub N N 185 
LEU C   OXT  sing N N 186 
LEU CB  CG   sing N N 187 
LEU CB  HB2  sing N N 188 
LEU CB  HB3  sing N N 189 
LEU CG  CD1  sing N N 190 
LEU CG  CD2  sing N N 191 
LEU CG  HG   sing N N 192 
LEU CD1 HD11 sing N N 193 
LEU CD1 HD12 sing N N 194 
LEU CD1 HD13 sing N N 195 
LEU CD2 HD21 sing N N 196 
LEU CD2 HD22 sing N N 197 
LEU CD2 HD23 sing N N 198 
LEU OXT HXT  sing N N 199 
LYS N   CA   sing N N 200 
LYS N   H    sing N N 201 
LYS N   H2   sing N N 202 
LYS CA  C    sing N N 203 
LYS CA  CB   sing N N 204 
LYS CA  HA   sing N N 205 
LYS C   O    doub N N 206 
LYS C   OXT  sing N N 207 
LYS CB  CG   sing N N 208 
LYS CB  HB2  sing N N 209 
LYS CB  HB3  sing N N 210 
LYS CG  CD   sing N N 211 
LYS CG  HG2  sing N N 212 
LYS CG  HG3  sing N N 213 
LYS CD  CE   sing N N 214 
LYS CD  HD2  sing N N 215 
LYS CD  HD3  sing N N 216 
LYS CE  NZ   sing N N 217 
LYS CE  HE2  sing N N 218 
LYS CE  HE3  sing N N 219 
LYS NZ  HZ1  sing N N 220 
LYS NZ  HZ2  sing N N 221 
LYS NZ  HZ3  sing N N 222 
LYS OXT HXT  sing N N 223 
MET N   CA   sing N N 224 
MET N   H    sing N N 225 
MET N   H2   sing N N 226 
MET CA  C    sing N N 227 
MET CA  CB   sing N N 228 
MET CA  HA   sing N N 229 
MET C   O    doub N N 230 
MET C   OXT  sing N N 231 
MET CB  CG   sing N N 232 
MET CB  HB2  sing N N 233 
MET CB  HB3  sing N N 234 
MET CG  SD   sing N N 235 
MET CG  HG2  sing N N 236 
MET CG  HG3  sing N N 237 
MET SD  CE   sing N N 238 
MET CE  HE1  sing N N 239 
MET CE  HE2  sing N N 240 
MET CE  HE3  sing N N 241 
MET OXT HXT  sing N N 242 
PHE N   CA   sing N N 243 
PHE N   H    sing N N 244 
PHE N   H2   sing N N 245 
PHE CA  C    sing N N 246 
PHE CA  CB   sing N N 247 
PHE CA  HA   sing N N 248 
PHE C   O    doub N N 249 
PHE C   OXT  sing N N 250 
PHE CB  CG   sing N N 251 
PHE CB  HB2  sing N N 252 
PHE CB  HB3  sing N N 253 
PHE CG  CD1  doub Y N 254 
PHE CG  CD2  sing Y N 255 
PHE CD1 CE1  sing Y N 256 
PHE CD1 HD1  sing N N 257 
PHE CD2 CE2  doub Y N 258 
PHE CD2 HD2  sing N N 259 
PHE CE1 CZ   doub Y N 260 
PHE CE1 HE1  sing N N 261 
PHE CE2 CZ   sing Y N 262 
PHE CE2 HE2  sing N N 263 
PHE CZ  HZ   sing N N 264 
PHE OXT HXT  sing N N 265 
PRO N   CA   sing N N 266 
PRO N   CD   sing N N 267 
PRO N   H    sing N N 268 
PRO CA  C    sing N N 269 
PRO CA  CB   sing N N 270 
PRO CA  HA   sing N N 271 
PRO C   O    doub N N 272 
PRO C   OXT  sing N N 273 
PRO CB  CG   sing N N 274 
PRO CB  HB2  sing N N 275 
PRO CB  HB3  sing N N 276 
PRO CG  CD   sing N N 277 
PRO CG  HG2  sing N N 278 
PRO CG  HG3  sing N N 279 
PRO CD  HD2  sing N N 280 
PRO CD  HD3  sing N N 281 
PRO OXT HXT  sing N N 282 
PTR N   CA   sing N N 283 
PTR N   H    sing N N 284 
PTR N   H2   sing N N 285 
PTR CA  C    sing N N 286 
PTR CA  CB   sing N N 287 
PTR CA  HA   sing N N 288 
PTR C   O    doub N N 289 
PTR C   OXT  sing N N 290 
PTR OXT HXT  sing N N 291 
PTR CB  CG   sing N N 292 
PTR CB  HB2  sing N N 293 
PTR CB  HB3  sing N N 294 
PTR CG  CD1  doub Y N 295 
PTR CG  CD2  sing Y N 296 
PTR CD1 CE1  sing Y N 297 
PTR CD1 HD1  sing N N 298 
PTR CD2 CE2  doub Y N 299 
PTR CD2 HD2  sing N N 300 
PTR CE1 CZ   doub Y N 301 
PTR CE1 HE1  sing N N 302 
PTR CE2 CZ   sing Y N 303 
PTR CE2 HE2  sing N N 304 
PTR CZ  OH   sing N N 305 
PTR OH  P    sing N N 306 
PTR P   O1P  doub N N 307 
PTR P   O2P  sing N N 308 
PTR P   O3P  sing N N 309 
PTR O2P HO2P sing N N 310 
PTR O3P HO3P sing N N 311 
SER N   CA   sing N N 312 
SER N   H    sing N N 313 
SER N   H2   sing N N 314 
SER CA  C    sing N N 315 
SER CA  CB   sing N N 316 
SER CA  HA   sing N N 317 
SER C   O    doub N N 318 
SER C   OXT  sing N N 319 
SER CB  OG   sing N N 320 
SER CB  HB2  sing N N 321 
SER CB  HB3  sing N N 322 
SER OG  HG   sing N N 323 
SER OXT HXT  sing N N 324 
THR N   CA   sing N N 325 
THR N   H    sing N N 326 
THR N   H2   sing N N 327 
THR CA  C    sing N N 328 
THR CA  CB   sing N N 329 
THR CA  HA   sing N N 330 
THR C   O    doub N N 331 
THR C   OXT  sing N N 332 
THR CB  OG1  sing N N 333 
THR CB  CG2  sing N N 334 
THR CB  HB   sing N N 335 
THR OG1 HG1  sing N N 336 
THR CG2 HG21 sing N N 337 
THR CG2 HG22 sing N N 338 
THR CG2 HG23 sing N N 339 
THR OXT HXT  sing N N 340 
TRP N   CA   sing N N 341 
TRP N   H    sing N N 342 
TRP N   H2   sing N N 343 
TRP CA  C    sing N N 344 
TRP CA  CB   sing N N 345 
TRP CA  HA   sing N N 346 
TRP C   O    doub N N 347 
TRP C   OXT  sing N N 348 
TRP CB  CG   sing N N 349 
TRP CB  HB2  sing N N 350 
TRP CB  HB3  sing N N 351 
TRP CG  CD1  doub Y N 352 
TRP CG  CD2  sing Y N 353 
TRP CD1 NE1  sing Y N 354 
TRP CD1 HD1  sing N N 355 
TRP CD2 CE2  doub Y N 356 
TRP CD2 CE3  sing Y N 357 
TRP NE1 CE2  sing Y N 358 
TRP NE1 HE1  sing N N 359 
TRP CE2 CZ2  sing Y N 360 
TRP CE3 CZ3  doub Y N 361 
TRP CE3 HE3  sing N N 362 
TRP CZ2 CH2  doub Y N 363 
TRP CZ2 HZ2  sing N N 364 
TRP CZ3 CH2  sing Y N 365 
TRP CZ3 HZ3  sing N N 366 
TRP CH2 HH2  sing N N 367 
TRP OXT HXT  sing N N 368 
TYR N   CA   sing N N 369 
TYR N   H    sing N N 370 
TYR N   H2   sing N N 371 
TYR CA  C    sing N N 372 
TYR CA  CB   sing N N 373 
TYR CA  HA   sing N N 374 
TYR C   O    doub N N 375 
TYR C   OXT  sing N N 376 
TYR CB  CG   sing N N 377 
TYR CB  HB2  sing N N 378 
TYR CB  HB3  sing N N 379 
TYR CG  CD1  doub Y N 380 
TYR CG  CD2  sing Y N 381 
TYR CD1 CE1  sing Y N 382 
TYR CD1 HD1  sing N N 383 
TYR CD2 CE2  doub Y N 384 
TYR CD2 HD2  sing N N 385 
TYR CE1 CZ   doub Y N 386 
TYR CE1 HE1  sing N N 387 
TYR CE2 CZ   sing Y N 388 
TYR CE2 HE2  sing N N 389 
TYR CZ  OH   sing N N 390 
TYR OH  HH   sing N N 391 
TYR OXT HXT  sing N N 392 
VAL N   CA   sing N N 393 
VAL N   H    sing N N 394 
VAL N   H2   sing N N 395 
VAL CA  C    sing N N 396 
VAL CA  CB   sing N N 397 
VAL CA  HA   sing N N 398 
VAL C   O    doub N N 399 
VAL C   OXT  sing N N 400 
VAL CB  CG1  sing N N 401 
VAL CB  CG2  sing N N 402 
VAL CB  HB   sing N N 403 
VAL CG1 HG11 sing N N 404 
VAL CG1 HG12 sing N N 405 
VAL CG1 HG13 sing N N 406 
VAL CG2 HG21 sing N N 407 
VAL CG2 HG22 sing N N 408 
VAL CG2 HG23 sing N N 409 
VAL OXT HXT  sing N N 410 
# 
_atom_sites.entry_id                    5U1M 
_atom_sites.fract_transf_matrix[1][1]   0.00821490 
_atom_sites.fract_transf_matrix[1][2]   -0.01203705 
_atom_sites.fract_transf_matrix[1][3]   0.00124284 
_atom_sites.fract_transf_matrix[2][1]   0.00406369 
_atom_sites.fract_transf_matrix[2][2]   0.00132914 
_atom_sites.fract_transf_matrix[2][3]   -0.01398713 
_atom_sites.fract_transf_matrix[3][1]   0.01354846 
_atom_sites.fract_transf_matrix[3][2]   0.00974846 
_atom_sites.fract_transf_matrix[3][3]   0.00486260 
_atom_sites.fract_transf_vector[1]      0.127567 
_atom_sites.fract_transf_vector[2]      0.281868 
_atom_sites.fract_transf_vector[3]      0.255552 
# 
loop_
_atom_type.symbol 
C 
H 
N 
O 
P 
S 
# 
loop_
_atom_site.group_PDB 
_atom_site.id 
_atom_site.type_symbol 
_atom_site.label_atom_id 
_atom_site.label_alt_id 
_atom_site.label_comp_id 
_atom_site.label_asym_id 
_atom_site.label_entity_id 
_atom_site.label_seq_id 
_atom_site.pdbx_PDB_ins_code 
_atom_site.Cartn_x 
_atom_site.Cartn_y 
_atom_site.Cartn_z 
_atom_site.occupancy 
_atom_site.B_iso_or_equiv 
_atom_site.pdbx_formal_charge 
_atom_site.auth_seq_id 
_atom_site.auth_comp_id 
_atom_site.auth_asym_id 
_atom_site.auth_atom_id 
_atom_site.pdbx_PDB_model_num 
ATOM   1    N N    . LYS A 1 1   ? 10.167  -8.976  -1.585  1.00 26.69 ? 161  LYS A N    1 
ATOM   2    C CA   . LYS A 1 1   ? 10.888  -7.692  -1.785  1.00 24.61 ? 161  LYS A CA   1 
ATOM   3    C C    . LYS A 1 1   ? 10.649  -7.127  -3.195  1.00 25.53 ? 161  LYS A C    1 
ATOM   4    O O    . LYS A 1 1   ? 11.159  -7.655  -4.178  1.00 25.66 ? 161  LYS A O    1 
ATOM   5    C CB   . LYS A 1 1   ? 12.383  -7.891  -1.523  1.00 24.92 ? 161  LYS A CB   1 
ATOM   6    C CG   . LYS A 1 1   ? 13.185  -6.598  -1.382  1.00 25.49 ? 161  LYS A CG   1 
ATOM   7    C CD   . LYS A 1 1   ? 12.800  -5.840  -0.094  1.00 25.60 ? 161  LYS A CD   1 
ATOM   8    C CE   . LYS A 1 1   ? 13.252  -4.397  -0.148  1.00 26.59 ? 161  LYS A CE   1 
ATOM   9    N NZ   . LYS A 1 1   ? 12.571  -3.544  0.882   1.00 27.76 ? 161  LYS A NZ   1 
ATOM   10   H H1   . LYS A 1 1   ? 10.538  -9.648  -2.298  1.00 0.00  ? 161  LYS A H1   1 
ATOM   11   H H2   . LYS A 1 1   ? 9.158   -8.850  -1.730  1.00 0.00  ? 161  LYS A H2   1 
ATOM   12   H H3   . LYS A 1 1   ? 10.371  -9.342  -0.635  1.00 0.00  ? 161  LYS A H3   1 
ATOM   13   H HZ1  . LYS A 1 1   ? 12.806  -3.997  1.790   1.00 0.00  ? 161  LYS A HZ1  1 
ATOM   14   H HZ2  . LYS A 1 1   ? 11.566  -3.608  0.801   1.00 0.00  ? 161  LYS A HZ2  1 
ATOM   15   H HZ3  . LYS A 1 1   ? 12.867  -2.553  0.898   1.00 0.00  ? 161  LYS A HZ3  1 
ATOM   16   N N    . GLU A 1 2   ? 9.665   -6.237  -3.286  1.00 23.29 ? 162  GLU A N    1 
ATOM   17   C CA   . GLU A 1 2   ? 9.446   -5.398  -4.460  1.00 21.36 ? 162  GLU A CA   1 
ATOM   18   C C    . GLU A 1 2   ? 9.568   -3.947  -4.007  1.00 18.56 ? 162  GLU A C    1 
ATOM   19   O O    . GLU A 1 2   ? 9.287   -3.643  -2.846  1.00 16.39 ? 162  GLU A O    1 
ATOM   20   C CB   . GLU A 1 2   ? 8.039   -5.625  -5.016  1.00 23.94 ? 162  GLU A CB   1 
ATOM   21   C CG   . GLU A 1 2   ? 7.977   -6.522  -6.244  1.00 30.64 ? 162  GLU A CG   1 
ATOM   22   C CD   . GLU A 1 2   ? 8.468   -5.825  -7.503  1.00 33.99 ? 162  GLU A CD   1 
ATOM   23   O OE1  . GLU A 1 2   ? 8.017   -4.689  -7.786  1.00 36.21 ? 162  GLU A OE1  1 
ATOM   24   O OE2  . GLU A 1 2   ? 9.335   -6.406  -8.194  1.00 36.59 ? 162  GLU A OE2  1 
ATOM   25   H H    . GLU A 1 2   ? 9.105   -6.049  -2.500  1.00 0.00  ? 162  GLU A H    1 
ATOM   26   N N    . VAL A 1 3   ? 10.022  -3.071  -4.900  1.00 17.05 ? 163  VAL A N    1 
ATOM   27   C CA   . VAL A 1 3   ? 10.016  -1.622  -4.658  1.00 14.65 ? 163  VAL A CA   1 
ATOM   28   C C    . VAL A 1 3   ? 9.367   -0.893  -5.836  1.00 14.85 ? 163  VAL A C    1 
ATOM   29   O O    . VAL A 1 3   ? 9.705   -1.148  -6.989  1.00 17.25 ? 163  VAL A O    1 
ATOM   30   C CB   . VAL A 1 3   ? 11.454  -1.068  -4.474  1.00 14.54 ? 163  VAL A CB   1 
ATOM   31   C CG1  . VAL A 1 3   ? 11.411  0.383   -4.005  1.00 14.34 ? 163  VAL A CG1  1 
ATOM   32   C CG2  . VAL A 1 3   ? 12.228  -1.917  -3.482  1.00 14.10 ? 163  VAL A CG2  1 
ATOM   33   H H    . VAL A 1 3   ? 10.358  -3.436  -5.742  1.00 0.00  ? 163  VAL A H    1 
ATOM   34   N N    . TRP A 1 4   ? 8.345   -0.092  -5.553  1.00 13.42 ? 164  TRP A N    1 
ATOM   35   C CA   . TRP A 1 4   ? 7.737   0.752   -6.578  1.00 13.50 ? 164  TRP A CA   1 
ATOM   36   C C    . TRP A 1 4   ? 7.899   2.229   -6.252  1.00 15.06 ? 164  TRP A C    1 
ATOM   37   O O    . TRP A 1 4   ? 7.869   2.617   -5.089  1.00 17.16 ? 164  TRP A O    1 
ATOM   38   C CB   . TRP A 1 4   ? 6.249   0.450   -6.720  1.00 13.49 ? 164  TRP A CB   1 
ATOM   39   C CG   . TRP A 1 4   ? 5.951   -0.928  -7.166  1.00 14.58 ? 164  TRP A CG   1 
ATOM   40   C CD1  . TRP A 1 4   ? 5.889   -1.378  -8.446  1.00 14.61 ? 164  TRP A CD1  1 
ATOM   41   C CD2  . TRP A 1 4   ? 5.534   -2.024  -6.331  1.00 14.01 ? 164  TRP A CD2  1 
ATOM   42   N NE1  . TRP A 1 4   ? 5.455   -2.676  -8.478  1.00 15.40 ? 164  TRP A NE1  1 
ATOM   43   C CE2  . TRP A 1 4   ? 5.222   -3.092  -7.185  1.00 14.72 ? 164  TRP A CE2  1 
ATOM   44   C CE3  . TRP A 1 4   ? 5.378   -2.190  -4.957  1.00 12.46 ? 164  TRP A CE3  1 
ATOM   45   C CZ2  . TRP A 1 4   ? 4.757   -4.324  -6.708  1.00 13.81 ? 164  TRP A CZ2  1 
ATOM   46   C CZ3  . TRP A 1 4   ? 4.917   -3.404  -4.479  1.00 12.01 ? 164  TRP A CZ3  1 
ATOM   47   C CH2  . TRP A 1 4   ? 4.613   -4.453  -5.352  1.00 13.31 ? 164  TRP A CH2  1 
ATOM   48   H H    . TRP A 1 4   ? 7.985   -0.103  -4.639  1.00 0.00  ? 164  TRP A H    1 
ATOM   49   H HE1  . TRP A 1 4   ? 5.406   -3.229  -9.275  1.00 0.00  ? 164  TRP A HE1  1 
ATOM   50   N N    . GLN A 1 5   ? 8.022   3.051   -7.282  1.00 14.40 ? 165  GLN A N    1 
ATOM   51   C CA   . GLN A 1 5   ? 8.016   4.495   -7.096  1.00 15.14 ? 165  GLN A CA   1 
ATOM   52   C C    . GLN A 1 5   ? 6.623   5.038   -7.389  1.00 13.66 ? 165  GLN A C    1 
ATOM   53   O O    . GLN A 1 5   ? 6.033   4.751   -8.432  1.00 13.17 ? 165  GLN A O    1 
ATOM   54   C CB   . GLN A 1 5   ? 9.055   5.155   -8.007  1.00 16.95 ? 165  GLN A CB   1 
ATOM   55   C CG   . GLN A 1 5   ? 9.221   6.647   -7.790  1.00 22.56 ? 165  GLN A CG   1 
ATOM   56   C CD   . GLN A 1 5   ? 10.460  7.187   -8.474  1.00 26.99 ? 165  GLN A CD   1 
ATOM   57   O OE1  . GLN A 1 5   ? 11.588  6.881   -8.078  1.00 28.88 ? 165  GLN A OE1  1 
ATOM   58   N NE2  . GLN A 1 5   ? 10.264  7.924   -9.556  1.00 29.19 ? 165  GLN A NE2  1 
ATOM   59   H H    . GLN A 1 5   ? 8.092   2.677   -8.187  1.00 0.00  ? 165  GLN A H    1 
ATOM   60   H HE21 . GLN A 1 5   ? 9.348   8.086   -9.859  1.00 0.00  ? 165  GLN A HE21 1 
ATOM   61   H HE22 . GLN A 1 5   ? 11.085  8.253   -9.964  1.00 0.00  ? 165  GLN A HE22 1 
ATOM   62   N N    . VAL A 1 6   ? 6.056   5.734   -6.412  1.00 11.99 ? 166  VAL A N    1 
ATOM   63   C CA   . VAL A 1 6   ? 4.677   6.184   -6.518  1.00 10.86 ? 166  VAL A CA   1 
ATOM   64   C C    . VAL A 1 6   ? 4.547   7.663   -6.169  1.00 11.07 ? 166  VAL A C    1 
ATOM   65   O O    . VAL A 1 6   ? 5.419   8.243   -5.508  1.00 10.39 ? 166  VAL A O    1 
ATOM   66   C CB   . VAL A 1 6   ? 3.755   5.368   -5.583  1.00 7.30  ? 166  VAL A CB   1 
ATOM   67   C CG1  . VAL A 1 6   ? 3.907   3.882   -5.867  1.00 8.01  ? 166  VAL A CG1  1 
ATOM   68   C CG2  . VAL A 1 6   ? 4.071   5.657   -4.128  1.00 8.51  ? 166  VAL A CG2  1 
ATOM   69   H H    . VAL A 1 6   ? 6.575   5.935   -5.608  1.00 0.00  ? 166  VAL A H    1 
ATOM   70   N N    . ILE A 1 7   ? 3.455   8.277   -6.621  1.00 9.68  ? 167  ILE A N    1 
ATOM   71   C CA   . ILE A 1 7   ? 3.082   9.590   -6.122  1.00 10.04 ? 167  ILE A CA   1 
ATOM   72   C C    . ILE A 1 7   ? 1.909   9.462   -5.156  1.00 10.08 ? 167  ILE A C    1 
ATOM   73   O O    . ILE A 1 7   ? 0.836   9.025   -5.544  1.00 10.07 ? 167  ILE A O    1 
ATOM   74   C CB   . ILE A 1 7   ? 2.713   10.526  -7.277  1.00 9.14  ? 167  ILE A CB   1 
ATOM   75   C CG1  . ILE A 1 7   ? 3.920   10.679  -8.201  1.00 10.73 ? 167  ILE A CG1  1 
ATOM   76   C CG2  . ILE A 1 7   ? 2.269   11.862  -6.742  1.00 9.32  ? 167  ILE A CG2  1 
ATOM   77   C CD1  . ILE A 1 7   ? 3.636   11.489  -9.456  1.00 14.74 ? 167  ILE A CD1  1 
ATOM   78   H H    . ILE A 1 7   ? 2.911   7.851   -7.326  1.00 0.00  ? 167  ILE A H    1 
ATOM   79   N N    . LEU A 1 8   ? 2.150   9.736   -3.877  1.00 11.54 ? 168  LEU A N    1 
ATOM   80   C CA   . LEU A 1 8   ? 1.073   9.761   -2.892  1.00 12.00 ? 168  LEU A CA   1 
ATOM   81   C C    . LEU A 1 8   ? 0.244   11.041  -2.994  1.00 12.92 ? 168  LEU A C    1 
ATOM   82   O O    . LEU A 1 8   ? 0.784   12.146  -3.030  1.00 11.16 ? 168  LEU A O    1 
ATOM   83   C CB   . LEU A 1 8   ? 1.632   9.590   -1.480  1.00 13.36 ? 168  LEU A CB   1 
ATOM   84   C CG   . LEU A 1 8   ? 1.950   8.144   -1.051  1.00 18.77 ? 168  LEU A CG   1 
ATOM   85   C CD1  . LEU A 1 8   ? 2.687   8.132   0.281   1.00 17.66 ? 168  LEU A CD1  1 
ATOM   86   C CD2  . LEU A 1 8   ? 0.659   7.339   -0.924  1.00 18.69 ? 168  LEU A CD2  1 
ATOM   87   H H    . LEU A 1 8   ? 3.070   9.938   -3.604  1.00 0.00  ? 168  LEU A H    1 
ATOM   88   N N    . LYS A 1 9   ? -1.059  10.859  -3.208  1.00 12.70 ? 169  LYS A N    1 
ATOM   89   C CA   . LYS A 1 9   ? -1.992  11.955  -3.452  1.00 12.85 ? 169  LYS A CA   1 
ATOM   90   C C    . LYS A 1 9   ? -2.506  12.498  -2.123  1.00 13.28 ? 169  LYS A C    1 
ATOM   91   O O    . LYS A 1 9   ? -2.460  11.824  -1.103  1.00 11.94 ? 169  LYS A O    1 
ATOM   92   C CB   . LYS A 1 9   ? -3.176  11.460  -4.301  1.00 13.38 ? 169  LYS A CB   1 
ATOM   93   C CG   . LYS A 1 9   ? -2.804  10.785  -5.616  1.00 17.53 ? 169  LYS A CG   1 
ATOM   94   C CD   . LYS A 1 9   ? -3.141  11.657  -6.811  1.00 21.62 ? 169  LYS A CD   1 
ATOM   95   C CE   . LYS A 1 9   ? -2.055  12.698  -7.059  1.00 25.11 ? 169  LYS A CE   1 
ATOM   96   N NZ   . LYS A 1 9   ? -2.274  13.455  -8.325  1.00 27.41 ? 169  LYS A NZ   1 
ATOM   97   H H    . LYS A 1 9   ? -1.388  9.939   -3.218  1.00 0.00  ? 169  LYS A H    1 
ATOM   98   H HZ1  . LYS A 1 9   ? -3.189  13.953  -8.297  1.00 0.00  ? 169  LYS A HZ1  1 
ATOM   99   H HZ2  . LYS A 1 9   ? -2.293  12.767  -9.111  1.00 0.00  ? 169  LYS A HZ2  1 
ATOM   100  H HZ3  . LYS A 1 9   ? -1.492  14.124  -8.497  1.00 0.00  ? 169  LYS A HZ3  1 
ATOM   101  N N    . PRO A 1 10  ? -3.033  13.751  -2.129  1.00 13.70 ? 170  PRO A N    1 
ATOM   102  C CA   . PRO A 1 10  ? -3.728  14.296  -0.962  1.00 14.69 ? 170  PRO A CA   1 
ATOM   103  C C    . PRO A 1 10  ? -4.918  13.469  -0.465  1.00 17.06 ? 170  PRO A C    1 
ATOM   104  O O    . PRO A 1 10  ? -5.221  13.462  0.722   1.00 20.70 ? 170  PRO A O    1 
ATOM   105  C CB   . PRO A 1 10  ? -4.175  15.673  -1.453  1.00 16.61 ? 170  PRO A CB   1 
ATOM   106  C CG   . PRO A 1 10  ? -3.148  16.036  -2.479  1.00 15.67 ? 170  PRO A CG   1 
ATOM   107  C CD   . PRO A 1 10  ? -2.838  14.749  -3.182  1.00 13.99 ? 170  PRO A CD   1 
ATOM   108  N N    . LYS A 1 11  ? -5.613  12.793  -1.373  1.00 16.48 ? 171  LYS A N    1 
ATOM   109  C CA   . LYS A 1 11  ? -6.792  12.002  -1.024  1.00 17.13 ? 171  LYS A CA   1 
ATOM   110  C C    . LYS A 1 11  ? -6.608  11.101  0.218   1.00 17.17 ? 171  LYS A C    1 
ATOM   111  O O    . LYS A 1 11  ? -5.723  10.257  0.239   1.00 18.17 ? 171  LYS A O    1 
ATOM   112  C CB   . LYS A 1 11  ? -7.172  11.141  -2.225  1.00 19.57 ? 171  LYS A CB   1 
ATOM   113  C CG   . LYS A 1 11  ? -8.648  11.037  -2.490  1.00 23.96 ? 171  LYS A CG   1 
ATOM   114  C CD   . LYS A 1 11  ? -8.892  10.377  -3.838  1.00 26.57 ? 171  LYS A CD   1 
ATOM   115  C CE   . LYS A 1 11  ? -10.303 9.835   -3.931  1.00 29.17 ? 171  LYS A CE   1 
ATOM   116  N NZ   . LYS A 1 11  ? -10.656 9.070   -2.713  1.00 30.52 ? 171  LYS A NZ   1 
ATOM   117  H H    . LYS A 1 11  ? -5.273  12.797  -2.291  1.00 0.00  ? 171  LYS A H    1 
ATOM   118  H HZ1  . LYS A 1 11  ? -10.620 9.691   -1.875  1.00 0.00  ? 171  LYS A HZ1  1 
ATOM   119  H HZ2  . LYS A 1 11  ? -9.994  8.282   -2.546  1.00 0.00  ? 171  LYS A HZ2  1 
ATOM   120  H HZ3  . LYS A 1 11  ? -11.620 8.700   -2.775  1.00 0.00  ? 171  LYS A HZ3  1 
ATOM   121  N N    . GLY A 1 12  ? -7.461  11.256  1.224   1.00 15.20 ? 172  GLY A N    1 
ATOM   122  C CA   . GLY A 1 12  ? -7.394  10.377  2.391   1.00 13.77 ? 172  GLY A CA   1 
ATOM   123  C C    . GLY A 1 12  ? -6.281  10.662  3.388   1.00 12.75 ? 172  GLY A C    1 
ATOM   124  O O    . GLY A 1 12  ? -6.071  11.807  3.768   1.00 13.14 ? 172  GLY A O    1 
ATOM   125  H H    . GLY A 1 12  ? -8.199  11.892  1.119   1.00 0.00  ? 172  GLY A H    1 
ATOM   126  N N    . LEU A 1 13  ? -5.570  9.625   3.830   1.00 10.90 ? 173  LEU A N    1 
ATOM   127  C CA   . LEU A 1 13  ? -4.502  9.802   4.818   1.00 10.30 ? 173  LEU A CA   1 
ATOM   128  C C    . LEU A 1 13  ? -3.315  10.623  4.320   1.00 10.32 ? 173  LEU A C    1 
ATOM   129  O O    . LEU A 1 13  ? -2.544  11.147  5.118   1.00 11.08 ? 173  LEU A O    1 
ATOM   130  C CB   . LEU A 1 13  ? -3.992  8.448   5.311   1.00 11.07 ? 173  LEU A CB   1 
ATOM   131  C CG   . LEU A 1 13  ? -5.005  7.644   6.123   1.00 11.52 ? 173  LEU A CG   1 
ATOM   132  C CD1  . LEU A 1 13  ? -4.448  6.266   6.430   1.00 12.77 ? 173  LEU A CD1  1 
ATOM   133  C CD2  . LEU A 1 13  ? -5.325  8.396   7.407   1.00 13.15 ? 173  LEU A CD2  1 
ATOM   134  H H    . LEU A 1 13  ? -5.772  8.750   3.436   1.00 0.00  ? 173  LEU A H    1 
ATOM   135  N N    . GLY A 1 14  ? -3.140  10.696  2.998   1.00 10.71 ? 174  GLY A N    1 
ATOM   136  C CA   . GLY A 1 14  ? -2.112  11.558  2.430   1.00 11.46 ? 174  GLY A CA   1 
ATOM   137  C C    . GLY A 1 14  ? -2.174  12.999  2.931   1.00 13.38 ? 174  GLY A C    1 
ATOM   138  O O    . GLY A 1 14  ? -1.226  13.491  3.550   1.00 13.74 ? 174  GLY A O    1 
ATOM   139  H H    . GLY A 1 14  ? -3.707  10.168  2.398   1.00 0.00  ? 174  GLY A H    1 
ATOM   140  N N    . GLN A 1 15  ? -3.336  13.629  2.778   1.00 12.10 ? 175  GLN A N    1 
ATOM   141  C CA   . GLN A 1 15  ? -3.556  14.986  3.279   1.00 13.49 ? 175  GLN A CA   1 
ATOM   142  C C    . GLN A 1 15  ? -3.463  15.031  4.800   1.00 14.00 ? 175  GLN A C    1 
ATOM   143  O O    . GLN A 1 15  ? -2.756  15.864  5.366   1.00 15.65 ? 175  GLN A O    1 
ATOM   144  C CB   . GLN A 1 15  ? -4.934  15.495  2.845   1.00 17.10 ? 175  GLN A CB   1 
ATOM   145  C CG   . GLN A 1 15  ? -5.154  16.982  3.035   1.00 20.80 ? 175  GLN A CG   1 
ATOM   146  C CD   . GLN A 1 15  ? -4.198  17.805  2.209   1.00 25.47 ? 175  GLN A CD   1 
ATOM   147  O OE1  . GLN A 1 15  ? -3.047  17.978  2.586   1.00 28.37 ? 175  GLN A OE1  1 
ATOM   148  N NE2  . GLN A 1 15  ? -4.633  18.224  1.028   1.00 26.64 ? 175  GLN A NE2  1 
ATOM   149  H H    . GLN A 1 15  ? -4.064  13.147  2.333   1.00 0.00  ? 175  GLN A H    1 
ATOM   150  H HE21 . GLN A 1 15  ? -5.542  18.021  0.729   1.00 0.00  ? 175  GLN A HE21 1 
ATOM   151  H HE22 . GLN A 1 15  ? -3.935  18.643  0.495   1.00 0.00  ? 175  GLN A HE22 1 
ATOM   152  N N    . THR A 1 16  ? -4.115  14.079  5.452   1.00 13.36 ? 176  THR A N    1 
ATOM   153  C CA   . THR A 1 16  ? -4.236  14.079  6.909   1.00 13.26 ? 176  THR A CA   1 
ATOM   154  C C    . THR A 1 16  ? -2.898  13.988  7.621   1.00 14.47 ? 176  THR A C    1 
ATOM   155  O O    . THR A 1 16  ? -2.686  14.659  8.635   1.00 16.19 ? 176  THR A O    1 
ATOM   156  C CB   . THR A 1 16  ? -5.134  12.929  7.391   1.00 12.90 ? 176  THR A CB   1 
ATOM   157  O OG1  . THR A 1 16  ? -6.396  13.027  6.734   1.00 12.98 ? 176  THR A OG1  1 
ATOM   158  C CG2  . THR A 1 16  ? -5.367  13.000  8.891   1.00 10.76 ? 176  THR A CG2  1 
ATOM   159  H H    . THR A 1 16  ? -4.534  13.361  4.927   1.00 0.00  ? 176  THR A H    1 
ATOM   160  H HG1  . THR A 1 16  ? -6.796  13.858  7.007   1.00 0.00  ? 176  THR A HG1  1 
ATOM   161  N N    . LYS A 1 17  ? -1.989  13.187  7.065   1.00 13.81 ? 177  LYS A N    1 
ATOM   162  C CA   . LYS A 1 17  ? -0.678  12.940  7.669   1.00 14.65 ? 177  LYS A CA   1 
ATOM   163  C C    . LYS A 1 17  ? 0.466   13.634  6.919   1.00 15.05 ? 177  LYS A C    1 
ATOM   164  O O    . LYS A 1 17  ? 1.635   13.355  7.180   1.00 16.62 ? 177  LYS A O    1 
ATOM   165  C CB   . LYS A 1 17  ? -0.401  11.434  7.723   1.00 15.40 ? 177  LYS A CB   1 
ATOM   166  C CG   . LYS A 1 17  ? -1.434  10.618  8.498   1.00 18.19 ? 177  LYS A CG   1 
ATOM   167  C CD   . LYS A 1 17  ? -1.290  10.815  10.006  1.00 20.95 ? 177  LYS A CD   1 
ATOM   168  C CE   . LYS A 1 17  ? -2.378  10.070  10.781  1.00 21.75 ? 177  LYS A CE   1 
ATOM   169  N NZ   . LYS A 1 17  ? -2.262  10.308  12.250  1.00 23.35 ? 177  LYS A NZ   1 
ATOM   170  H H    . LYS A 1 17  ? -2.232  12.719  6.241   1.00 0.00  ? 177  LYS A H    1 
ATOM   171  H HZ1  . LYS A 1 17  ? -2.327  11.329  12.445  1.00 0.00  ? 177  LYS A HZ1  1 
ATOM   172  H HZ2  . LYS A 1 17  ? -1.335  9.965   12.578  1.00 0.00  ? 177  LYS A HZ2  1 
ATOM   173  H HZ3  . LYS A 1 17  ? -3.024  9.802   12.750  1.00 0.00  ? 177  LYS A HZ3  1 
ATOM   174  N N    . ASN A 1 18  ? 0.124   14.473  5.948   1.00 15.31 ? 178  ASN A N    1 
ATOM   175  C CA   . ASN A 1 18  ? 1.105   15.132  5.089   1.00 16.32 ? 178  ASN A CA   1 
ATOM   176  C C    . ASN A 1 18  ? 2.051   14.162  4.376   1.00 16.76 ? 178  ASN A C    1 
ATOM   177  O O    . ASN A 1 18  ? 3.218   14.475  4.129   1.00 18.58 ? 178  ASN A O    1 
ATOM   178  C CB   . ASN A 1 18  ? 1.906   16.167  5.893   1.00 18.84 ? 178  ASN A CB   1 
ATOM   179  C CG   . ASN A 1 18  ? 2.636   17.168  5.001   1.00 20.60 ? 178  ASN A CG   1 
ATOM   180  O OD1  . ASN A 1 18  ? 3.793   17.514  5.239   1.00 22.94 ? 178  ASN A OD1  1 
ATOM   181  N ND2  . ASN A 1 18  ? 1.955   17.663  3.978   1.00 18.53 ? 178  ASN A ND2  1 
ATOM   182  H H    . ASN A 1 18  ? -0.824  14.659  5.780   1.00 0.00  ? 178  ASN A H    1 
ATOM   183  H HD21 . ASN A 1 18  ? 1.037   17.312  3.870   1.00 0.00  ? 178  ASN A HD21 1 
ATOM   184  H HD22 . ASN A 1 18  ? 2.407   18.323  3.426   1.00 0.00  ? 178  ASN A HD22 1 
ATOM   185  N N    . LEU A 1 19  ? 1.523   13.015  3.968   1.00 14.41 ? 179  LEU A N    1 
ATOM   186  C CA   . LEU A 1 19  ? 2.298   12.067  3.181   1.00 13.77 ? 179  LEU A CA   1 
ATOM   187  C C    . LEU A 1 19  ? 1.929   12.237  1.711   1.00 14.04 ? 179  LEU A C    1 
ATOM   188  O O    . LEU A 1 19  ? 1.003   11.590  1.227   1.00 13.76 ? 179  LEU A O    1 
ATOM   189  C CB   . LEU A 1 19  ? 2.004   10.638  3.637   1.00 14.46 ? 179  LEU A CB   1 
ATOM   190  C CG   . LEU A 1 19  ? 2.443   10.308  5.072   1.00 16.51 ? 179  LEU A CG   1 
ATOM   191  C CD1  . LEU A 1 19  ? 1.884   8.951   5.496   1.00 18.35 ? 179  LEU A CD1  1 
ATOM   192  C CD2  . LEU A 1 19  ? 3.952   10.304  5.162   1.00 16.78 ? 179  LEU A CD2  1 
ATOM   193  H H    . LEU A 1 19  ? 0.577   12.850  4.147   1.00 0.00  ? 179  LEU A H    1 
ATOM   194  N N    . ILE A 1 20  ? 2.583   13.188  1.049   1.00 12.39 ? 180  ILE A N    1 
ATOM   195  C CA   . ILE A 1 20  ? 2.227   13.608  -0.310  1.00 11.18 ? 180  ILE A CA   1 
ATOM   196  C C    . ILE A 1 20  ? 3.486   13.721  -1.172  1.00 12.07 ? 180  ILE A C    1 
ATOM   197  O O    . ILE A 1 20  ? 4.485   14.290  -0.738  1.00 13.54 ? 180  ILE A O    1 
ATOM   198  C CB   . ILE A 1 20  ? 1.520   14.991  -0.289  1.00 11.98 ? 180  ILE A CB   1 
ATOM   199  C CG1  . ILE A 1 20  ? 0.212   14.887  0.496   1.00 11.12 ? 180  ILE A CG1  1 
ATOM   200  C CG2  . ILE A 1 20  ? 1.248   15.483  -1.717  1.00 12.85 ? 180  ILE A CG2  1 
ATOM   201  C CD1  . ILE A 1 20  ? -0.439  16.217  0.780   1.00 13.50 ? 180  ILE A CD1  1 
ATOM   202  H H    . ILE A 1 20  ? 3.366   13.606  1.475   1.00 0.00  ? 180  ILE A H    1 
ATOM   203  N N    . GLY A 1 21  ? 3.433   13.221  -2.405  1.00 10.20 ? 181  GLY A N    1 
ATOM   204  C CA   . GLY A 1 21  ? 4.584   13.338  -3.288  1.00 10.58 ? 181  GLY A CA   1 
ATOM   205  C C    . GLY A 1 21  ? 5.254   12.025  -3.641  1.00 10.34 ? 181  GLY A C    1 
ATOM   206  O O    . GLY A 1 21  ? 4.672   10.966  -3.452  1.00 11.85 ? 181  GLY A O    1 
ATOM   207  H H    . GLY A 1 21  ? 2.600   12.795  -2.706  1.00 0.00  ? 181  GLY A H    1 
ATOM   208  N N    . ILE A 1 22  ? 6.475   12.092  -4.164  1.00 11.12 ? 182  ILE A N    1 
ATOM   209  C CA   . ILE A 1 22  ? 7.178   10.895  -4.608  1.00 11.46 ? 182  ILE A CA   1 
ATOM   210  C C    . ILE A 1 22  ? 7.721   10.069  -3.432  1.00 11.90 ? 182  ILE A C    1 
ATOM   211  O O    . ILE A 1 22  ? 8.484   10.565  -2.589  1.00 10.67 ? 182  ILE A O    1 
ATOM   212  C CB   . ILE A 1 22  ? 8.351   11.230  -5.594  1.00 13.36 ? 182  ILE A CB   1 
ATOM   213  C CG1  . ILE A 1 22  ? 7.812   11.640  -6.967  1.00 14.58 ? 182  ILE A CG1  1 
ATOM   214  C CG2  . ILE A 1 22  ? 9.209   9.987   -5.847  1.00 11.81 ? 182  ILE A CG2  1 
ATOM   215  C CD1  . ILE A 1 22  ? 6.961   12.849  -6.972  1.00 17.22 ? 182  ILE A CD1  1 
ATOM   216  H H    . ILE A 1 22  ? 6.935   12.957  -4.153  1.00 0.00  ? 182  ILE A H    1 
ATOM   217  N N    . TYR A 1 23  ? 7.216   8.846   -3.323  1.00 10.11 ? 183  TYR A N    1 
ATOM   218  C CA   . TYR A 1 23  ? 7.707   7.878   -2.347  1.00 10.20 ? 183  TYR A CA   1 
ATOM   219  C C    . TYR A 1 23  ? 8.177   6.618   -3.043  1.00 12.10 ? 183  TYR A C    1 
ATOM   220  O O    . TYR A 1 23  ? 7.750   6.314   -4.161  1.00 11.56 ? 183  TYR A O    1 
ATOM   221  C CB   . TYR A 1 23  ? 6.608   7.502   -1.356  1.00 8.60  ? 183  TYR A CB   1 
ATOM   222  C CG   . TYR A 1 23  ? 6.367   8.551   -0.300  1.00 9.28  ? 183  TYR A CG   1 
ATOM   223  C CD1  . TYR A 1 23  ? 5.701   9.734   -0.610  1.00 11.01 ? 183  TYR A CD1  1 
ATOM   224  C CD2  . TYR A 1 23  ? 6.827   8.376   1.002   1.00 11.34 ? 183  TYR A CD2  1 
ATOM   225  C CE1  . TYR A 1 23  ? 5.504   10.712  0.346   1.00 11.46 ? 183  TYR A CE1  1 
ATOM   226  C CE2  . TYR A 1 23  ? 6.634   9.349   1.968   1.00 9.81  ? 183  TYR A CE2  1 
ATOM   227  C CZ   . TYR A 1 23  ? 5.971   10.509  1.631   1.00 10.86 ? 183  TYR A CZ   1 
ATOM   228  O OH   . TYR A 1 23  ? 5.743   11.468  2.580   1.00 12.72 ? 183  TYR A OH   1 
ATOM   229  H H    . TYR A 1 23  ? 6.453   8.619   -3.895  1.00 0.00  ? 183  TYR A H    1 
ATOM   230  H HH   . TYR A 1 23  ? 5.415   12.264  2.129   1.00 0.00  ? 183  TYR A HH   1 
ATOM   231  N N    . ARG A 1 24  ? 9.055   5.883   -2.380  1.00 12.82 ? 184  ARG A N    1 
ATOM   232  C CA   . ARG A 1 24  ? 9.248   4.497   -2.735  1.00 14.87 ? 184  ARG A CA   1 
ATOM   233  C C    . ARG A 1 24  ? 8.455   3.639   -1.778  1.00 14.99 ? 184  ARG A C    1 
ATOM   234  O O    . ARG A 1 24  ? 8.408   3.913   -0.583  1.00 14.33 ? 184  ARG A O    1 
ATOM   235  C CB   . ARG A 1 24  ? 10.720  4.125   -2.680  1.00 19.74 ? 184  ARG A CB   1 
ATOM   236  C CG   . ARG A 1 24  ? 11.470  4.569   -3.915  1.00 24.07 ? 184  ARG A CG   1 
ATOM   237  C CD   . ARG A 1 24  ? 12.918  4.162   -3.846  1.00 30.41 ? 184  ARG A CD   1 
ATOM   238  N NE   . ARG A 1 24  ? 13.756  5.093   -4.595  1.00 37.81 ? 184  ARG A NE   1 
ATOM   239  C CZ   . ARG A 1 24  ? 15.083  5.052   -4.615  1.00 41.52 ? 184  ARG A CZ   1 
ATOM   240  N NH1  . ARG A 1 24  ? 15.767  5.981   -5.281  1.00 43.12 ? 184  ARG A NH1  1 
ATOM   241  N NH2  . ARG A 1 24  ? 15.729  4.070   -3.992  1.00 42.78 ? 184  ARG A NH2  1 
ATOM   242  H H    . ARG A 1 24  ? 9.614   6.297   -1.692  1.00 0.00  ? 184  ARG A H    1 
ATOM   243  H HE   . ARG A 1 24  ? 13.320  5.793   -5.128  1.00 0.00  ? 184  ARG A HE   1 
ATOM   244  H HH11 . ARG A 1 24  ? 15.287  6.700   -5.787  1.00 0.00  ? 184  ARG A HH11 1 
ATOM   245  H HH12 . ARG A 1 24  ? 16.767  5.933   -5.318  1.00 0.00  ? 184  ARG A HH12 1 
ATOM   246  H HH21 . ARG A 1 24  ? 15.207  3.371   -3.505  1.00 0.00  ? 184  ARG A HH21 1 
ATOM   247  H HH22 . ARG A 1 24  ? 16.726  4.036   -4.017  1.00 0.00  ? 184  ARG A HH22 1 
ATOM   248  N N    . LEU A 1 25  ? 7.666   2.743   -2.343  1.00 13.70 ? 185  LEU A N    1 
ATOM   249  C CA   . LEU A 1 25  ? 6.886   1.814   -1.556  1.00 15.00 ? 185  LEU A CA   1 
ATOM   250  C C    . LEU A 1 25  ? 7.586   0.456   -1.618  1.00 14.52 ? 185  LEU A C    1 
ATOM   251  O O    . LEU A 1 25  ? 7.839   -0.078  -2.699  1.00 14.50 ? 185  LEU A O    1 
ATOM   252  C CB   . LEU A 1 25  ? 5.450   1.790   -2.101  1.00 14.73 ? 185  LEU A CB   1 
ATOM   253  C CG   . LEU A 1 25  ? 4.562   0.561   -2.266  1.00 19.86 ? 185  LEU A CG   1 
ATOM   254  C CD1  . LEU A 1 25  ? 4.692   -0.391  -1.117  1.00 21.36 ? 185  LEU A CD1  1 
ATOM   255  C CD2  . LEU A 1 25  ? 3.123   1.033   -2.383  1.00 20.48 ? 185  LEU A CD2  1 
ATOM   256  H H    . LEU A 1 25  ? 7.521   2.806   -3.301  1.00 0.00  ? 185  LEU A H    1 
ATOM   257  N N    . CYS A 1 26  ? 8.121   0.043   -0.473  1.00 13.75 ? 186  CYS A N    1 
ATOM   258  C CA   . CYS A 1 26  ? 8.909   -1.185  -0.383  1.00 15.31 ? 186  CYS A CA   1 
ATOM   259  C C    . CYS A 1 26  ? 8.131   -2.306  0.313   1.00 15.09 ? 186  CYS A C    1 
ATOM   260  O O    . CYS A 1 26  ? 7.714   -2.164  1.463   1.00 14.09 ? 186  CYS A O    1 
ATOM   261  C CB   . CYS A 1 26  ? 10.214  -0.921  0.374   1.00 15.00 ? 186  CYS A CB   1 
ATOM   262  S SG   . CYS A 1 26  ? 10.984  0.657   -0.026  1.00 19.00 ? 186  CYS A SG   1 
ATOM   263  H H    . CYS A 1 26  ? 7.907   0.581   0.328   1.00 0.00  ? 186  CYS A H    1 
ATOM   264  N N    . LEU A 1 27  ? 8.067   -3.456  -0.347  1.00 13.34 ? 187  LEU A N    1 
ATOM   265  C CA   . LEU A 1 27  ? 7.269   -4.589  0.117   1.00 12.22 ? 187  LEU A CA   1 
ATOM   266  C C    . LEU A 1 27  ? 8.145   -5.741  0.620   1.00 12.70 ? 187  LEU A C    1 
ATOM   267  O O    . LEU A 1 27  ? 9.017   -6.231  -0.095  1.00 13.40 ? 187  LEU A O    1 
ATOM   268  C CB   . LEU A 1 27  ? 6.382   -5.084  -1.027  1.00 12.01 ? 187  LEU A CB   1 
ATOM   269  C CG   . LEU A 1 27  ? 5.534   -6.333  -0.788  1.00 11.59 ? 187  LEU A CG   1 
ATOM   270  C CD1  . LEU A 1 27  ? 4.347   -5.979  0.091   1.00 11.41 ? 187  LEU A CD1  1 
ATOM   271  C CD2  . LEU A 1 27  ? 5.070   -6.906  -2.114  1.00 11.92 ? 187  LEU A CD2  1 
ATOM   272  H H    . LEU A 1 27  ? 8.527   -3.495  -1.209  1.00 0.00  ? 187  LEU A H    1 
ATOM   273  N N    . THR A 1 28  ? 7.927   -6.185  1.851   1.00 12.36 ? 188  THR A N    1 
ATOM   274  C CA   . THR A 1 28  ? 8.538   -7.436  2.296   1.00 12.94 ? 188  THR A CA   1 
ATOM   275  C C    . THR A 1 28  ? 7.436   -8.489  2.347   1.00 13.38 ? 188  THR A C    1 
ATOM   276  O O    . THR A 1 28  ? 6.354   -8.255  1.831   1.00 15.57 ? 188  THR A O    1 
ATOM   277  C CB   . THR A 1 28  ? 9.184   -7.303  3.697   1.00 12.40 ? 188  THR A CB   1 
ATOM   278  O OG1  . THR A 1 28  ? 8.171   -7.064  4.678   1.00 11.86 ? 188  THR A OG1  1 
ATOM   279  C CG2  . THR A 1 28  ? 10.176  -6.162  3.720   1.00 13.77 ? 188  THR A CG2  1 
ATOM   280  H H    . THR A 1 28  ? 7.321   -5.649  2.414   1.00 0.00  ? 188  THR A H    1 
ATOM   281  H HG1  . THR A 1 28  ? 7.454   -7.668  4.584   1.00 0.00  ? 188  THR A HG1  1 
ATOM   282  N N    . SER A 1 29  ? 7.664   -9.615  2.998   1.00 13.54 ? 189  SER A N    1 
ATOM   283  C CA   . SER A 1 29  ? 6.588   -10.601 3.126   1.00 12.51 ? 189  SER A CA   1 
ATOM   284  C C    . SER A 1 29  ? 5.613   -10.227 4.226   1.00 12.58 ? 189  SER A C    1 
ATOM   285  O O    . SER A 1 29  ? 4.554   -10.832 4.345   1.00 13.30 ? 189  SER A O    1 
ATOM   286  C CB   . SER A 1 29  ? 7.147   -11.980 3.420   1.00 13.56 ? 189  SER A CB   1 
ATOM   287  O OG   . SER A 1 29  ? 7.787   -11.982 4.677   1.00 18.17 ? 189  SER A OG   1 
ATOM   288  H H    . SER A 1 29  ? 8.536   -9.801  3.409   1.00 0.00  ? 189  SER A H    1 
ATOM   289  H HG   . SER A 1 29  ? 8.549   -11.384 4.731   1.00 0.00  ? 189  SER A HG   1 
ATOM   290  N N    . LYS A 1 30  ? 5.956   -9.216  5.022   1.00 12.05 ? 190  LYS A N    1 
ATOM   291  C CA   . LYS A 1 30  ? 5.111   -8.827  6.154   1.00 11.64 ? 190  LYS A CA   1 
ATOM   292  C C    . LYS A 1 30  ? 4.702   -7.349  6.203   1.00 10.25 ? 190  LYS A C    1 
ATOM   293  O O    . LYS A 1 30  ? 3.656   -7.013  6.753   1.00 10.10 ? 190  LYS A O    1 
ATOM   294  C CB   . LYS A 1 30  ? 5.786   -9.207  7.475   1.00 14.48 ? 190  LYS A CB   1 
ATOM   295  C CG   . LYS A 1 30  ? 6.083   -10.683 7.620   1.00 19.09 ? 190  LYS A CG   1 
ATOM   296  C CD   . LYS A 1 30  ? 6.836   -10.966 8.910   1.00 26.72 ? 190  LYS A CD   1 
ATOM   297  C CE   . LYS A 1 30  ? 7.618   -12.286 8.867   1.00 29.24 ? 190  LYS A CE   1 
ATOM   298  N NZ   . LYS A 1 30  ? 8.202   -12.637 10.205  1.00 31.37 ? 190  LYS A NZ   1 
ATOM   299  H H    . LYS A 1 30  ? 6.802   -8.785  4.815   1.00 0.00  ? 190  LYS A H    1 
ATOM   300  H HZ1  . LYS A 1 30  ? 7.456   -12.657 10.932  1.00 0.00  ? 190  LYS A HZ1  1 
ATOM   301  H HZ2  . LYS A 1 30  ? 8.895   -11.901 10.454  1.00 0.00  ? 190  LYS A HZ2  1 
ATOM   302  H HZ3  . LYS A 1 30  ? 8.744   -13.526 10.180  1.00 0.00  ? 190  LYS A HZ3  1 
ATOM   303  N N    . THR A 1 31  ? 5.520   -6.464  5.647   1.00 9.26  ? 191  THR A N    1 
ATOM   304  C CA   . THR A 1 31  ? 5.264   -5.031  5.758   1.00 9.17  ? 191  THR A CA   1 
ATOM   305  C C    . THR A 1 31  ? 5.440   -4.273  4.447   1.00 9.42  ? 191  THR A C    1 
ATOM   306  O O    . THR A 1 31  ? 6.094   -4.744  3.519   1.00 8.87  ? 191  THR A O    1 
ATOM   307  C CB   . THR A 1 31  ? 6.179   -4.359  6.798   1.00 8.85  ? 191  THR A CB   1 
ATOM   308  O OG1  . THR A 1 31  ? 7.525   -4.354  6.313   1.00 10.13 ? 191  THR A OG1  1 
ATOM   309  C CG2  . THR A 1 31  ? 6.121   -5.095  8.127   1.00 9.96  ? 191  THR A CG2  1 
ATOM   310  H H    . THR A 1 31  ? 6.231   -6.748  5.054   1.00 0.00  ? 191  THR A H    1 
ATOM   311  H HG1  . THR A 1 31  ? 7.831   -5.235  6.099   1.00 0.00  ? 191  THR A HG1  1 
ATOM   312  N N    . ILE A 1 32  ? 4.829   -3.098  4.405   1.00 10.75 ? 192  ILE A N    1 
ATOM   313  C CA   . ILE A 1 32  ? 5.000   -2.119  3.340   1.00 11.51 ? 192  ILE A CA   1 
ATOM   314  C C    . ILE A 1 32  ? 5.580   -0.863  3.993   1.00 12.16 ? 192  ILE A C    1 
ATOM   315  O O    . ILE A 1 32  ? 5.048   -0.380  4.994   1.00 12.00 ? 192  ILE A O    1 
ATOM   316  C CB   . ILE A 1 32  ? 3.631   -1.775  2.715   1.00 12.32 ? 192  ILE A CB   1 
ATOM   317  C CG1  . ILE A 1 32  ? 3.110   -2.966  1.905   1.00 12.59 ? 192  ILE A CG1  1 
ATOM   318  C CG2  . ILE A 1 32  ? 3.724   -0.531  1.862   1.00 12.52 ? 192  ILE A CG2  1 
ATOM   319  C CD1  . ILE A 1 32  ? 1.716   -2.759  1.331   1.00 12.74 ? 192  ILE A CD1  1 
ATOM   320  H H    . ILE A 1 32  ? 4.228   -2.862  5.134   1.00 0.00  ? 192  ILE A H    1 
ATOM   321  N N    . SER A 1 33  ? 6.678   -0.350  3.455   1.00 12.94 ? 193  SER A N    1 
ATOM   322  C CA   . SER A 1 33  ? 7.273   0.881   3.980   1.00 14.48 ? 193  SER A CA   1 
ATOM   323  C C    . SER A 1 33  ? 7.179   2.024   2.986   1.00 14.17 ? 193  SER A C    1 
ATOM   324  O O    . SER A 1 33  ? 7.291   1.817   1.786   1.00 15.79 ? 193  SER A O    1 
ATOM   325  C CB   . SER A 1 33  ? 8.734   0.651   4.351   1.00 15.59 ? 193  SER A CB   1 
ATOM   326  O OG   . SER A 1 33  ? 8.823   -0.342  5.350   1.00 19.99 ? 193  SER A OG   1 
ATOM   327  H H    . SER A 1 33  ? 7.064   -0.809  2.685   1.00 0.00  ? 193  SER A H    1 
ATOM   328  H HG   . SER A 1 33  ? 8.593   -1.166  4.895   1.00 0.00  ? 193  SER A HG   1 
ATOM   329  N N    . PHE A 1 34  ? 6.843   3.213   3.473   1.00 15.19 ? 194  PHE A N    1 
ATOM   330  C CA   . PHE A 1 34  ? 6.836   4.397   2.623   1.00 14.12 ? 194  PHE A CA   1 
ATOM   331  C C    . PHE A 1 34  ? 8.027   5.258   2.989   1.00 13.94 ? 194  PHE A C    1 
ATOM   332  O O    . PHE A 1 34  ? 8.183   5.651   4.149   1.00 11.59 ? 194  PHE A O    1 
ATOM   333  C CB   . PHE A 1 34  ? 5.540   5.198   2.802   1.00 17.19 ? 194  PHE A CB   1 
ATOM   334  C CG   . PHE A 1 34  ? 4.323   4.530   2.218   1.00 18.81 ? 194  PHE A CG   1 
ATOM   335  C CD1  . PHE A 1 34  ? 4.125   4.490   0.837   1.00 22.02 ? 194  PHE A CD1  1 
ATOM   336  C CD2  . PHE A 1 34  ? 3.372   3.954   3.044   1.00 21.22 ? 194  PHE A CD2  1 
ATOM   337  C CE1  . PHE A 1 34  ? 2.990   3.884   0.291   1.00 24.26 ? 194  PHE A CE1  1 
ATOM   338  C CE2  . PHE A 1 34  ? 2.228   3.345   2.511   1.00 23.96 ? 194  PHE A CE2  1 
ATOM   339  C CZ   . PHE A 1 34  ? 2.037   3.311   1.134   1.00 24.58 ? 194  PHE A CZ   1 
ATOM   340  H H    . PHE A 1 34  ? 6.489   3.259   4.387   1.00 0.00  ? 194  PHE A H    1 
ATOM   341  N N    . VAL A 1 35  ? 8.929   5.431   2.031   1.00 13.25 ? 195  VAL A N    1 
ATOM   342  C CA   . VAL A 1 35  ? 10.126  6.248   2.220   1.00 14.68 ? 195  VAL A CA   1 
ATOM   343  C C    . VAL A 1 35  ? 10.127  7.418   1.233   1.00 15.40 ? 195  VAL A C    1 
ATOM   344  O O    . VAL A 1 35  ? 10.183  7.210   0.010   1.00 13.89 ? 195  VAL A O    1 
ATOM   345  C CB   . VAL A 1 35  ? 11.420  5.434   1.983   1.00 14.69 ? 195  VAL A CB   1 
ATOM   346  C CG1  . VAL A 1 35  ? 12.636  6.300   2.292   1.00 15.69 ? 195  VAL A CG1  1 
ATOM   347  C CG2  . VAL A 1 35  ? 11.420  4.170   2.824   1.00 14.02 ? 195  VAL A CG2  1 
ATOM   348  H H    . VAL A 1 35  ? 8.771   4.968   1.173   1.00 0.00  ? 195  VAL A H    1 
ATOM   349  N N    . LYS A 1 36  ? 10.104  8.640   1.756   1.00 15.63 ? 196  LYS A N    1 
ATOM   350  C CA   . LYS A 1 36  ? 10.169  9.819   0.898   1.00 16.47 ? 196  LYS A CA   1 
ATOM   351  C C    . LYS A 1 36  ? 11.503  9.833   0.172   1.00 17.91 ? 196  LYS A C    1 
ATOM   352  O O    . LYS A 1 36  ? 12.534  9.454   0.730   1.00 18.36 ? 196  LYS A O    1 
ATOM   353  C CB   . LYS A 1 36  ? 10.010  11.113  1.702   1.00 14.49 ? 196  LYS A CB   1 
ATOM   354  C CG   . LYS A 1 36  ? 9.891   12.363  0.825   1.00 13.29 ? 196  LYS A CG   1 
ATOM   355  C CD   . LYS A 1 36  ? 8.533   12.416  0.149   1.00 15.63 ? 196  LYS A CD   1 
ATOM   356  C CE   . LYS A 1 36  ? 8.372   13.618  -0.773  1.00 14.73 ? 196  LYS A CE   1 
ATOM   357  N NZ   . LYS A 1 36  ? 9.213   13.482  -1.991  1.00 15.00 ? 196  LYS A NZ   1 
ATOM   358  H H    . LYS A 1 36  ? 10.076  8.664   2.724   1.00 0.00  ? 196  LYS A H    1 
ATOM   359  H HZ1  . LYS A 1 36  ? 9.031   12.608  -2.543  1.00 0.00  ? 196  LYS A HZ1  1 
ATOM   360  H HZ2  . LYS A 1 36  ? 10.166  13.358  -1.606  1.00 0.00  ? 196  LYS A HZ2  1 
ATOM   361  H HZ3  . LYS A 1 36  ? 9.217   14.335  -2.600  1.00 0.00  ? 196  LYS A HZ3  1 
ATOM   362  N N    . LEU A 1 37  ? 11.468  10.154  -1.112  1.00 19.84 ? 197  LEU A N    1 
ATOM   363  C CA   . LEU A 1 37  ? 12.690  10.230  -1.894  1.00 22.67 ? 197  LEU A CA   1 
ATOM   364  C C    . LEU A 1 37  ? 13.758  11.100  -1.196  1.00 23.07 ? 197  LEU A C    1 
ATOM   365  O O    . LEU A 1 37  ? 13.448  12.188  -0.694  1.00 22.85 ? 197  LEU A O    1 
ATOM   366  C CB   . LEU A 1 37  ? 12.364  10.795  -3.271  1.00 24.63 ? 197  LEU A CB   1 
ATOM   367  C CG   . LEU A 1 37  ? 13.376  10.452  -4.349  1.00 26.65 ? 197  LEU A CG   1 
ATOM   368  C CD1  . LEU A 1 37  ? 13.384  8.950   -4.582  1.00 29.14 ? 197  LEU A CD1  1 
ATOM   369  C CD2  . LEU A 1 37  ? 13.009  11.194  -5.614  1.00 29.05 ? 197  LEU A CD2  1 
ATOM   370  H H    . LEU A 1 37  ? 10.595  10.315  -1.524  1.00 0.00  ? 197  LEU A H    1 
ATOM   371  N N    . ASN A 1 38  ? 14.955  10.541  -1.031  1.00 22.29 ? 198  ASN A N    1 
ATOM   372  C CA   . ASN A 1 38  ? 16.098  11.200  -0.374  1.00 24.38 ? 198  ASN A CA   1 
ATOM   373  C C    . ASN A 1 38  ? 16.068  11.185  1.158   1.00 23.86 ? 198  ASN A C    1 
ATOM   374  O O    . ASN A 1 38  ? 16.967  11.713  1.820   1.00 22.54 ? 198  ASN A O    1 
ATOM   375  C CB   . ASN A 1 38  ? 16.265  12.648  -0.858  1.00 26.68 ? 198  ASN A CB   1 
ATOM   376  C CG   . ASN A 1 38  ? 16.486  12.740  -2.351  1.00 31.01 ? 198  ASN A CG   1 
ATOM   377  O OD1  . ASN A 1 38  ? 17.381  12.101  -2.901  1.00 34.14 ? 198  ASN A OD1  1 
ATOM   378  N ND2  . ASN A 1 38  ? 15.619  13.471  -3.027  1.00 32.22 ? 198  ASN A ND2  1 
ATOM   379  H H    . ASN A 1 38  ? 15.035  9.619   -1.360  1.00 0.00  ? 198  ASN A H    1 
ATOM   380  H HD21 . ASN A 1 38  ? 14.925  13.872  -2.493  1.00 0.00  ? 198  ASN A HD21 1 
ATOM   381  H HD22 . ASN A 1 38  ? 15.735  13.492  -3.993  1.00 0.00  ? 198  ASN A HD22 1 
ATOM   382  N N    . SER A 1 39  ? 15.020  10.615  1.731   1.00 22.56 ? 199  SER A N    1 
ATOM   383  C CA   . SER A 1 39  ? 14.971  10.469  3.179   1.00 21.55 ? 199  SER A CA   1 
ATOM   384  C C    . SER A 1 39  ? 15.697  9.201   3.638   1.00 22.53 ? 199  SER A C    1 
ATOM   385  O O    . SER A 1 39  ? 15.664  8.176   2.953   1.00 21.34 ? 199  SER A O    1 
ATOM   386  C CB   . SER A 1 39  ? 13.524  10.430  3.657   1.00 20.82 ? 199  SER A CB   1 
ATOM   387  O OG   . SER A 1 39  ? 13.465  10.101  5.033   1.00 21.28 ? 199  SER A OG   1 
ATOM   388  H H    . SER A 1 39  ? 14.256  10.325  1.189   1.00 0.00  ? 199  SER A H    1 
ATOM   389  H HG   . SER A 1 39  ? 13.705  9.190   5.188   1.00 0.00  ? 199  SER A HG   1 
ATOM   390  N N    . GLU A 1 40  ? 16.298  9.257   4.824   1.00 21.11 ? 200  GLU A N    1 
ATOM   391  C CA   . GLU A 1 40  ? 16.977  8.097   5.398   1.00 20.93 ? 200  GLU A CA   1 
ATOM   392  C C    . GLU A 1 40  ? 16.133  7.386   6.447   1.00 21.19 ? 200  GLU A C    1 
ATOM   393  O O    . GLU A 1 40  ? 16.619  6.513   7.166   1.00 21.05 ? 200  GLU A O    1 
ATOM   394  C CB   . GLU A 1 40  ? 18.303  8.514   6.015   1.00 22.08 ? 200  GLU A CB   1 
ATOM   395  C CG   . GLU A 1 40  ? 19.306  8.988   4.984   1.00 21.97 ? 200  GLU A CG   1 
ATOM   396  C CD   . GLU A 1 40  ? 20.728  8.614   5.329   1.00 22.82 ? 200  GLU A CD   1 
ATOM   397  O OE1  . GLU A 1 40  ? 20.997  8.120   6.429   1.00 20.93 ? 200  GLU A OE1  1 
ATOM   398  O OE2  . GLU A 1 40  ? 21.602  8.805   4.485   1.00 25.55 ? 200  GLU A OE2  1 
ATOM   399  H H    . GLU A 1 40  ? 16.304  10.094  5.321   1.00 0.00  ? 200  GLU A H    1 
ATOM   400  N N    . ALA A 1 41  ? 14.880  7.820   6.557   1.00 18.81 ? 201  ALA A N    1 
ATOM   401  C CA   . ALA A 1 41  ? 13.918  7.256   7.494   1.00 18.45 ? 201  ALA A CA   1 
ATOM   402  C C    . ALA A 1 41  ? 12.620  6.938   6.757   1.00 17.33 ? 201  ALA A C    1 
ATOM   403  O O    . ALA A 1 41  ? 12.240  7.657   5.828   1.00 17.81 ? 201  ALA A O    1 
ATOM   404  C CB   . ALA A 1 41  ? 13.646  8.249   8.618   1.00 17.93 ? 201  ALA A CB   1 
ATOM   405  H H    . ALA A 1 41  ? 14.602  8.518   5.963   1.00 0.00  ? 201  ALA A H    1 
ATOM   406  N N    . ALA A 1 42  ? 12.040  5.784   7.072   1.00 15.32 ? 202  ALA A N    1 
ATOM   407  C CA   . ALA A 1 42  ? 10.712  5.413   6.606   1.00 13.51 ? 202  ALA A CA   1 
ATOM   408  C C    . ALA A 1 42  ? 9.707   6.316   7.280   1.00 14.33 ? 202  ALA A C    1 
ATOM   409  O O    . ALA A 1 42  ? 9.770   6.523   8.496   1.00 15.71 ? 202  ALA A O    1 
ATOM   410  C CB   . ALA A 1 42  ? 10.422  3.961   6.959   1.00 12.81 ? 202  ALA A CB   1 
ATOM   411  H H    . ALA A 1 42  ? 12.515  5.102   7.554   1.00 0.00  ? 202  ALA A H    1 
ATOM   412  N N    . ALA A 1 43  ? 8.867   6.953   6.480   1.00 14.31 ? 203  ALA A N    1 
ATOM   413  C CA   . ALA A 1 43  ? 7.832   7.822   7.016   1.00 14.28 ? 203  ALA A CA   1 
ATOM   414  C C    . ALA A 1 43  ? 6.775   7.005   7.762   1.00 15.11 ? 203  ALA A C    1 
ATOM   415  O O    . ALA A 1 43  ? 6.294   7.397   8.823   1.00 16.64 ? 203  ALA A O    1 
ATOM   416  C CB   . ALA A 1 43  ? 7.202   8.602   5.893   1.00 13.38 ? 203  ALA A CB   1 
ATOM   417  H H    . ALA A 1 43  ? 8.966   6.856   5.511   1.00 0.00  ? 203  ALA A H    1 
ATOM   418  N N    . VAL A 1 44  ? 6.414   5.862   7.190   1.00 14.15 ? 204  VAL A N    1 
ATOM   419  C CA   . VAL A 1 44  ? 5.494   4.933   7.832   1.00 13.85 ? 204  VAL A CA   1 
ATOM   420  C C    . VAL A 1 44  ? 5.764   3.497   7.363   1.00 11.79 ? 204  VAL A C    1 
ATOM   421  O O    . VAL A 1 44  ? 6.250   3.281   6.249   1.00 8.99  ? 204  VAL A O    1 
ATOM   422  C CB   . VAL A 1 44  ? 4.005   5.334   7.567   1.00 15.31 ? 204  VAL A CB   1 
ATOM   423  C CG1  . VAL A 1 44  ? 3.802   5.722   6.126   1.00 16.37 ? 204  VAL A CG1  1 
ATOM   424  C CG2  . VAL A 1 44  ? 3.077   4.194   7.938   1.00 18.61 ? 204  VAL A CG2  1 
ATOM   425  H H    . VAL A 1 44  ? 6.775   5.640   6.309   1.00 0.00  ? 204  VAL A H    1 
ATOM   426  N N    . VAL A 1 45  ? 5.703   2.568   8.314   1.00 10.98 ? 205  VAL A N    1 
ATOM   427  C CA   . VAL A 1 45  ? 5.815   1.135   8.039   1.00 10.74 ? 205  VAL A CA   1 
ATOM   428  C C    . VAL A 1 45  ? 4.486   0.442   8.404   1.00 11.13 ? 205  VAL A C    1 
ATOM   429  O O    . VAL A 1 45  ? 4.028   0.523   9.550   1.00 11.43 ? 205  VAL A O    1 
ATOM   430  C CB   . VAL A 1 45  ? 6.977   0.494   8.854   1.00 11.35 ? 205  VAL A CB   1 
ATOM   431  C CG1  . VAL A 1 45  ? 7.058   -0.995  8.576   1.00 10.88 ? 205  VAL A CG1  1 
ATOM   432  C CG2  . VAL A 1 45  ? 8.303   1.156   8.506   1.00 10.52 ? 205  VAL A CG2  1 
ATOM   433  H H    . VAL A 1 45  ? 5.634   2.888   9.229   1.00 0.00  ? 205  VAL A H    1 
ATOM   434  N N    . LEU A 1 46  ? 3.793   -0.069  7.390   1.00 9.22  ? 206  LEU A N    1 
ATOM   435  C CA   . LEU A 1 46  ? 2.490   -0.718  7.567   1.00 10.71 ? 206  LEU A CA   1 
ATOM   436  C C    . LEU A 1 46  ? 2.617   -2.230  7.554   1.00 8.04  ? 206  LEU A C    1 
ATOM   437  O O    . LEU A 1 46  ? 3.318   -2.795  6.728   1.00 8.85  ? 206  LEU A O    1 
ATOM   438  C CB   . LEU A 1 46  ? 1.525   -0.307  6.451   1.00 12.04 ? 206  LEU A CB   1 
ATOM   439  C CG   . LEU A 1 46  ? 0.966   1.114   6.424   1.00 15.23 ? 206  LEU A CG   1 
ATOM   440  C CD1  . LEU A 1 46  ? 0.276   1.321   5.083   1.00 16.35 ? 206  LEU A CD1  1 
ATOM   441  C CD2  . LEU A 1 46  ? -0.009  1.341   7.581   1.00 17.87 ? 206  LEU A CD2  1 
ATOM   442  H H    . LEU A 1 46  ? 4.202   0.022   6.502   1.00 0.00  ? 206  LEU A H    1 
ATOM   443  N N    . GLN A 1 47  ? 1.906   -2.890  8.458   1.00 8.39  ? 207  GLN A N    1 
ATOM   444  C CA   . GLN A 1 47  ? 1.797   -4.341  8.420   1.00 8.17  ? 207  GLN A CA   1 
ATOM   445  C C    . GLN A 1 47  ? 0.714   -4.759  7.424   1.00 8.92  ? 207  GLN A C    1 
ATOM   446  O O    . GLN A 1 47  ? -0.392  -4.208  7.446   1.00 7.37  ? 207  GLN A O    1 
ATOM   447  C CB   . GLN A 1 47  ? 1.445   -4.864  9.813   1.00 8.34  ? 207  GLN A CB   1 
ATOM   448  C CG   . GLN A 1 47  ? 2.575   -4.729  10.794  1.00 11.17 ? 207  GLN A CG   1 
ATOM   449  C CD   . GLN A 1 47  ? 2.185   -5.171  12.184  1.00 13.15 ? 207  GLN A CD   1 
ATOM   450  O OE1  . GLN A 1 47  ? 1.927   -4.348  13.064  1.00 13.92 ? 207  GLN A OE1  1 
ATOM   451  N NE2  . GLN A 1 47  ? 2.149   -6.465  12.397  1.00 8.81  ? 207  GLN A NE2  1 
ATOM   452  H H    . GLN A 1 47  ? 1.488   -2.403  9.193   1.00 0.00  ? 207  GLN A H    1 
ATOM   453  H HE21 . GLN A 1 47  ? 2.356   -7.099  11.684  1.00 0.00  ? 207  GLN A HE21 1 
ATOM   454  H HE22 . GLN A 1 47  ? 1.908   -6.602  13.322  1.00 0.00  ? 207  GLN A HE22 1 
ATOM   455  N N    . LEU A 1 48  ? 0.995   -5.773  6.606   1.00 8.11  ? 208  LEU A N    1 
ATOM   456  C CA   . LEU A 1 48  ? -0.030  -6.314  5.713   1.00 8.98  ? 208  LEU A CA   1 
ATOM   457  C C    . LEU A 1 48  ? -1.306  -6.730  6.443   1.00 9.68  ? 208  LEU A C    1 
ATOM   458  O O    . LEU A 1 48  ? -2.391  -6.603  5.892   1.00 10.30 ? 208  LEU A O    1 
ATOM   459  C CB   . LEU A 1 48  ? 0.498   -7.515  4.927   1.00 9.89  ? 208  LEU A CB   1 
ATOM   460  C CG   . LEU A 1 48  ? 1.580   -7.262  3.880   1.00 10.74 ? 208  LEU A CG   1 
ATOM   461  C CD1  . LEU A 1 48  ? 1.842   -8.544  3.131   1.00 12.54 ? 208  LEU A CD1  1 
ATOM   462  C CD2  . LEU A 1 48  ? 1.155   -6.153  2.933   1.00 9.26  ? 208  LEU A CD2  1 
ATOM   463  H H    . LEU A 1 48  ? 1.925   -6.112  6.574   1.00 0.00  ? 208  LEU A H    1 
ATOM   464  N N    . MET A 1 49  ? -1.172  -7.199  7.691   1.00 8.84  ? 209  MET A N    1 
ATOM   465  C CA   . MET A 1 49  ? -2.319  -7.683  8.480   1.00 10.77 ? 209  MET A CA   1 
ATOM   466  C C    . MET A 1 49  ? -3.292  -6.583  8.917   1.00 10.54 ? 209  MET A C    1 
ATOM   467  O O    . MET A 1 49  ? -4.384  -6.858  9.399   1.00 11.36 ? 209  MET A O    1 
ATOM   468  C CB   . MET A 1 49  ? -1.834  -8.451  9.720   1.00 11.41 ? 209  MET A CB   1 
ATOM   469  C CG   . MET A 1 49  ? -1.402  -7.573  10.873  1.00 15.06 ? 209  MET A CG   1 
ATOM   470  S SD   . MET A 1 49  ? -0.862  -8.513  12.296  1.00 22.00 ? 209  MET A SD   1 
ATOM   471  C CE   . MET A 1 49  ? -2.423  -8.983  12.990  1.00 20.18 ? 209  MET A CE   1 
ATOM   472  H H    . MET A 1 49  ? -0.267  -7.323  8.039   1.00 0.00  ? 209  MET A H    1 
ATOM   473  N N    . ASN A 1 50  ? -2.861  -5.334  8.795   1.00 10.17 ? 210  ASN A N    1 
ATOM   474  C CA   . ASN A 1 50  ? -3.721  -4.208  9.131   1.00 10.05 ? 210  ASN A CA   1 
ATOM   475  C C    . ASN A 1 50  ? -4.296  -3.498  7.912   1.00 10.08 ? 210  ASN A C    1 
ATOM   476  O O    . ASN A 1 50  ? -4.993  -2.492  8.035   1.00 10.76 ? 210  ASN A O    1 
ATOM   477  C CB   . ASN A 1 50  ? -2.956  -3.219  10.001  1.00 8.95  ? 210  ASN A CB   1 
ATOM   478  C CG   . ASN A 1 50  ? -2.744  -3.739  11.391  1.00 9.64  ? 210  ASN A CG   1 
ATOM   479  O OD1  . ASN A 1 50  ? -3.660  -4.280  12.001  1.00 10.01 ? 210  ASN A OD1  1 
ATOM   480  N ND2  . ASN A 1 50  ? -1.556  -3.534  11.915  1.00 12.36 ? 210  ASN A ND2  1 
ATOM   481  H H    . ASN A 1 50  ? -1.931  -5.174  8.525   1.00 0.00  ? 210  ASN A H    1 
ATOM   482  H HD21 . ASN A 1 50  ? -0.897  -3.038  11.400  1.00 0.00  ? 210  ASN A HD21 1 
ATOM   483  H HD22 . ASN A 1 50  ? -1.385  -3.846  12.826  1.00 0.00  ? 210  ASN A HD22 1 
ATOM   484  N N    . ILE A 1 51  ? -4.071  -4.076  6.730   1.00 8.78  ? 211  ILE A N    1 
ATOM   485  C CA   . ILE A 1 51  ? -4.697  -3.574  5.515   1.00 9.79  ? 211  ILE A CA   1 
ATOM   486  C C    . ILE A 1 51  ? -6.018  -4.309  5.284   1.00 8.84  ? 211  ILE A C    1 
ATOM   487  O O    . ILE A 1 51  ? -6.033  -5.538  5.198   1.00 8.64  ? 211  ILE A O    1 
ATOM   488  C CB   . ILE A 1 51  ? -3.806  -3.818  4.282   1.00 10.52 ? 211  ILE A CB   1 
ATOM   489  C CG1  . ILE A 1 51  ? -2.436  -3.158  4.461   1.00 11.02 ? 211  ILE A CG1  1 
ATOM   490  C CG2  . ILE A 1 51  ? -4.499  -3.295  3.037   1.00 9.30  ? 211  ILE A CG2  1 
ATOM   491  C CD1  . ILE A 1 51  ? -1.554  -3.308  3.241   1.00 11.13 ? 211  ILE A CD1  1 
ATOM   492  H H    . ILE A 1 51  ? -3.516  -4.885  6.706   1.00 0.00  ? 211  ILE A H    1 
ATOM   493  N N    . ARG A 1 52  ? -7.113  -3.561  5.173   1.00 7.79  ? 212  ARG A N    1 
ATOM   494  C CA   . ARG A 1 52  ? -8.436  -4.158  4.959   1.00 10.32 ? 212  ARG A CA   1 
ATOM   495  C C    . ARG A 1 52  ? -8.590  -4.624  3.518   1.00 10.14 ? 212  ARG A C    1 
ATOM   496  O O    . ARG A 1 52  ? -8.958  -5.765  3.248   1.00 10.95 ? 212  ARG A O    1 
ATOM   497  C CB   . ARG A 1 52  ? -9.547  -3.143  5.266   1.00 13.73 ? 212  ARG A CB   1 
ATOM   498  C CG   . ARG A 1 52  ? -9.687  -2.736  6.729   1.00 18.08 ? 212  ARG A CG   1 
ATOM   499  C CD   . ARG A 1 52  ? -10.888 -1.822  6.944   1.00 20.80 ? 212  ARG A CD   1 
ATOM   500  N NE   . ARG A 1 52  ? -11.161 -1.574  8.366   1.00 25.38 ? 212  ARG A NE   1 
ATOM   501  C CZ   . ARG A 1 52  ? -11.423 -0.379  8.898   1.00 26.54 ? 212  ARG A CZ   1 
ATOM   502  N NH1  . ARG A 1 52  ? -11.658 -0.278  10.198  1.00 26.97 ? 212  ARG A NH1  1 
ATOM   503  N NH2  . ARG A 1 52  ? -11.372 0.724   8.157   1.00 26.44 ? 212  ARG A NH2  1 
ATOM   504  H H    . ARG A 1 52  ? -7.017  -2.590  5.246   1.00 0.00  ? 212  ARG A H    1 
ATOM   505  H HE   . ARG A 1 52  ? -11.153 -2.345  8.970   1.00 0.00  ? 212  ARG A HE   1 
ATOM   506  H HH11 . ARG A 1 52  ? -11.650 -1.098  10.770  1.00 0.00  ? 212  ARG A HH11 1 
ATOM   507  H HH12 . ARG A 1 52  ? -11.827 0.615   10.612  1.00 0.00  ? 212  ARG A HH12 1 
ATOM   508  H HH21 . ARG A 1 52  ? -11.093 0.672   7.199   1.00 0.00  ? 212  ARG A HH21 1 
ATOM   509  H HH22 . ARG A 1 52  ? -11.518 1.612   8.591   1.00 0.00  ? 212  ARG A HH22 1 
ATOM   510  N N    . ARG A 1 53  ? -8.264  -3.731  2.595   1.00 11.10 ? 213  ARG A N    1 
ATOM   511  C CA   . ARG A 1 53  ? -8.502  -3.927  1.163   1.00 12.21 ? 213  ARG A CA   1 
ATOM   512  C C    . ARG A 1 53  ? -7.370  -3.266  0.383   1.00 11.93 ? 213  ARG A C    1 
ATOM   513  O O    . ARG A 1 53  ? -6.832  -2.235  0.798   1.00 11.30 ? 213  ARG A O    1 
ATOM   514  C CB   . ARG A 1 53  ? -9.824  -3.268  0.735   1.00 15.71 ? 213  ARG A CB   1 
ATOM   515  C CG   . ARG A 1 53  ? -11.055 -4.130  0.895   1.00 24.29 ? 213  ARG A CG   1 
ATOM   516  C CD   . ARG A 1 53  ? -12.310 -3.273  0.991   1.00 28.96 ? 213  ARG A CD   1 
ATOM   517  N NE   . ARG A 1 53  ? -12.406 -2.302  -0.089  1.00 35.25 ? 213  ARG A NE   1 
ATOM   518  C CZ   . ARG A 1 53  ? -13.306 -1.332  -0.151  1.00 39.85 ? 213  ARG A CZ   1 
ATOM   519  N NH1  . ARG A 1 53  ? -13.300 -0.520  -1.196  1.00 40.91 ? 213  ARG A NH1  1 
ATOM   520  N NH2  . ARG A 1 53  ? -14.220 -1.159  0.809   1.00 40.88 ? 213  ARG A NH2  1 
ATOM   521  H H    . ARG A 1 53  ? -7.799  -2.925  2.901   1.00 0.00  ? 213  ARG A H    1 
ATOM   522  H HE   . ARG A 1 53  ? -11.725 -2.389  -0.804  1.00 0.00  ? 213  ARG A HE   1 
ATOM   523  H HH11 . ARG A 1 53  ? -12.650 -0.708  -1.945  1.00 0.00  ? 213  ARG A HH11 1 
ATOM   524  H HH12 . ARG A 1 53  ? -14.021 0.162   -1.286  1.00 0.00  ? 213  ARG A HH12 1 
ATOM   525  H HH21 . ARG A 1 53  ? -14.296 -1.756  1.614   1.00 0.00  ? 213  ARG A HH21 1 
ATOM   526  H HH22 . ARG A 1 53  ? -14.869 -0.408  0.726   1.00 0.00  ? 213  ARG A HH22 1 
ATOM   527  N N    . CYS A 1 54  ? -7.150  -3.744  -0.829  1.00 11.53 ? 214  CYS A N    1 
ATOM   528  C CA   . CYS A 1 54  ? -6.404  -2.969  -1.812  1.00 11.24 ? 214  CYS A CA   1 
ATOM   529  C C    . CYS A 1 54  ? -7.032  -3.111  -3.194  1.00 10.65 ? 214  CYS A C    1 
ATOM   530  O O    . CYS A 1 54  ? -7.972  -3.875  -3.389  1.00 10.37 ? 214  CYS A O    1 
ATOM   531  C CB   . CYS A 1 54  ? -4.929  -3.387  -1.842  1.00 11.78 ? 214  CYS A CB   1 
ATOM   532  S SG   . CYS A 1 54  ? -4.606  -5.036  -2.487  1.00 15.56 ? 214  CYS A SG   1 
ATOM   533  H H    . CYS A 1 54  ? -7.549  -4.608  -1.075  1.00 0.00  ? 214  CYS A H    1 
ATOM   534  N N    . GLY A 1 55  ? -6.619  -2.257  -4.119  1.00 10.01 ? 215  GLY A N    1 
ATOM   535  C CA   . GLY A 1 55  ? -7.201  -2.321  -5.439  1.00 9.48  ? 215  GLY A CA   1 
ATOM   536  C C    . GLY A 1 55  ? -6.637  -1.251  -6.341  1.00 8.93  ? 215  GLY A C    1 
ATOM   537  O O    . GLY A 1 55  ? -5.724  -0.523  -5.962  1.00 8.48  ? 215  GLY A O    1 
ATOM   538  H H    . GLY A 1 55  ? -5.978  -1.546  -3.878  1.00 0.00  ? 215  GLY A H    1 
ATOM   539  N N    . HIS A 1 56  ? -7.155  -1.187  -7.558  1.00 8.10  ? 216  HIS A N    1 
ATOM   540  C CA   . HIS A 1 56  ? -6.696  -0.185  -8.512  1.00 8.51  ? 216  HIS A CA   1 
ATOM   541  C C    . HIS A 1 56  ? -7.794  0.246   -9.473  1.00 9.59  ? 216  HIS A C    1 
ATOM   542  O O    . HIS A 1 56  ? -8.789  -0.461  -9.676  1.00 10.44 ? 216  HIS A O    1 
ATOM   543  C CB   . HIS A 1 56  ? -5.482  -0.701  -9.305  1.00 7.68  ? 216  HIS A CB   1 
ATOM   544  C CG   . HIS A 1 56  ? -5.832  -1.632  -10.432 1.00 7.78  ? 216  HIS A CG   1 
ATOM   545  N ND1  . HIS A 1 56  ? -6.055  -2.974  -10.231 1.00 8.29  ? 216  HIS A ND1  1 
ATOM   546  C CD2  . HIS A 1 56  ? -5.994  -1.396  -11.750 1.00 9.09  ? 216  HIS A CD2  1 
ATOM   547  C CE1  . HIS A 1 56  ? -6.364  -3.536  -11.402 1.00 8.10  ? 216  HIS A CE1  1 
ATOM   548  N NE2  . HIS A 1 56  ? -6.331  -2.616  -12.332 1.00 10.39 ? 216  HIS A NE2  1 
ATOM   549  H H    . HIS A 1 56  ? -7.913  -1.774  -7.764  1.00 0.00  ? 216  HIS A H    1 
ATOM   550  H HD1  . HIS A 1 56  ? -5.700  -3.429  -9.456  1.00 0.00  ? 216  HIS A HD1  1 
ATOM   551  H HE2  . HIS A 1 56  ? -6.560  -2.699  -13.283 1.00 0.00  ? 216  HIS A HE2  1 
ATOM   552  N N    . SER A 1 57  ? -7.544  1.361   -10.142 1.00 9.76  ? 217  SER A N    1 
ATOM   553  C CA   . SER A 1 57  ? -8.441  1.892   -11.148 1.00 8.69  ? 217  SER A CA   1 
ATOM   554  C C    . SER A 1 57  ? -7.575  2.650   -12.135 1.00 9.24  ? 217  SER A C    1 
ATOM   555  O O    . SER A 1 57  ? -6.975  3.658   -11.777 1.00 9.68  ? 217  SER A O    1 
ATOM   556  C CB   . SER A 1 57  ? -9.452  2.835   -10.506 1.00 8.71  ? 217  SER A CB   1 
ATOM   557  O OG   . SER A 1 57  ? -10.326 3.371   -11.476 1.00 10.65 ? 217  SER A OG   1 
ATOM   558  H H    . SER A 1 57  ? -6.737  1.875   -9.908  1.00 0.00  ? 217  SER A H    1 
ATOM   559  H HG   . SER A 1 57  ? -10.698 2.622   -11.919 1.00 0.00  ? 217  SER A HG   1 
ATOM   560  N N    . GLU A 1 58  ? -7.364  2.056   -13.307 1.00 8.96  ? 218  GLU A N    1 
ATOM   561  C CA   . GLU A 1 58  ? -6.433  2.596   -14.297 1.00 8.25  ? 218  GLU A CA   1 
ATOM   562  C C    . GLU A 1 58  ? -5.051  2.798   -13.672 1.00 9.33  ? 218  GLU A C    1 
ATOM   563  O O    . GLU A 1 58  ? -4.504  1.847   -13.119 1.00 8.43  ? 218  GLU A O    1 
ATOM   564  C CB   . GLU A 1 58  ? -6.999  3.887   -14.885 1.00 9.70  ? 218  GLU A CB   1 
ATOM   565  C CG   . GLU A 1 58  ? -8.436  3.693   -15.364 1.00 10.99 ? 218  GLU A CG   1 
ATOM   566  C CD   . GLU A 1 58  ? -8.989  4.876   -16.103 1.00 14.78 ? 218  GLU A CD   1 
ATOM   567  O OE1  . GLU A 1 58  ? -8.893  6.010   -15.602 1.00 14.91 ? 218  GLU A OE1  1 
ATOM   568  O OE2  . GLU A 1 58  ? -9.539  4.666   -17.195 1.00 18.64 ? 218  GLU A OE2  1 
ATOM   569  H H    . GLU A 1 58  ? -7.865  1.245   -13.512 1.00 0.00  ? 218  GLU A H    1 
ATOM   570  N N    . ASN A 1 59  ? -4.524  4.022   -13.654 1.00 7.75  ? 219  ASN A N    1 
ATOM   571  C CA   . ASN A 1 59  ? -3.164  4.253   -13.138 1.00 7.95  ? 219  ASN A CA   1 
ATOM   572  C C    . ASN A 1 59  ? -3.091  4.639   -11.655 1.00 9.87  ? 219  ASN A C    1 
ATOM   573  O O    . ASN A 1 59  ? -2.106  5.255   -11.222 1.00 11.21 ? 219  ASN A O    1 
ATOM   574  C CB   . ASN A 1 59  ? -2.440  5.317   -13.973 1.00 8.49  ? 219  ASN A CB   1 
ATOM   575  C CG   . ASN A 1 59  ? -3.114  6.670   -13.912 1.00 9.55  ? 219  ASN A CG   1 
ATOM   576  O OD1  . ASN A 1 59  ? -4.305  6.783   -14.152 1.00 11.84 ? 219  ASN A OD1  1 
ATOM   577  N ND2  . ASN A 1 59  ? -2.357  7.707   -13.594 1.00 9.59  ? 219  ASN A ND2  1 
ATOM   578  H H    . ASN A 1 59  ? -5.043  4.808   -13.962 1.00 0.00  ? 219  ASN A H    1 
ATOM   579  H HD21 . ASN A 1 59  ? -1.422  7.526   -13.375 1.00 0.00  ? 219  ASN A HD21 1 
ATOM   580  H HD22 . ASN A 1 59  ? -2.826  8.574   -13.576 1.00 0.00  ? 219  ASN A HD22 1 
ATOM   581  N N    . PHE A 1 60  ? -4.106  4.266   -10.889 1.00 8.62  ? 220  PHE A N    1 
ATOM   582  C CA   . PHE A 1 60  ? -4.168  4.560   -9.458  1.00 9.45  ? 220  PHE A CA   1 
ATOM   583  C C    . PHE A 1 60  ? -4.256  3.275   -8.636  1.00 9.05  ? 220  PHE A C    1 
ATOM   584  O O    . PHE A 1 60  ? -4.993  2.356   -8.975  1.00 10.14 ? 220  PHE A O    1 
ATOM   585  C CB   . PHE A 1 60  ? -5.381  5.440   -9.148  1.00 9.92  ? 220  PHE A CB   1 
ATOM   586  C CG   . PHE A 1 60  ? -5.251  6.836   -9.652  1.00 11.19 ? 220  PHE A CG   1 
ATOM   587  C CD1  . PHE A 1 60  ? -4.560  7.785   -8.920  1.00 12.74 ? 220  PHE A CD1  1 
ATOM   588  C CD2  . PHE A 1 60  ? -5.760  7.188   -10.895 1.00 15.52 ? 220  PHE A CD2  1 
ATOM   589  C CE1  . PHE A 1 60  ? -4.367  9.075   -9.425  1.00 16.70 ? 220  PHE A CE1  1 
ATOM   590  C CE2  . PHE A 1 60  ? -5.577  8.475   -11.414 1.00 14.12 ? 220  PHE A CE2  1 
ATOM   591  C CZ   . PHE A 1 60  ? -4.876  9.418   -10.679 1.00 15.68 ? 220  PHE A CZ   1 
ATOM   592  H H    . PHE A 1 60  ? -4.880  3.836   -11.303 1.00 0.00  ? 220  PHE A H    1 
ATOM   593  N N    . PHE A 1 61  ? -3.511  3.224   -7.548  1.00 9.81  ? 221  PHE A N    1 
ATOM   594  C CA   . PHE A 1 61  ? -3.547  2.084   -6.638  1.00 9.53  ? 221  PHE A CA   1 
ATOM   595  C C    . PHE A 1 61  ? -3.940  2.601   -5.252  1.00 9.92  ? 221  PHE A C    1 
ATOM   596  O O    . PHE A 1 61  ? -3.541  3.707   -4.864  1.00 8.45  ? 221  PHE A O    1 
ATOM   597  C CB   . PHE A 1 61  ? -2.160  1.440   -6.597  1.00 10.70 ? 221  PHE A CB   1 
ATOM   598  C CG   . PHE A 1 61  ? -2.051  0.298   -5.634  1.00 11.56 ? 221  PHE A CG   1 
ATOM   599  C CD1  . PHE A 1 61  ? -2.684  -0.909  -5.901  1.00 10.05 ? 221  PHE A CD1  1 
ATOM   600  C CD2  . PHE A 1 61  ? -1.323  0.434   -4.453  1.00 10.40 ? 221  PHE A CD2  1 
ATOM   601  C CE1  . PHE A 1 61  ? -2.612  -1.963  -5.005  1.00 10.95 ? 221  PHE A CE1  1 
ATOM   602  C CE2  . PHE A 1 61  ? -1.235  -0.616  -3.558  1.00 11.42 ? 221  PHE A CE2  1 
ATOM   603  C CZ   . PHE A 1 61  ? -1.888  -1.820  -3.833  1.00 10.50 ? 221  PHE A CZ   1 
ATOM   604  H H    . PHE A 1 61  ? -2.950  4.008   -7.347  1.00 0.00  ? 221  PHE A H    1 
ATOM   605  N N    . PHE A 1 62  ? -4.817  1.872   -4.563  1.00 9.51  ? 222  PHE A N    1 
ATOM   606  C CA   . PHE A 1 62  ? -5.201  2.247   -3.201  1.00 9.38  ? 222  PHE A CA   1 
ATOM   607  C C    . PHE A 1 62  ? -5.017  1.149   -2.172  1.00 9.57  ? 222  PHE A C    1 
ATOM   608  O O    . PHE A 1 62  ? -5.115  -0.046  -2.472  1.00 7.22  ? 222  PHE A O    1 
ATOM   609  C CB   . PHE A 1 62  ? -6.652  2.784   -3.142  1.00 11.71 ? 222  PHE A CB   1 
ATOM   610  C CG   . PHE A 1 62  ? -7.723  1.709   -3.031  1.00 14.21 ? 222  PHE A CG   1 
ATOM   611  C CD1  . PHE A 1 62  ? -8.192  1.052   -4.167  1.00 16.66 ? 222  PHE A CD1  1 
ATOM   612  C CD2  . PHE A 1 62  ? -8.306  1.401   -1.806  1.00 16.17 ? 222  PHE A CD2  1 
ATOM   613  C CE1  . PHE A 1 62  ? -9.225  0.108   -4.080  1.00 16.46 ? 222  PHE A CE1  1 
ATOM   614  C CE2  . PHE A 1 62  ? -9.338  0.455   -1.712  1.00 15.44 ? 222  PHE A CE2  1 
ATOM   615  C CZ   . PHE A 1 62  ? -9.793  -0.189  -2.851  1.00 14.82 ? 222  PHE A CZ   1 
ATOM   616  H H    . PHE A 1 62  ? -5.206  1.080   -4.976  1.00 0.00  ? 222  PHE A H    1 
ATOM   617  N N    . ILE A 1 63  ? -4.772  1.590   -0.941  1.00 10.15 ? 223  ILE A N    1 
ATOM   618  C CA   . ILE A 1 63  ? -4.762  0.735   0.233   1.00 12.14 ? 223  ILE A CA   1 
ATOM   619  C C    . ILE A 1 63  ? -5.725  1.336   1.254   1.00 12.22 ? 223  ILE A C    1 
ATOM   620  O O    . ILE A 1 63  ? -5.648  2.525   1.558   1.00 13.09 ? 223  ILE A O    1 
ATOM   621  C CB   . ILE A 1 63  ? -3.348  0.693   0.848   1.00 15.29 ? 223  ILE A CB   1 
ATOM   622  C CG1  . ILE A 1 63  ? -2.427  -0.121  -0.048  1.00 19.09 ? 223  ILE A CG1  1 
ATOM   623  C CG2  . ILE A 1 63  ? -3.378  0.099   2.233   1.00 16.84 ? 223  ILE A CG2  1 
ATOM   624  C CD1  . ILE A 1 63  ? -0.978  0.283   0.093   1.00 22.27 ? 223  ILE A CD1  1 
ATOM   625  H H    . ILE A 1 63  ? -4.594  2.549   -0.839  1.00 0.00  ? 223  ILE A H    1 
ATOM   626  N N    . GLU A 1 64  ? -6.677  0.536   1.728   1.00 11.12 ? 224  GLU A N    1 
ATOM   627  C CA   . GLU A 1 64  ? -7.457  0.922   2.899   1.00 10.15 ? 224  GLU A CA   1 
ATOM   628  C C    . GLU A 1 64  ? -6.958  0.166   4.118   1.00 10.32 ? 224  GLU A C    1 
ATOM   629  O O    . GLU A 1 64  ? -6.833  -1.064  4.106   1.00 8.75  ? 224  GLU A O    1 
ATOM   630  C CB   . GLU A 1 64  ? -8.945  0.644   2.685   1.00 10.54 ? 224  GLU A CB   1 
ATOM   631  C CG   . GLU A 1 64  ? -9.847  1.082   3.840   1.00 13.96 ? 224  GLU A CG   1 
ATOM   632  C CD   . GLU A 1 64  ? -11.296 0.602   3.686   1.00 15.83 ? 224  GLU A CD   1 
ATOM   633  O OE1  . GLU A 1 64  ? -11.647 0.015   2.642   1.00 15.68 ? 224  GLU A OE1  1 
ATOM   634  O OE2  . GLU A 1 64  ? -12.084 0.807   4.628   1.00 18.50 ? 224  GLU A OE2  1 
ATOM   635  H H    . GLU A 1 64  ? -6.814  -0.336  1.295   1.00 0.00  ? 224  GLU A H    1 
ATOM   636  N N    . VAL A 1 65  ? -6.837  0.907   5.213   1.00 9.99  ? 225  VAL A N    1 
ATOM   637  C CA   . VAL A 1 65  ? -6.136  0.452   6.392   1.00 10.45 ? 225  VAL A CA   1 
ATOM   638  C C    . VAL A 1 65  ? -7.082  0.521   7.592   1.00 11.18 ? 225  VAL A C    1 
ATOM   639  O O    . VAL A 1 65  ? -7.999  1.356   7.624   1.00 10.76 ? 225  VAL A O    1 
ATOM   640  C CB   . VAL A 1 65  ? -4.847  1.313   6.569   1.00 11.84 ? 225  VAL A CB   1 
ATOM   641  C CG1  . VAL A 1 65  ? -4.822  2.039   7.886   1.00 12.23 ? 225  VAL A CG1  1 
ATOM   642  C CG2  . VAL A 1 65  ? -3.617  0.440   6.379   1.00 14.68 ? 225  VAL A CG2  1 
ATOM   643  H H    . VAL A 1 65  ? -7.231  1.796   5.212   1.00 0.00  ? 225  VAL A H    1 
ATOM   644  N N    . GLY A 1 66  ? -6.927  -0.433  8.499   1.00 11.79 ? 226  GLY A N    1 
ATOM   645  C CA   . GLY A 1 66  ? -7.881  -0.613  9.583   1.00 10.45 ? 226  GLY A CA   1 
ATOM   646  C C    . GLY A 1 66  ? -7.544  0.095   10.880  1.00 11.44 ? 226  GLY A C    1 
ATOM   647  O O    . GLY A 1 66  ? -6.589  0.869   10.968  1.00 10.36 ? 226  GLY A O    1 
ATOM   648  H H    . GLY A 1 66  ? -6.141  -1.015  8.449   1.00 0.00  ? 226  GLY A H    1 
ATOM   649  N N    . ARG A 1 67  ? -8.273  -0.258  11.928  1.00 10.70 ? 227  ARG A N    1 
ATOM   650  C CA   . ARG A 1 67  ? -8.258  0.509   13.166  1.00 13.09 ? 227  ARG A CA   1 
ATOM   651  C C    . ARG A 1 67  ? -7.007  0.316   14.024  1.00 11.74 ? 227  ARG A C    1 
ATOM   652  O O    . ARG A 1 67  ? -6.736  1.119   14.914  1.00 13.63 ? 227  ARG A O    1 
ATOM   653  C CB   . ARG A 1 67  ? -9.514  0.182   13.988  1.00 13.77 ? 227  ARG A CB   1 
ATOM   654  C CG   . ARG A 1 67  ? -10.743 0.960   13.568  1.00 15.99 ? 227  ARG A CG   1 
ATOM   655  C CD   . ARG A 1 67  ? -12.003 0.352   14.138  1.00 18.33 ? 227  ARG A CD   1 
ATOM   656  N NE   . ARG A 1 67  ? -12.464 -0.775  13.342  1.00 21.23 ? 227  ARG A NE   1 
ATOM   657  C CZ   . ARG A 1 67  ? -13.284 -1.721  13.786  1.00 23.00 ? 227  ARG A CZ   1 
ATOM   658  N NH1  . ARG A 1 67  ? -13.605 -2.737  12.999  1.00 23.53 ? 227  ARG A NH1  1 
ATOM   659  N NH2  . ARG A 1 67  ? -13.755 -1.679  15.027  1.00 27.64 ? 227  ARG A NH2  1 
ATOM   660  H H    . ARG A 1 67  ? -8.860  -1.031  11.847  1.00 0.00  ? 227  ARG A H    1 
ATOM   661  H HE   . ARG A 1 67  ? -12.145 -0.842  12.424  1.00 0.00  ? 227  ARG A HE   1 
ATOM   662  H HH11 . ARG A 1 67  ? -13.272 -2.771  12.058  1.00 0.00  ? 227  ARG A HH11 1 
ATOM   663  H HH12 . ARG A 1 67  ? -14.223 -3.441  13.352  1.00 0.00  ? 227  ARG A HH12 1 
ATOM   664  H HH21 . ARG A 1 67  ? -13.409 -0.985  15.663  1.00 0.00  ? 227  ARG A HH21 1 
ATOM   665  H HH22 . ARG A 1 67  ? -14.302 -2.433  15.393  1.00 0.00  ? 227  ARG A HH22 1 
ATOM   666  N N    . SER A 1 68  ? -6.280  -0.772  13.795  1.00 11.38 ? 228  SER A N    1 
ATOM   667  C CA   . SER A 1 68  ? -5.062  -1.051  14.553  1.00 12.21 ? 228  SER A CA   1 
ATOM   668  C C    . SER A 1 68  ? -3.778  -0.617  13.847  1.00 11.36 ? 228  SER A C    1 
ATOM   669  O O    . SER A 1 68  ? -2.691  -0.758  14.391  1.00 12.06 ? 228  SER A O    1 
ATOM   670  C CB   . SER A 1 68  ? -4.966  -2.541  14.885  1.00 12.66 ? 228  SER A CB   1 
ATOM   671  O OG   . SER A 1 68  ? -6.117  -2.983  15.577  1.00 16.73 ? 228  SER A OG   1 
ATOM   672  H H    . SER A 1 68  ? -6.647  -1.397  13.135  1.00 0.00  ? 228  SER A H    1 
ATOM   673  H HG   . SER A 1 68  ? -6.949  -2.831  15.110  1.00 0.00  ? 228  SER A HG   1 
ATOM   674  N N    . ALA A 1 69  ? -3.900  -0.111  12.626  1.00 10.76 ? 229  ALA A N    1 
ATOM   675  C CA   . ALA A 1 69  ? -2.730  0.386   11.901  1.00 10.34 ? 229  ALA A CA   1 
ATOM   676  C C    . ALA A 1 69  ? -2.017  1.469   12.687  1.00 10.42 ? 229  ALA A C    1 
ATOM   677  O O    . ALA A 1 69  ? -2.646  2.257   13.390  1.00 11.03 ? 229  ALA A O    1 
ATOM   678  C CB   . ALA A 1 69  ? -3.136  0.933   10.546  1.00 9.07  ? 229  ALA A CB   1 
ATOM   679  H H    . ALA A 1 69  ? -4.804  -0.065  12.242  1.00 0.00  ? 229  ALA A H    1 
ATOM   680  N N    . VAL A 1 70  ? -0.741  1.645   12.381  1.00 10.93 ? 230  VAL A N    1 
ATOM   681  C CA   . VAL A 1 70  ? 0.047   2.703   12.994  1.00 11.49 ? 230  VAL A CA   1 
ATOM   682  C C    . VAL A 1 70  ? -0.509  4.110   12.683  1.00 12.51 ? 230  VAL A C    1 
ATOM   683  O O    . VAL A 1 70  ? -0.425  5.024   13.503  1.00 13.24 ? 230  VAL A O    1 
ATOM   684  C CB   . VAL A 1 70  ? 1.517   2.587   12.541  1.00 12.33 ? 230  VAL A CB   1 
ATOM   685  C CG1  . VAL A 1 70  ? 1.624   2.771   11.022  1.00 11.92 ? 230  VAL A CG1  1 
ATOM   686  C CG2  . VAL A 1 70  ? 2.379   3.583   13.290  1.00 11.56 ? 230  VAL A CG2  1 
ATOM   687  H H    . VAL A 1 70  ? -0.350  0.987   11.773  1.00 0.00  ? 230  VAL A H    1 
ATOM   688  N N    . THR A 1 71  ? -1.176  4.237   11.534  1.00 11.61 ? 231  THR A N    1 
ATOM   689  C CA   . THR A 1 71  ? -1.775  5.500   11.096  1.00 11.65 ? 231  THR A CA   1 
ATOM   690  C C    . THR A 1 71  ? -3.203  5.739   11.615  1.00 13.06 ? 231  THR A C    1 
ATOM   691  O O    . THR A 1 71  ? -3.711  6.861   11.560  1.00 12.84 ? 231  THR A O    1 
ATOM   692  C CB   . THR A 1 71  ? -1.841  5.558   9.572   1.00 11.41 ? 231  THR A CB   1 
ATOM   693  O OG1  . THR A 1 71  ? -2.551  4.412   9.096   1.00 8.54  ? 231  THR A OG1  1 
ATOM   694  C CG2  . THR A 1 71  ? -0.440  5.550   8.979   1.00 11.11 ? 231  THR A CG2  1 
ATOM   695  H H    . THR A 1 71  ? -1.278  3.449   10.978  1.00 0.00  ? 231  THR A H    1 
ATOM   696  H HG1  . THR A 1 71  ? -2.157  3.582   9.361   1.00 0.00  ? 231  THR A HG1  1 
ATOM   697  N N    . GLY A 1 72  ? -3.808  4.704   12.190  1.00 11.93 ? 232  GLY A N    1 
ATOM   698  C CA   . GLY A 1 72  ? -5.250  4.691   12.374  1.00 10.86 ? 232  GLY A CA   1 
ATOM   699  C C    . GLY A 1 72  ? -5.960  4.417   11.052  1.00 11.93 ? 232  GLY A C    1 
ATOM   700  O O    . GLY A 1 72  ? -5.301  4.358   10.005  1.00 11.28 ? 232  GLY A O    1 
ATOM   701  H H    . GLY A 1 72  ? -3.267  3.962   12.514  1.00 0.00  ? 232  GLY A H    1 
ATOM   702  N N    . PRO A 1 73  ? -7.300  4.258   11.062  1.00 10.54 ? 233  PRO A N    1 
ATOM   703  C CA   . PRO A 1 73  ? -8.016  3.825   9.855   1.00 10.78 ? 233  PRO A CA   1 
ATOM   704  C C    . PRO A 1 73  ? -8.045  4.883   8.752   1.00 11.08 ? 233  PRO A C    1 
ATOM   705  O O    . PRO A 1 73  ? -8.041  6.084   9.015   1.00 12.11 ? 233  PRO A O    1 
ATOM   706  C CB   . PRO A 1 73  ? -9.422  3.518   10.384  1.00 11.12 ? 233  PRO A CB   1 
ATOM   707  C CG   . PRO A 1 73  ? -9.585  4.498   11.531  1.00 10.95 ? 233  PRO A CG   1 
ATOM   708  C CD   . PRO A 1 73  ? -8.214  4.497   12.189  1.00 10.09 ? 233  PRO A CD   1 
ATOM   709  N N    . GLY A 1 74  ? -8.111  4.435   7.505   1.00 9.08  ? 234  GLY A N    1 
ATOM   710  C CA   . GLY A 1 74  ? -8.200  5.375   6.409   1.00 8.54  ? 234  GLY A CA   1 
ATOM   711  C C    . GLY A 1 74  ? -7.641  4.797   5.130   1.00 9.10  ? 234  GLY A C    1 
ATOM   712  O O    . GLY A 1 74  ? -7.330  3.609   5.074   1.00 8.12  ? 234  GLY A O    1 
ATOM   713  H H    . GLY A 1 74  ? -8.007  3.460   7.359   1.00 0.00  ? 234  GLY A H    1 
ATOM   714  N N    . GLU A 1 75  ? -7.561  5.627   4.096   1.00 9.35  ? 235  GLU A N    1 
ATOM   715  C CA   . GLU A 1 75  ? -7.153  5.185   2.761   1.00 11.16 ? 235  GLU A CA   1 
ATOM   716  C C    . GLU A 1 75  ? -5.949  5.960   2.231   1.00 11.35 ? 235  GLU A C    1 
ATOM   717  O O    . GLU A 1 75  ? -5.849  7.170   2.418   1.00 11.42 ? 235  GLU A O    1 
ATOM   718  C CB   . GLU A 1 75  ? -8.303  5.354   1.770   1.00 15.16 ? 235  GLU A CB   1 
ATOM   719  C CG   . GLU A 1 75  ? -9.673  4.949   2.291   1.00 20.66 ? 235  GLU A CG   1 
ATOM   720  C CD   . GLU A 1 75  ? -10.770 5.160   1.266   1.00 24.35 ? 235  GLU A CD   1 
ATOM   721  O OE1  . GLU A 1 75  ? -11.766 4.406   1.301   1.00 29.38 ? 235  GLU A OE1  1 
ATOM   722  O OE2  . GLU A 1 75  ? -10.624 6.056   0.404   1.00 24.67 ? 235  GLU A OE2  1 
ATOM   723  H H    . GLU A 1 75  ? -7.811  6.571   4.255   1.00 0.00  ? 235  GLU A H    1 
ATOM   724  N N    . PHE A 1 76  ? -5.066  5.259   1.523   1.00 10.56 ? 236  PHE A N    1 
ATOM   725  C CA   . PHE A 1 76  ? -3.967  5.866   0.780   1.00 9.39  ? 236  PHE A CA   1 
ATOM   726  C C    . PHE A 1 76  ? -4.253  5.685   -0.712  1.00 10.75 ? 236  PHE A C    1 
ATOM   727  O O    . PHE A 1 76  ? -4.627  4.598   -1.157  1.00 10.40 ? 236  PHE A O    1 
ATOM   728  C CB   . PHE A 1 76  ? -2.631  5.172   1.112   1.00 9.76  ? 236  PHE A CB   1 
ATOM   729  C CG   . PHE A 1 76  ? -2.088  5.493   2.479   1.00 12.18 ? 236  PHE A CG   1 
ATOM   730  C CD1  . PHE A 1 76  ? -1.464  6.715   2.731   1.00 15.32 ? 236  PHE A CD1  1 
ATOM   731  C CD2  . PHE A 1 76  ? -2.160  4.554   3.501   1.00 14.40 ? 236  PHE A CD2  1 
ATOM   732  C CE1  . PHE A 1 76  ? -0.915  6.997   3.993   1.00 15.24 ? 236  PHE A CE1  1 
ATOM   733  C CE2  . PHE A 1 76  ? -1.620  4.819   4.767   1.00 14.76 ? 236  PHE A CE2  1 
ATOM   734  C CZ   . PHE A 1 76  ? -0.995  6.047   5.013   1.00 16.02 ? 236  PHE A CZ   1 
ATOM   735  H H    . PHE A 1 76  ? -5.101  4.286   1.621   1.00 0.00  ? 236  PHE A H    1 
ATOM   736  N N    . TRP A 1 77  ? -4.093  6.758   -1.478  1.00 10.05 ? 237  TRP A N    1 
ATOM   737  C CA   . TRP A 1 77  ? -4.241  6.715   -2.930  1.00 9.30  ? 237  TRP A CA   1 
ATOM   738  C C    . TRP A 1 77  ? -2.931  7.141   -3.564  1.00 9.74  ? 237  TRP A C    1 
ATOM   739  O O    . TRP A 1 77  ? -2.354  8.159   -3.188  1.00 9.01  ? 237  TRP A O    1 
ATOM   740  C CB   . TRP A 1 77  ? -5.349  7.666   -3.376  1.00 9.21  ? 237  TRP A CB   1 
ATOM   741  C CG   . TRP A 1 77  ? -6.698  7.133   -3.104  1.00 9.94  ? 237  TRP A CG   1 
ATOM   742  C CD1  . TRP A 1 77  ? -7.412  7.250   -1.934  1.00 8.51  ? 237  TRP A CD1  1 
ATOM   743  C CD2  . TRP A 1 77  ? -7.457  6.274   -3.947  1.00 11.15 ? 237  TRP A CD2  1 
ATOM   744  N NE1  . TRP A 1 77  ? -8.555  6.495   -2.015  1.00 10.80 ? 237  TRP A NE1  1 
ATOM   745  C CE2  . TRP A 1 77  ? -8.608  5.877   -3.231  1.00 11.06 ? 237  TRP A CE2  1 
ATOM   746  C CE3  . TRP A 1 77  ? -7.259  5.773   -5.250  1.00 9.88  ? 237  TRP A CE3  1 
ATOM   747  C CZ2  . TRP A 1 77  ? -9.555  4.999   -3.768  1.00 12.35 ? 237  TRP A CZ2  1 
ATOM   748  C CZ3  . TRP A 1 77  ? -8.207  4.900   -5.775  1.00 11.21 ? 237  TRP A CZ3  1 
ATOM   749  C CH2  . TRP A 1 77  ? -9.339  4.520   -5.038  1.00 10.95 ? 237  TRP A CH2  1 
ATOM   750  H H    . TRP A 1 77  ? -3.942  7.623   -1.051  1.00 0.00  ? 237  TRP A H    1 
ATOM   751  H HE1  . TRP A 1 77  ? -9.260  6.412   -1.329  1.00 0.00  ? 237  TRP A HE1  1 
ATOM   752  N N    . MET A 1 78  ? -2.421  6.318   -4.469  1.00 10.13 ? 238  MET A N    1 
ATOM   753  C CA   . MET A 1 78  ? -1.182  6.647   -5.151  1.00 11.88 ? 238  MET A CA   1 
ATOM   754  C C    . MET A 1 78  ? -1.286  6.545   -6.664  1.00 12.14 ? 238  MET A C    1 
ATOM   755  O O    . MET A 1 78  ? -1.985  5.688   -7.196  1.00 12.08 ? 238  MET A O    1 
ATOM   756  C CB   . MET A 1 78  ? -0.032  5.780   -4.627  1.00 12.95 ? 238  MET A CB   1 
ATOM   757  C CG   . MET A 1 78  ? -0.353  4.324   -4.440  1.00 16.28 ? 238  MET A CG   1 
ATOM   758  S SD   . MET A 1 78  ? 0.444   3.664   -2.957  1.00 17.52 ? 238  MET A SD   1 
ATOM   759  C CE   . MET A 1 78  ? -0.967  3.442   -1.888  1.00 14.25 ? 238  MET A CE   1 
ATOM   760  H H    . MET A 1 78  ? -2.926  5.496   -4.662  1.00 0.00  ? 238  MET A H    1 
ATOM   761  N N    . GLN A 1 79  ? -0.705  7.524   -7.336  1.00 11.63 ? 239  GLN A N    1 
ATOM   762  C CA   . GLN A 1 79  ? -0.679  7.550   -8.787  1.00 12.19 ? 239  GLN A CA   1 
ATOM   763  C C    . GLN A 1 79  ? 0.633   6.963   -9.322  1.00 11.57 ? 239  GLN A C    1 
ATOM   764  O O    . GLN A 1 79  ? 1.712   7.233   -8.789  1.00 11.32 ? 239  GLN A O    1 
ATOM   765  C CB   . GLN A 1 79  ? -0.846  8.990   -9.260  1.00 12.71 ? 239  GLN A CB   1 
ATOM   766  C CG   . GLN A 1 79  ? -0.791  9.164   -10.762 1.00 17.29 ? 239  GLN A CG   1 
ATOM   767  C CD   . GLN A 1 79  ? -0.737  10.625  -11.174 1.00 19.58 ? 239  GLN A CD   1 
ATOM   768  O OE1  . GLN A 1 79  ? -1.102  11.511  -10.410 1.00 19.59 ? 239  GLN A OE1  1 
ATOM   769  N NE2  . GLN A 1 79  ? -0.252  10.884  -12.380 1.00 22.02 ? 239  GLN A NE2  1 
ATOM   770  H H    . GLN A 1 79  ? -0.307  8.256   -6.817  1.00 0.00  ? 239  GLN A H    1 
ATOM   771  H HE21 . GLN A 1 79  ? -0.091  10.109  -12.959 1.00 0.00  ? 239  GLN A HE21 1 
ATOM   772  H HE22 . GLN A 1 79  ? 0.039   11.805  -12.608 1.00 0.00  ? 239  GLN A HE22 1 
ATOM   773  N N    . VAL A 1 80  ? 0.525   6.105   -10.328 1.00 11.35 ? 240  VAL A N    1 
ATOM   774  C CA   . VAL A 1 80  ? 1.692   5.564   -11.012 1.00 10.99 ? 240  VAL A CA   1 
ATOM   775  C C    . VAL A 1 80  ? 1.585   5.879   -12.500 1.00 11.54 ? 240  VAL A C    1 
ATOM   776  O O    . VAL A 1 80  ? 0.688   6.611   -12.910 1.00 10.31 ? 240  VAL A O    1 
ATOM   777  C CB   . VAL A 1 80  ? 1.832   4.028   -10.777 1.00 12.99 ? 240  VAL A CB   1 
ATOM   778  C CG1  . VAL A 1 80  ? 2.187   3.759   -9.316  1.00 11.80 ? 240  VAL A CG1  1 
ATOM   779  C CG2  . VAL A 1 80  ? 0.529   3.300   -11.133 1.00 13.65 ? 240  VAL A CG2  1 
ATOM   780  H H    . VAL A 1 80  ? -0.384  5.829   -10.567 1.00 0.00  ? 240  VAL A H    1 
ATOM   781  N N    . ASP A 1 81  ? 2.536   5.413   -13.298 1.00 12.84 ? 241  ASP A N    1 
ATOM   782  C CA   . ASP A 1 81  ? 2.627   5.845   -14.695 1.00 14.57 ? 241  ASP A CA   1 
ATOM   783  C C    . ASP A 1 81  ? 1.492   5.340   -15.574 1.00 13.36 ? 241  ASP A C    1 
ATOM   784  O O    . ASP A 1 81  ? 1.033   6.040   -16.479 1.00 11.89 ? 241  ASP A O    1 
ATOM   785  C CB   . ASP A 1 81  ? 3.967   5.427   -15.309 1.00 17.01 ? 241  ASP A CB   1 
ATOM   786  C CG   . ASP A 1 81  ? 5.114   6.355   -14.913 1.00 20.98 ? 241  ASP A CG   1 
ATOM   787  O OD1  . ASP A 1 81  ? 4.854   7.534   -14.555 1.00 20.90 ? 241  ASP A OD1  1 
ATOM   788  O OD2  . ASP A 1 81  ? 6.284   5.897   -14.962 1.00 21.41 ? 241  ASP A OD2  1 
ATOM   789  H H    . ASP A 1 81  ? 3.190   4.811   -12.882 1.00 0.00  ? 241  ASP A H    1 
ATOM   790  N N    . ASP A 1 82  ? 1.033   4.128   -15.292 1.00 12.38 ? 242  ASP A N    1 
ATOM   791  C CA   . ASP A 1 82  ? 0.008   3.500   -16.114 1.00 14.26 ? 242  ASP A CA   1 
ATOM   792  C C    . ASP A 1 82  ? -0.669  2.337   -15.372 1.00 14.28 ? 242  ASP A C    1 
ATOM   793  O O    . ASP A 1 82  ? -0.174  1.882   -14.339 1.00 14.22 ? 242  ASP A O    1 
ATOM   794  C CB   . ASP A 1 82  ? 0.627   3.015   -17.433 1.00 13.42 ? 242  ASP A CB   1 
ATOM   795  C CG   . ASP A 1 82  ? 1.733   2.019   -17.223 1.00 15.68 ? 242  ASP A CG   1 
ATOM   796  O OD1  . ASP A 1 82  ? 1.494   0.973   -16.606 1.00 16.08 ? 242  ASP A OD1  1 
ATOM   797  O OD2  . ASP A 1 82  ? 2.850   2.249   -17.703 1.00 18.09 ? 242  ASP A OD2  1 
ATOM   798  H H    . ASP A 1 82  ? 1.419   3.635   -14.524 1.00 0.00  ? 242  ASP A H    1 
ATOM   799  N N    . SER A 1 83  ? -1.688  1.749   -16.000 1.00 13.59 ? 243  SER A N    1 
ATOM   800  C CA   . SER A 1 83  ? -2.466  0.683   -15.379 1.00 14.45 ? 243  SER A CA   1 
ATOM   801  C C    . SER A 1 83  ? -1.770  -0.674  -15.361 1.00 14.72 ? 243  SER A C    1 
ATOM   802  O O    . SER A 1 83  ? -2.184  -1.568  -14.636 1.00 16.38 ? 243  SER A O    1 
ATOM   803  C CB   . SER A 1 83  ? -3.808  0.549   -16.084 1.00 12.21 ? 243  SER A CB   1 
ATOM   804  O OG   . SER A 1 83  ? -3.612  0.282   -17.461 1.00 15.12 ? 243  SER A OG   1 
ATOM   805  H H    . SER A 1 83  ? -1.987  1.996   -16.901 1.00 0.00  ? 243  SER A H    1 
ATOM   806  H HG   . SER A 1 83  ? -3.264  -0.606  -17.633 1.00 0.00  ? 243  SER A HG   1 
ATOM   807  N N    . VAL A 1 84  ? -0.729  -0.837  -16.173 1.00 15.38 ? 244  VAL A N    1 
ATOM   808  C CA   . VAL A 1 84  ? 0.122   -2.027  -16.095 1.00 15.58 ? 244  VAL A CA   1 
ATOM   809  C C    . VAL A 1 84  ? 0.874   -2.047  -14.753 1.00 16.29 ? 244  VAL A C    1 
ATOM   810  O O    . VAL A 1 84  ? 0.837   -3.045  -14.030 1.00 15.46 ? 244  VAL A O    1 
ATOM   811  C CB   . VAL A 1 84  ? 1.163   -2.079  -17.266 1.00 16.74 ? 244  VAL A CB   1 
ATOM   812  C CG1  . VAL A 1 84  ? 2.149   -3.220  -17.056 1.00 15.23 ? 244  VAL A CG1  1 
ATOM   813  C CG2  . VAL A 1 84  ? 0.457   -2.246  -18.605 1.00 17.98 ? 244  VAL A CG2  1 
ATOM   814  H H    . VAL A 1 84  ? -0.536  -0.142  -16.836 1.00 0.00  ? 244  VAL A H    1 
ATOM   815  N N    . VAL A 1 85  ? 1.412   -0.898  -14.357 1.00 14.70 ? 245  VAL A N    1 
ATOM   816  C CA   . VAL A 1 85  ? 2.099   -0.786  -13.069 1.00 14.41 ? 245  VAL A CA   1 
ATOM   817  C C    . VAL A 1 85  ? 1.132   -0.941  -11.888 1.00 13.11 ? 245  VAL A C    1 
ATOM   818  O O    . VAL A 1 85  ? 1.440   -1.646  -10.924 1.00 12.07 ? 245  VAL A O    1 
ATOM   819  C CB   . VAL A 1 85  ? 2.838   0.562   -12.940 1.00 13.90 ? 245  VAL A CB   1 
ATOM   820  C CG1  . VAL A 1 85  ? 3.505   0.663   -11.569 1.00 12.92 ? 245  VAL A CG1  1 
ATOM   821  C CG2  . VAL A 1 85  ? 3.877   0.706   -14.058 1.00 12.06 ? 245  VAL A CG2  1 
ATOM   822  H H    . VAL A 1 85  ? 1.263   -0.104  -14.886 1.00 0.00  ? 245  VAL A H    1 
ATOM   823  N N    . ALA A 1 86  ? -0.048  -0.340  -11.988 1.00 11.34 ? 246  ALA A N    1 
ATOM   824  C CA   . ALA A 1 86  ? -1.037  -0.412  -10.909 1.00 11.05 ? 246  ALA A CA   1 
ATOM   825  C C    . ALA A 1 86  ? -1.588  -1.821  -10.717 1.00 12.43 ? 246  ALA A C    1 
ATOM   826  O O    . ALA A 1 86  ? -1.841  -2.252  -9.589  1.00 12.16 ? 246  ALA A O    1 
ATOM   827  C CB   . ALA A 1 86  ? -2.179  0.552   -11.174 1.00 10.15 ? 246  ALA A CB   1 
ATOM   828  H H    . ALA A 1 86  ? -0.222  0.206   -12.787 1.00 0.00  ? 246  ALA A H    1 
ATOM   829  N N    . GLN A 1 87  ? -1.834  -2.525  -11.817 1.00 11.67 ? 247  GLN A N    1 
ATOM   830  C CA   . GLN A 1 87  ? -2.289  -3.905  -11.721 1.00 15.09 ? 247  GLN A CA   1 
ATOM   831  C C    . GLN A 1 87  ? -1.221  -4.811  -11.110 1.00 14.19 ? 247  GLN A C    1 
ATOM   832  O O    . GLN A 1 87  ? -1.530  -5.730  -10.354 1.00 13.44 ? 247  GLN A O    1 
ATOM   833  C CB   . GLN A 1 87  ? -2.661  -4.436  -13.099 1.00 18.91 ? 247  GLN A CB   1 
ATOM   834  C CG   . GLN A 1 87  ? -3.352  -5.776  -13.060 1.00 26.03 ? 247  GLN A CG   1 
ATOM   835  C CD   . GLN A 1 87  ? -3.763  -6.244  -14.441 1.00 31.40 ? 247  GLN A CD   1 
ATOM   836  O OE1  . GLN A 1 87  ? -4.876  -5.961  -14.886 1.00 32.38 ? 247  GLN A OE1  1 
ATOM   837  N NE2  . GLN A 1 87  ? -2.821  -6.838  -15.171 1.00 32.93 ? 247  GLN A NE2  1 
ATOM   838  H H    . GLN A 1 87  ? -1.677  -2.107  -12.698 1.00 0.00  ? 247  GLN A H    1 
ATOM   839  H HE21 . GLN A 1 87  ? -1.916  -6.935  -14.811 1.00 0.00  ? 247  GLN A HE21 1 
ATOM   840  H HE22 . GLN A 1 87  ? -3.132  -7.174  -16.035 1.00 0.00  ? 247  GLN A HE22 1 
ATOM   841  N N    . ASN A 1 88  ? 0.027   -4.599  -11.515 1.00 14.14 ? 248  ASN A N    1 
ATOM   842  C CA   . ASN A 1 88  ? 1.155   -5.317  -10.945 1.00 14.30 ? 248  ASN A CA   1 
ATOM   843  C C    . ASN A 1 88  ? 1.225   -5.154  -9.424  1.00 13.57 ? 248  ASN A C    1 
ATOM   844  O O    . ASN A 1 88  ? 1.393   -6.126  -8.694  1.00 12.00 ? 248  ASN A O    1 
ATOM   845  C CB   . ASN A 1 88  ? 2.449   -4.816  -11.580 1.00 15.25 ? 248  ASN A CB   1 
ATOM   846  C CG   . ASN A 1 88  ? 3.669   -5.502  -11.022 1.00 19.81 ? 248  ASN A CG   1 
ATOM   847  O OD1  . ASN A 1 88  ? 3.779   -6.725  -11.074 1.00 20.95 ? 248  ASN A OD1  1 
ATOM   848  N ND2  . ASN A 1 88  ? 4.561   -4.726  -10.420 1.00 20.52 ? 248  ASN A ND2  1 
ATOM   849  H H    . ASN A 1 88  ? 0.197   -3.989  -12.265 1.00 0.00  ? 248  ASN A H    1 
ATOM   850  H HD21 . ASN A 1 88  ? 4.345   -3.770  -10.395 1.00 0.00  ? 248  ASN A HD21 1 
ATOM   851  H HD22 . ASN A 1 88  ? 5.339   -5.189  -10.062 1.00 0.00  ? 248  ASN A HD22 1 
ATOM   852  N N    . MET A 1 89  ? 1.079   -3.920  -8.950  1.00 11.82 ? 249  MET A N    1 
ATOM   853  C CA   . MET A 1 89  ? 1.093   -3.661  -7.516  1.00 11.71 ? 249  MET A CA   1 
ATOM   854  C C    . MET A 1 89  ? -0.030  -4.427  -6.823  1.00 11.96 ? 249  MET A C    1 
ATOM   855  O O    . MET A 1 89  ? 0.195   -5.078  -5.803  1.00 12.49 ? 249  MET A O    1 
ATOM   856  C CB   . MET A 1 89  ? 0.936   -2.163  -7.241  1.00 11.55 ? 249  MET A CB   1 
ATOM   857  C CG   . MET A 1 89  ? 2.124   -1.321  -7.664  1.00 10.84 ? 249  MET A CG   1 
ATOM   858  S SD   . MET A 1 89  ? 1.839   0.417   -7.373  1.00 14.50 ? 249  MET A SD   1 
ATOM   859  C CE   . MET A 1 89  ? 1.989   0.457   -5.635  1.00 11.22 ? 249  MET A CE   1 
ATOM   860  H H    . MET A 1 89  ? 0.945   -3.186  -9.600  1.00 0.00  ? 249  MET A H    1 
ATOM   861  N N    . HIS A 1 90  ? -1.238  -4.335  -7.383  1.00 9.79  ? 250  HIS A N    1 
ATOM   862  C CA   . HIS A 1 90  ? -2.414  -5.048  -6.884  1.00 10.31 ? 250  HIS A CA   1 
ATOM   863  C C    . HIS A 1 90  ? -2.148  -6.559  -6.784  1.00 11.42 ? 250  HIS A C    1 
ATOM   864  O O    . HIS A 1 90  ? -2.373  -7.172  -5.743  1.00 11.40 ? 250  HIS A O    1 
ATOM   865  C CB   . HIS A 1 90  ? -3.595  -4.786  -7.830  1.00 9.83  ? 250  HIS A CB   1 
ATOM   866  C CG   . HIS A 1 90  ? -4.914  -5.294  -7.340  1.00 10.34 ? 250  HIS A CG   1 
ATOM   867  N ND1  . HIS A 1 90  ? -6.106  -4.850  -7.842  1.00 10.43 ? 250  HIS A ND1  1 
ATOM   868  C CD2  . HIS A 1 90  ? -5.221  -6.249  -6.417  1.00 10.36 ? 250  HIS A CD2  1 
ATOM   869  C CE1  . HIS A 1 90  ? -7.111  -5.509  -7.261  1.00 11.92 ? 250  HIS A CE1  1 
ATOM   870  N NE2  . HIS A 1 90  ? -6.586  -6.353  -6.405  1.00 10.03 ? 250  HIS A NE2  1 
ATOM   871  H H    . HIS A 1 90  ? -1.308  -3.752  -8.168  1.00 0.00  ? 250  HIS A H    1 
ATOM   872  H HD1  . HIS A 1 90  ? -6.324  -4.118  -8.442  1.00 0.00  ? 250  HIS A HD1  1 
ATOM   873  H HE2  . HIS A 1 90  ? -7.131  -6.981  -5.886  1.00 0.00  ? 250  HIS A HE2  1 
ATOM   874  N N    . GLU A 1 91  ? -1.710  -7.157  -7.883  1.00 11.34 ? 251  GLU A N    1 
ATOM   875  C CA   . GLU A 1 91  ? -1.492  -8.593  -7.940  1.00 12.45 ? 251  GLU A CA   1 
ATOM   876  C C    . GLU A 1 91  ? -0.370  -9.077  -7.031  1.00 12.27 ? 251  GLU A C    1 
ATOM   877  O O    . GLU A 1 91  ? -0.492  -10.124 -6.410  1.00 13.14 ? 251  GLU A O    1 
ATOM   878  C CB   . GLU A 1 91  ? -1.185  -9.003  -9.372  1.00 15.59 ? 251  GLU A CB   1 
ATOM   879  C CG   . GLU A 1 91  ? -2.233  -9.898  -9.962  1.00 25.32 ? 251  GLU A CG   1 
ATOM   880  C CD   . GLU A 1 91  ? -2.897  -9.283  -11.162 1.00 29.70 ? 251  GLU A CD   1 
ATOM   881  O OE1  . GLU A 1 91  ? -2.180  -8.947  -12.136 1.00 33.69 ? 251  GLU A OE1  1 
ATOM   882  O OE2  . GLU A 1 91  ? -4.135  -9.132  -11.128 1.00 33.42 ? 251  GLU A OE2  1 
ATOM   883  H H    . GLU A 1 91  ? -1.484  -6.637  -8.682  1.00 0.00  ? 251  GLU A H    1 
ATOM   884  N N    . THR A 1 92  ? 0.715   -8.318  -6.942  1.00 10.79 ? 252  THR A N    1 
ATOM   885  C CA   . THR A 1 92  ? 1.853   -8.727  -6.119  1.00 10.72 ? 252  THR A CA   1 
ATOM   886  C C    . THR A 1 92  ? 1.552   -8.622  -4.632  1.00 9.32  ? 252  THR A C    1 
ATOM   887  O O    . THR A 1 92  ? 1.795   -9.559  -3.869  1.00 9.25  ? 252  THR A O    1 
ATOM   888  C CB   . THR A 1 92  ? 3.105   -7.895  -6.433  1.00 11.84 ? 252  THR A CB   1 
ATOM   889  O OG1  . THR A 1 92  ? 3.455   -8.074  -7.805  1.00 11.96 ? 252  THR A OG1  1 
ATOM   890  C CG2  . THR A 1 92  ? 4.275   -8.341  -5.575  1.00 10.19 ? 252  THR A CG2  1 
ATOM   891  H H    . THR A 1 92  ? 0.798   -7.528  -7.514  1.00 0.00  ? 252  THR A H    1 
ATOM   892  H HG1  . THR A 1 92  ? 4.166   -7.472  -8.007  1.00 0.00  ? 252  THR A HG1  1 
ATOM   893  N N    . ILE A 1 93  ? 0.925   -7.519  -4.238  1.00 9.28  ? 253  ILE A N    1 
ATOM   894  C CA   . ILE A 1 93  ? 0.557   -7.323  -2.850  1.00 10.23 ? 253  ILE A CA   1 
ATOM   895  C C    . ILE A 1 93  ? -0.539  -8.308  -2.418  1.00 11.17 ? 253  ILE A C    1 
ATOM   896  O O    . ILE A 1 93  ? -0.408  -8.961  -1.382  1.00 11.48 ? 253  ILE A O    1 
ATOM   897  C CB   . ILE A 1 93  ? 0.140   -5.859  -2.600  1.00 10.71 ? 253  ILE A CB   1 
ATOM   898  C CG1  . ILE A 1 93  ? 1.389   -4.964  -2.663  1.00 11.23 ? 253  ILE A CG1  1 
ATOM   899  C CG2  . ILE A 1 93  ? -0.513  -5.713  -1.238  1.00 9.52  ? 253  ILE A CG2  1 
ATOM   900  C CD1  . ILE A 1 93  ? 1.101   -3.496  -2.905  1.00 11.63 ? 253  ILE A CD1  1 
ATOM   901  H H    . ILE A 1 93  ? 0.720   -6.820  -4.893  1.00 0.00  ? 253  ILE A H    1 
ATOM   902  N N    . LEU A 1 94  ? -1.497  -8.570  -3.309  1.00 10.41 ? 254  LEU A N    1 
ATOM   903  C CA   . LEU A 1 94  ? -2.538  -9.568  -3.051  1.00 12.11 ? 254  LEU A CA   1 
ATOM   904  C C    . LEU A 1 94  ? -1.898  -10.941 -2.865  1.00 11.26 ? 254  LEU A C    1 
ATOM   905  O O    . LEU A 1 94  ? -2.228  -11.661 -1.910  1.00 12.03 ? 254  LEU A O    1 
ATOM   906  C CB   . LEU A 1 94  ? -3.518  -9.631  -4.217  1.00 11.49 ? 254  LEU A CB   1 
ATOM   907  C CG   . LEU A 1 94  ? -5.006  -9.818  -3.915  1.00 16.00 ? 254  LEU A CG   1 
ATOM   908  C CD1  . LEU A 1 94  ? -5.618  -10.632 -5.040  1.00 13.61 ? 254  LEU A CD1  1 
ATOM   909  C CD2  . LEU A 1 94  ? -5.245  -10.497 -2.567  1.00 13.07 ? 254  LEU A CD2  1 
ATOM   910  H H    . LEU A 1 94  ? -1.504  -8.063  -4.156  1.00 0.00  ? 254  LEU A H    1 
ATOM   911  N N    . GLU A 1 95  ? -0.925  -11.243 -3.710  1.00 11.88 ? 255  GLU A N    1 
ATOM   912  C CA   . GLU A 1 95  ? -0.184  -12.502 -3.633  1.00 15.10 ? 255  GLU A CA   1 
ATOM   913  C C    . GLU A 1 95  ? 0.508   -12.672 -2.263  1.00 13.64 ? 255  GLU A C    1 
ATOM   914  O O    . GLU A 1 95  ? 0.486   -13.753 -1.671  1.00 13.02 ? 255  GLU A O    1 
ATOM   915  C CB   . GLU A 1 95  ? 0.840   -12.595 -4.778  1.00 20.15 ? 255  GLU A CB   1 
ATOM   916  C CG   . GLU A 1 95  ? 1.376   -14.023 -5.043  1.00 30.09 ? 255  GLU A CG   1 
ATOM   917  C CD   . GLU A 1 95  ? 2.127   -14.123 -6.381  1.00 37.59 ? 255  GLU A CD   1 
ATOM   918  O OE1  . GLU A 1 95  ? 1.666   -13.475 -7.379  1.00 39.33 ? 255  GLU A OE1  1 
ATOM   919  O OE2  . GLU A 1 95  ? 3.126   -14.878 -6.424  1.00 39.90 ? 255  GLU A OE2  1 
ATOM   920  H H    . GLU A 1 95  ? -0.735  -10.643 -4.465  1.00 0.00  ? 255  GLU A H    1 
ATOM   921  N N    . ALA A 1 96  ? 1.132   -11.603 -1.757  1.00 12.62 ? 256  ALA A N    1 
ATOM   922  C CA   . ALA A 1 96  ? 1.771   -11.640 -0.438  1.00 11.47 ? 256  ALA A CA   1 
ATOM   923  C C    . ALA A 1 96  ? 0.773   -11.830 0.708   1.00 11.37 ? 256  ALA A C    1 
ATOM   924  O O    . ALA A 1 96  ? 1.044   -12.545 1.671   1.00 12.69 ? 256  ALA A O    1 
ATOM   925  C CB   . ALA A 1 96  ? 2.595   -10.349 -0.208  1.00 11.51 ? 256  ALA A CB   1 
ATOM   926  H H    . ALA A 1 96  ? 1.103   -10.771 -2.278  1.00 0.00  ? 256  ALA A H    1 
ATOM   927  N N    . MET A 1 97  ? -0.403  -11.204 0.590   1.00 11.28 ? 257  MET A N    1 
ATOM   928  C CA   . MET A 1 97  ? -1.465  -11.370 1.585   1.00 11.49 ? 257  MET A CA   1 
ATOM   929  C C    . MET A 1 97  ? -1.982  -12.811 1.626   1.00 11.93 ? 257  MET A C    1 
ATOM   930  O O    . MET A 1 97  ? -2.259  -13.355 2.701   1.00 12.02 ? 257  MET A O    1 
ATOM   931  C CB   . MET A 1 97  ? -2.634  -10.444 1.271   1.00 11.63 ? 257  MET A CB   1 
ATOM   932  C CG   . MET A 1 97  ? -2.340  -8.978  1.451   1.00 12.10 ? 257  MET A CG   1 
ATOM   933  S SD   . MET A 1 97  ? -3.683  -7.985  0.789   1.00 13.91 ? 257  MET A SD   1 
ATOM   934  C CE   . MET A 1 97  ? -3.264  -6.412  1.438   1.00 13.24 ? 257  MET A CE   1 
ATOM   935  H H    . MET A 1 97  ? -0.528  -10.552 -0.129  1.00 0.00  ? 257  MET A H    1 
ATOM   936  N N    . ARG A 1 98  ? -2.158  -13.412 0.460   1.00 10.59 ? 258  ARG A N    1 
ATOM   937  C CA   . ARG A 1 98  ? -2.578  -14.805 0.409   1.00 12.93 ? 258  ARG A CA   1 
ATOM   938  C C    . ARG A 1 98  ? -1.499  -15.751 0.942   1.00 13.80 ? 258  ARG A C    1 
ATOM   939  O O    . ARG A 1 98  ? -1.799  -16.610 1.767   1.00 15.65 ? 258  ARG A O    1 
ATOM   940  C CB   . ARG A 1 98  ? -2.992  -15.194 -1.011  1.00 13.33 ? 258  ARG A CB   1 
ATOM   941  C CG   . ARG A 1 98  ? -4.003  -14.220 -1.615  1.00 17.13 ? 258  ARG A CG   1 
ATOM   942  C CD   . ARG A 1 98  ? -5.170  -14.901 -2.323  1.00 20.26 ? 258  ARG A CD   1 
ATOM   943  N NE   . ARG A 1 98  ? -5.022  -14.903 -3.776  1.00 23.82 ? 258  ARG A NE   1 
ATOM   944  C CZ   . ARG A 1 98  ? -5.975  -14.576 -4.647  1.00 21.86 ? 258  ARG A CZ   1 
ATOM   945  N NH1  . ARG A 1 98  ? -5.715  -14.651 -5.938  1.00 21.29 ? 258  ARG A NH1  1 
ATOM   946  N NH2  . ARG A 1 98  ? -7.176  -14.167 -4.251  1.00 21.68 ? 258  ARG A NH2  1 
ATOM   947  H H    . ARG A 1 98  ? -2.085  -12.870 -0.354  1.00 0.00  ? 258  ARG A H    1 
ATOM   948  H HE   . ARG A 1 98  ? -4.193  -15.267 -4.158  1.00 0.00  ? 258  ARG A HE   1 
ATOM   949  H HH11 . ARG A 1 98  ? -4.805  -14.902 -6.257  1.00 0.00  ? 258  ARG A HH11 1 
ATOM   950  H HH12 . ARG A 1 98  ? -6.382  -14.310 -6.589  1.00 0.00  ? 258  ARG A HH12 1 
ATOM   951  H HH21 . ARG A 1 98  ? -7.422  -14.178 -3.283  1.00 0.00  ? 258  ARG A HH21 1 
ATOM   952  H HH22 . ARG A 1 98  ? -7.867  -13.953 -4.944  1.00 0.00  ? 258  ARG A HH22 1 
ATOM   953  N N    . ALA A 1 99  ? -0.242  -15.493 0.616   1.00 13.80 ? 259  ALA A N    1 
ATOM   954  C CA   . ALA A 1 99  ? 0.847   -16.295 1.167   1.00 14.50 ? 259  ALA A CA   1 
ATOM   955  C C    . ALA A 1 99  ? 0.843   -16.240 2.688   1.00 16.35 ? 259  ALA A C    1 
ATOM   956  O O    . ALA A 1 99  ? 1.025   -17.260 3.358   1.00 16.73 ? 259  ALA A O    1 
ATOM   957  C CB   . ALA A 1 99  ? 2.183   -15.826 0.640   1.00 15.12 ? 259  ALA A CB   1 
ATOM   958  H H    . ALA A 1 99  ? -0.047  -14.833 -0.080  1.00 0.00  ? 259  ALA A H    1 
ATOM   959  N N    . MET A 1 100 ? 0.526   -15.070 3.236   1.00 16.54 ? 260  MET A N    1 
ATOM   960  C CA   . MET A 1 100 ? 0.507   -14.907 4.684   1.00 17.67 ? 260  MET A CA   1 
ATOM   961  C C    . MET A 1 100 ? -0.594  -15.724 5.353   1.00 17.83 ? 260  MET A C    1 
ATOM   962  O O    . MET A 1 100 ? -0.364  -16.354 6.376   1.00 18.54 ? 260  MET A O    1 
ATOM   963  C CB   . MET A 1 100 ? 0.360   -13.429 5.053   1.00 20.37 ? 260  MET A CB   1 
ATOM   964  C CG   . MET A 1 100 ? 0.588   -13.134 6.528   1.00 21.33 ? 260  MET A CG   1 
ATOM   965  S SD   . MET A 1 100 ? 0.435   -11.371 6.911   1.00 24.56 ? 260  MET A SD   1 
ATOM   966  C CE   . MET A 1 100 ? 2.123   -10.869 6.843   1.00 23.18 ? 260  MET A CE   1 
ATOM   967  H H    . MET A 1 100 ? 0.406   -14.296 2.648   1.00 0.00  ? 260  MET A H    1 
ATOM   968  N N    . SER A 1 101 ? -1.785  -15.735 4.772   1.00 17.87 ? 261  SER A N    1 
ATOM   969  C CA   . SER A 1 101 ? -2.891  -16.469 5.382   1.00 17.75 ? 261  SER A CA   1 
ATOM   970  C C    . SER A 1 101 ? -2.736  -17.983 5.230   1.00 18.37 ? 261  SER A C    1 
ATOM   971  O O    . SER A 1 101 ? -3.129  -18.740 6.116   1.00 19.68 ? 261  SER A O    1 
ATOM   972  C CB   . SER A 1 101 ? -4.224  -16.034 4.775   1.00 18.44 ? 261  SER A CB   1 
ATOM   973  O OG   . SER A 1 101 ? -4.183  -16.121 3.361   1.00 21.00 ? 261  SER A OG   1 
ATOM   974  H H    . SER A 1 101 ? -1.896  -15.204 3.953   1.00 0.00  ? 261  SER A H    1 
ATOM   975  H HG   . SER A 1 101 ? -3.545  -15.478 3.022   1.00 0.00  ? 261  SER A HG   1 
ATOM   976  N N    . ASP A 1 102 ? -2.086  -18.414 4.155   1.00 16.90 ? 262  ASP A N    1 
ATOM   977  C CA   . ASP A 1 102 ? -1.918  -19.845 3.900   1.00 18.73 ? 262  ASP A CA   1 
ATOM   978  C C    . ASP A 1 102 ? -0.773  -20.461 4.681   1.00 20.05 ? 262  ASP A C    1 
ATOM   979  O O    . ASP A 1 102 ? -0.693  -21.680 4.798   1.00 19.78 ? 262  ASP A O    1 
ATOM   980  C CB   . ASP A 1 102 ? -1.671  -20.109 2.424   1.00 17.71 ? 262  ASP A CB   1 
ATOM   981  C CG   . ASP A 1 102 ? -2.833  -19.711 1.559   1.00 19.82 ? 262  ASP A CG   1 
ATOM   982  O OD1  . ASP A 1 102 ? -3.914  -19.375 2.077   1.00 21.52 ? 262  ASP A OD1  1 
ATOM   983  O OD2  . ASP A 1 102 ? -2.655  -19.722 0.338   1.00 20.63 ? 262  ASP A OD2  1 
ATOM   984  H H    . ASP A 1 102 ? -1.757  -17.741 3.511   1.00 0.00  ? 262  ASP A H    1 
ATOM   985  N N    . ALA A 1 103 ? 0.143   -19.623 5.156   1.00 21.23 ? 263  ALA A N    1 
ATOM   986  C CA   . ALA A 1 103 ? 1.299   -20.086 5.924   1.00 22.61 ? 263  ALA A CA   1 
ATOM   987  C C    . ALA A 1 103 ? 0.885   -20.702 7.268   1.00 23.90 ? 263  ALA A C    1 
ATOM   988  O O    . ALA A 1 103 ? 1.638   -21.466 7.871   1.00 23.72 ? 263  ALA A O    1 
ATOM   989  C CB   . ALA A 1 103 ? 2.279   -18.929 6.142   1.00 21.56 ? 263  ALA A CB   1 
ATOM   990  H H    . ALA A 1 103 ? 0.028   -18.666 4.989   1.00 0.00  ? 263  ALA A H    1 
ATOM   991  N N    . PHE A 1 104 ? -0.316  -20.361 7.730   1.00 26.40 ? 264  PHE A N    1 
ATOM   992  C CA   . PHE A 1 104 ? -0.858  -20.920 8.966   1.00 29.64 ? 264  PHE A CA   1 
ATOM   993  C C    . PHE A 1 104 ? -1.262  -22.395 8.811   1.00 31.61 ? 264  PHE A C    1 
ATOM   994  O O    . PHE A 1 104 ? -0.898  -23.237 9.640   1.00 33.44 ? 264  PHE A O    1 
ATOM   995  C CB   . PHE A 1 104 ? -2.063  -20.097 9.436   1.00 28.95 ? 264  PHE A CB   1 
ATOM   996  C CG   . PHE A 1 104 ? -2.509  -20.414 10.848  1.00 29.97 ? 264  PHE A CG   1 
ATOM   997  C CD1  . PHE A 1 104 ? -1.577  -20.581 11.873  1.00 29.23 ? 264  PHE A CD1  1 
ATOM   998  C CD2  . PHE A 1 104 ? -3.865  -20.554 11.150  1.00 28.67 ? 264  PHE A CD2  1 
ATOM   999  C CE1  . PHE A 1 104 ? -1.986  -20.889 13.176  1.00 29.15 ? 264  PHE A CE1  1 
ATOM   1000 C CE2  . PHE A 1 104 ? -4.281  -20.858 12.450  1.00 28.25 ? 264  PHE A CE2  1 
ATOM   1001 C CZ   . PHE A 1 104 ? -3.338  -21.028 13.462  1.00 27.85 ? 264  PHE A CZ   1 
ATOM   1002 H H    . PHE A 1 104 ? -0.850  -19.725 7.213   1.00 0.00  ? 264  PHE A H    1 
ATOM   1003 N N    . ARG A 1 105 ? -1.990  -22.708 7.742   1.00 32.86 ? 265  ARG A N    1 
ATOM   1004 C CA   . ARG A 1 105 ? -2.373  -24.094 7.463   1.00 34.62 ? 265  ARG A CA   1 
ATOM   1005 C C    . ARG A 1 105 ? -1.180  -24.987 7.069   1.00 35.02 ? 265  ARG A C    1 
ATOM   1006 O O    . ARG A 1 105 ? -1.250  -26.185 7.353   1.00 35.89 ? 265  ARG A O    1 
ATOM   1007 C CB   . ARG A 1 105 ? -3.421  -24.164 6.347   1.00 34.80 ? 265  ARG A CB   1 
ATOM   1008 C CG   . ARG A 1 105 ? -4.817  -23.891 6.844   1.00 34.87 ? 265  ARG A CG   1 
ATOM   1009 C CD   . ARG A 1 105 ? -5.807  -23.590 5.741   1.00 35.77 ? 265  ARG A CD   1 
ATOM   1010 N NE   . ARG A 1 105 ? -5.378  -22.525 4.833   1.00 34.68 ? 265  ARG A NE   1 
ATOM   1011 C CZ   . ARG A 1 105 ? -5.083  -22.724 3.550   1.00 34.04 ? 265  ARG A CZ   1 
ATOM   1012 N NH1  . ARG A 1 105 ? -4.816  -21.696 2.761   1.00 32.02 ? 265  ARG A NH1  1 
ATOM   1013 N NH2  . ARG A 1 105 ? -5.029  -23.954 3.058   1.00 33.18 ? 265  ARG A NH2  1 
ATOM   1014 O OXT  . ARG A 1 105 ? -0.229  -24.586 6.369   1.00 35.86 ? 265  ARG A OXT  1 
ATOM   1015 H H    . ARG A 1 105 ? -2.149  -22.060 7.083   1.00 0.00  ? 265  ARG A H    1 
ATOM   1016 H HE   . ARG A 1 105 ? -5.311  -21.621 5.158   1.00 0.00  ? 265  ARG A HE   1 
ATOM   1017 H HH11 . ARG A 1 105 ? -4.828  -20.749 3.095   1.00 0.00  ? 265  ARG A HH11 1 
ATOM   1018 H HH12 . ARG A 1 105 ? -4.610  -21.859 1.789   1.00 0.00  ? 265  ARG A HH12 1 
ATOM   1019 H HH21 . ARG A 1 105 ? -5.179  -24.683 3.707   1.00 0.00  ? 265  ARG A HH21 1 
ATOM   1020 H HH22 . ARG A 1 105 ? -4.807  -24.128 2.099   1.00 0.00  ? 265  ARG A HH22 1 
HETATM 1021 C C    . ACE B 2 1   ? -12.921 1.019   -11.623 1.00 13.97 ? 1000 ACE B C    1 
HETATM 1022 O O    . ACE B 2 1   ? -11.761 0.816   -12.014 1.00 11.40 ? 1000 ACE B O    1 
HETATM 1023 C CH3  . ACE B 2 1   ? -14.055 1.451   -12.503 1.00 14.38 ? 1000 ACE B CH3  1 
HETATM 1024 H H    . ACE B 2 1   ? -12.321 2.878   -11.563 1.00 20.00 ? 1000 ACE B H    1 
HETATM 1025 H H1   . ACE B 2 1   ? -15.018 3.541   -12.146 1.00 20.00 ? 1000 ACE B H1   1 
HETATM 1026 H H2   . ACE B 2 1   ? -12.752 2.377   -14.786 1.00 20.00 ? 1000 ACE B H2   1 
ATOM   1027 N N    . LEU B 2 2   ? -13.307 0.575   -10.448 1.00 13.63 ? 1001 LEU B N    1 
ATOM   1028 C CA   . LEU B 2 2   ? -12.436 0.190   -9.338  1.00 14.99 ? 1001 LEU B CA   1 
ATOM   1029 C C    . LEU B 2 2   ? -12.430 -1.339  -9.240  1.00 13.17 ? 1001 LEU B C    1 
ATOM   1030 O O    . LEU B 2 2   ? -13.442 -1.985  -9.509  1.00 10.72 ? 1001 LEU B O    1 
ATOM   1031 C CB   . LEU B 2 2   ? -12.932 0.748   -7.983  1.00 16.62 ? 1001 LEU B CB   1 
ATOM   1032 C CG   . LEU B 2 2   ? -12.111 0.469   -6.726  1.00 19.28 ? 1001 LEU B CG   1 
ATOM   1033 C CD1  . LEU B 2 2   ? -10.857 1.312   -6.796  1.00 20.30 ? 1001 LEU B CD1  1 
ATOM   1034 C CD2  . LEU B 2 2   ? -12.918 0.813   -5.450  1.00 22.05 ? 1001 LEU B CD2  1 
ATOM   1035 H H    . LEU B 2 2   ? -14.056 0.947   -10.627 1.00 0.00  ? 1001 LEU B H    1 
ATOM   1036 N N    . TYR B 2 3   ? -11.245 -1.917  -9.061  1.00 12.24 ? 1002 TYR B N    1 
ATOM   1037 C CA   . TYR B 2 3   ? -11.132 -3.333  -8.759  1.00 13.83 ? 1002 TYR B CA   1 
ATOM   1038 C C    . TYR B 2 3   ? -10.513 -3.427  -7.387  1.00 13.07 ? 1002 TYR B C    1 
ATOM   1039 O O    . TYR B 2 3   ? -9.438  -2.895  -7.159  1.00 13.75 ? 1002 TYR B O    1 
ATOM   1040 C CB   . TYR B 2 3   ? -10.201 -4.040  -9.749  1.00 14.24 ? 1002 TYR B CB   1 
ATOM   1041 C CG   . TYR B 2 3   ? -10.708 -4.025  -11.165 1.00 15.48 ? 1002 TYR B CG   1 
ATOM   1042 C CD1  . TYR B 2 3   ? -10.369 -2.984  -12.026 1.00 15.05 ? 1002 TYR B CD1  1 
ATOM   1043 C CD2  . TYR B 2 3   ? -11.472 -5.075  -11.664 1.00 13.99 ? 1002 TYR B CD2  1 
ATOM   1044 C CE1  . TYR B 2 3   ? -10.789 -2.976  -13.349 1.00 15.56 ? 1002 TYR B CE1  1 
ATOM   1045 C CE2  . TYR B 2 3   ? -11.884 -5.089  -12.990 1.00 15.40 ? 1002 TYR B CE2  1 
ATOM   1046 C CZ   . TYR B 2 3   ? -11.554 -4.025  -13.826 1.00 15.36 ? 1002 TYR B CZ   1 
ATOM   1047 O OH   . TYR B 2 3   ? -12.094 -3.952  -15.093 1.00 18.88 ? 1002 TYR B OH   1 
ATOM   1048 H H    . TYR B 2 3   ? -10.477 -1.337  -9.128  1.00 0.00  ? 1002 TYR B H    1 
ATOM   1049 H HH   . TYR B 2 3   ? -11.619 -3.334  -15.668 1.00 0.00  ? 1002 TYR B HH   1 
ATOM   1050 N N    . ALA B 2 4   ? -11.217 -4.067  -6.471  1.00 13.92 ? 1003 ALA B N    1 
ATOM   1051 C CA   . ALA B 2 4   ? -10.760 -4.163  -5.102  1.00 13.64 ? 1003 ALA B CA   1 
ATOM   1052 C C    . ALA B 2 4   ? -10.741 -5.610  -4.619  1.00 13.93 ? 1003 ALA B C    1 
ATOM   1053 O O    . ALA B 2 4   ? -11.551 -6.437  -5.060  1.00 12.95 ? 1003 ALA B O    1 
ATOM   1054 C CB   . ALA B 2 4   ? -11.644 -3.317  -4.196  1.00 12.91 ? 1003 ALA B CB   1 
ATOM   1055 H H    . ALA B 2 4   ? -12.039 -4.520  -6.754  1.00 0.00  ? 1003 ALA B H    1 
ATOM   1056 N N    . SER B 2 5   ? -9.751  -5.920  -3.791  1.00 13.76 ? 1004 SER B N    1 
ATOM   1057 C CA   . SER B 2 5   ? -9.602  -7.233  -3.169  1.00 12.48 ? 1004 SER B CA   1 
ATOM   1058 C C    . SER B 2 5   ? -9.594  -7.054  -1.660  1.00 12.94 ? 1004 SER B C    1 
ATOM   1059 O O    . SER B 2 5   ? -8.941  -6.150  -1.149  1.00 12.33 ? 1004 SER B O    1 
ATOM   1060 C CB   . SER B 2 5   ? -8.280  -7.878  -3.578  1.00 12.50 ? 1004 SER B CB   1 
ATOM   1061 O OG   . SER B 2 5   ? -8.186  -8.063  -4.977  1.00 13.21 ? 1004 SER B OG   1 
ATOM   1062 H H    . SER B 2 5   ? -9.196  -5.190  -3.457  1.00 0.00  ? 1004 SER B H    1 
ATOM   1063 H HG   . SER B 2 5   ? -8.857  -8.732  -5.197  1.00 0.00  ? 1004 SER B HG   1 
ATOM   1064 N N    . SER B 2 6   ? -10.327 -7.900  -0.954  1.00 14.44 ? 1005 SER B N    1 
ATOM   1065 C CA   . SER B 2 6   ? -10.228 -7.976  0.506   1.00 14.98 ? 1005 SER B CA   1 
ATOM   1066 C C    . SER B 2 6   ? -8.982  -8.766  0.923   1.00 13.86 ? 1005 SER B C    1 
ATOM   1067 O O    . SER B 2 6   ? -8.530  -9.661  0.213   1.00 13.33 ? 1005 SER B O    1 
ATOM   1068 C CB   . SER B 2 6   ? -11.476 -8.635  1.097   1.00 15.76 ? 1005 SER B CB   1 
ATOM   1069 O OG   . SER B 2 6   ? -11.456 -10.037 0.892   1.00 24.43 ? 1005 SER B OG   1 
ATOM   1070 H H    . SER B 2 6   ? -10.918 -8.505  -1.436  1.00 0.00  ? 1005 SER B H    1 
ATOM   1071 H HG   . SER B 2 6   ? -10.659 -10.431 1.272   1.00 0.00  ? 1005 SER B HG   1 
ATOM   1072 N N    . ASN B 2 7   ? -8.385  -8.384  2.040   1.00 14.24 ? 1006 ASN B N    1 
ATOM   1073 C CA   . ASN B 2 7   ? -7.173  -9.043  2.517   1.00 12.13 ? 1006 ASN B CA   1 
ATOM   1074 C C    . ASN B 2 7   ? -7.564  -10.262 3.354   1.00 12.35 ? 1006 ASN B C    1 
ATOM   1075 O O    . ASN B 2 7   ? -8.186  -10.122 4.406   1.00 13.24 ? 1006 ASN B O    1 
ATOM   1076 C CB   . ASN B 2 7   ? -6.369  -8.047  3.346   1.00 10.56 ? 1006 ASN B CB   1 
ATOM   1077 C CG   . ASN B 2 7   ? -5.114  -8.639  3.933   1.00 10.65 ? 1006 ASN B CG   1 
ATOM   1078 O OD1  . ASN B 2 7   ? -4.800  -9.805  3.727   1.00 9.74  ? 1006 ASN B OD1  1 
ATOM   1079 N ND2  . ASN B 2 7   ? -4.406  -7.838  4.694   1.00 10.52 ? 1006 ASN B ND2  1 
ATOM   1080 H H    . ASN B 2 7   ? -8.782  -7.646  2.548   1.00 0.00  ? 1006 ASN B H    1 
ATOM   1081 H HD21 . ASN B 2 7   ? -4.761  -6.943  4.886   1.00 0.00  ? 1006 ASN B HD21 1 
ATOM   1082 H HD22 . ASN B 2 7   ? -3.562  -8.171  5.051   1.00 0.00  ? 1006 ASN B HD22 1 
ATOM   1083 N N    . PRO B 2 8   ? -7.193  -11.469 2.902   1.00 13.47 ? 1007 PRO B N    1 
ATOM   1084 C CA   . PRO B 2 8   ? -7.472  -12.717 3.636   1.00 12.78 ? 1007 PRO B CA   1 
ATOM   1085 C C    . PRO B 2 8   ? -6.760  -12.817 4.984   1.00 12.98 ? 1007 PRO B C    1 
ATOM   1086 O O    . PRO B 2 8   ? -7.096  -13.673 5.804   1.00 14.29 ? 1007 PRO B O    1 
ATOM   1087 C CB   . PRO B 2 8   ? -6.994  -13.808 2.680   1.00 13.60 ? 1007 PRO B CB   1 
ATOM   1088 C CG   . PRO B 2 8   ? -5.935  -13.138 1.865   1.00 14.06 ? 1007 PRO B CG   1 
ATOM   1089 C CD   . PRO B 2 8   ? -6.445  -11.732 1.661   1.00 12.26 ? 1007 PRO B CD   1 
ATOM   1090 N N    . ALA B 2 9   ? -5.754  -11.979 5.193   1.00 12.95 ? 1008 ALA B N    1 
ATOM   1091 C CA   . ALA B 2 9   ? -4.961  -12.024 6.412   1.00 14.17 ? 1008 ALA B CA   1 
ATOM   1092 C C    . ALA B 2 9   ? -5.276  -10.873 7.371   1.00 15.79 ? 1008 ALA B C    1 
ATOM   1093 O O    . ALA B 2 9   ? -4.498  -10.596 8.281   1.00 17.65 ? 1008 ALA B O    1 
ATOM   1094 C CB   . ALA B 2 9   ? -3.484  -12.013 6.055   1.00 15.61 ? 1008 ALA B CB   1 
ATOM   1095 H H    . ALA B 2 9   ? -5.513  -11.331 4.503   1.00 0.00  ? 1008 ALA B H    1 
HETATM 1096 N N    . PTR B 2 10  ? -6.385  -10.181 7.140   1.00 15.44 ? 1009 PTR B N    1 
HETATM 1097 C CA   . PTR B 2 10  ? -6.754  -9.031  7.957   1.00 16.41 ? 1009 PTR B CA   1 
HETATM 1098 C C    . PTR B 2 10  ? -7.213  -9.450  9.351   1.00 19.52 ? 1009 PTR B C    1 
HETATM 1099 O O    . PTR B 2 10  ? -8.129  -10.289 9.442   1.00 20.03 ? 1009 PTR B O    1 
HETATM 1100 O OXT  . PTR B 2 10  ? -6.749  -8.833  10.332  1.00 23.50 ? 1009 PTR B OXT  1 
HETATM 1101 C CB   . PTR B 2 10  ? -7.861  -8.234  7.268   1.00 13.52 ? 1009 PTR B CB   1 
HETATM 1102 C CG   . PTR B 2 10  ? -8.284  -7.018  8.060   1.00 13.73 ? 1009 PTR B CG   1 
HETATM 1103 C CD1  . PTR B 2 10  ? -9.595  -6.966  8.492   1.00 13.39 ? 1009 PTR B CD1  1 
HETATM 1104 C CD2  . PTR B 2 10  ? -7.394  -5.973  8.298   1.00 11.55 ? 1009 PTR B CD2  1 
HETATM 1105 C CE1  . PTR B 2 10  ? -10.056 -5.855  9.168   1.00 13.14 ? 1009 PTR B CE1  1 
HETATM 1106 C CE2  . PTR B 2 10  ? -7.847  -4.855  8.963   1.00 11.68 ? 1009 PTR B CE2  1 
HETATM 1107 C CZ   . PTR B 2 10  ? -9.162  -4.828  9.363   1.00 13.31 ? 1009 PTR B CZ   1 
HETATM 1108 O OH   . PTR B 2 10  ? -9.634  -3.653  9.957   1.00 14.60 ? 1009 PTR B OH   1 
HETATM 1109 P P    . PTR B 2 10  ? -10.054 -3.546  11.476  1.00 17.28 ? 1009 PTR B P    1 
HETATM 1110 O O1P  . PTR B 2 10  ? -11.236 -4.382  11.766  1.00 15.74 ? 1009 PTR B O1P  1 
HETATM 1111 O O2P  . PTR B 2 10  ? -8.953  -3.954  12.360  1.00 14.53 ? 1009 PTR B O2P  1 
HETATM 1112 O O3P  . PTR B 2 10  ? -10.403 -2.128  11.655  1.00 15.41 ? 1009 PTR B O3P  1 
HETATM 1113 H H    . PTR B 2 10  ? -6.999  -10.480 6.447   1.00 0.00  ? 1009 PTR B H    1 
HETATM 1114 O O    . HOH C 3 .   ? 11.562  -2.707  2.927   1.00 41.70 ? 301  HOH A O    1 
HETATM 1115 H H1   . HOH C 3 .   ? 11.123  -2.893  2.097   1.00 0.00  ? 301  HOH A H1   1 
HETATM 1116 H H2   . HOH C 3 .   ? 12.456  -2.965  2.790   1.00 0.00  ? 301  HOH A H2   1 
HETATM 1117 O O    . HOH C 3 .   ? -0.241  18.670  3.562   1.00 45.38 ? 302  HOH A O    1 
HETATM 1118 H H1   . HOH C 3 .   ? -0.701  18.937  2.814   1.00 0.00  ? 302  HOH A H1   1 
HETATM 1119 H H2   . HOH C 3 .   ? 0.601   19.169  3.642   1.00 0.00  ? 302  HOH A H2   1 
HETATM 1120 O O    . HOH C 3 .   ? -0.196  -25.613 10.085  1.00 31.86 ? 303  HOH A O    1 
HETATM 1121 H H1   . HOH C 3 .   ? 0.183   -24.987 10.704  1.00 0.00  ? 303  HOH A H1   1 
HETATM 1122 H H2   . HOH C 3 .   ? 0.264   -26.427 10.219  1.00 0.00  ? 303  HOH A H2   1 
HETATM 1123 O O    . HOH C 3 .   ? -3.453  9.174   -0.073  1.00 13.45 ? 304  HOH A O    1 
HETATM 1124 H H1   . HOH C 3 .   ? -4.345  9.111   0.280   1.00 0.00  ? 304  HOH A H1   1 
HETATM 1125 H H2   . HOH C 3 .   ? -2.963  8.386   0.158   1.00 0.00  ? 304  HOH A H2   1 
HETATM 1126 O O    . HOH C 3 .   ? -11.127 5.781   -18.861 1.00 35.73 ? 305  HOH A O    1 
HETATM 1127 H H1   . HOH C 3 .   ? -11.349 5.158   -19.543 1.00 0.00  ? 305  HOH A H1   1 
HETATM 1128 H H2   . HOH C 3 .   ? -11.454 6.631   -19.194 1.00 0.00  ? 305  HOH A H2   1 
HETATM 1129 O O    . HOH C 3 .   ? -1.194  -27.670 5.257   1.00 25.11 ? 306  HOH A O    1 
HETATM 1130 H H1   . HOH C 3 .   ? -0.937  -26.756 5.355   1.00 0.00  ? 306  HOH A H1   1 
HETATM 1131 H H2   . HOH C 3 .   ? -1.610  -27.684 6.118   1.00 0.00  ? 306  HOH A H2   1 
HETATM 1132 O O    . HOH C 3 .   ? 3.774   -12.666 2.705   1.00 18.65 ? 307  HOH A O    1 
HETATM 1133 H H1   . HOH C 3 .   ? 4.278   -12.226 3.376   1.00 0.00  ? 307  HOH A H1   1 
HETATM 1134 H H2   . HOH C 3 .   ? 4.290   -13.456 2.521   1.00 0.00  ? 307  HOH A H2   1 
HETATM 1135 O O    . HOH C 3 .   ? 24.153  8.745   4.017   1.00 30.76 ? 308  HOH A O    1 
HETATM 1136 H H1   . HOH C 3 .   ? 23.486  8.532   4.658   1.00 0.00  ? 308  HOH A H1   1 
HETATM 1137 H H2   . HOH C 3 .   ? 23.640  9.094   3.267   1.00 0.00  ? 308  HOH A H2   1 
HETATM 1138 O O    . HOH C 3 .   ? 0.852   -5.556  -14.705 1.00 36.52 ? 309  HOH A O    1 
HETATM 1139 H H1   . HOH C 3 .   ? 1.081   -6.487  -14.743 1.00 0.00  ? 309  HOH A H1   1 
HETATM 1140 H H2   . HOH C 3 .   ? 1.418   -5.265  -13.985 1.00 0.00  ? 309  HOH A H2   1 
HETATM 1141 O O    . HOH C 3 .   ? 0.012   13.834  -9.992  1.00 42.49 ? 310  HOH A O    1 
HETATM 1142 H H1   . HOH C 3 .   ? -0.301  14.048  -10.876 1.00 0.00  ? 310  HOH A H1   1 
HETATM 1143 H H2   . HOH C 3 .   ? 0.571   14.570  -9.752  1.00 0.00  ? 310  HOH A H2   1 
HETATM 1144 O O    . HOH C 3 .   ? 10.435  9.005   4.454   1.00 16.24 ? 311  HOH A O    1 
HETATM 1145 H H1   . HOH C 3 .   ? 9.857   9.616   3.983   1.00 0.00  ? 311  HOH A H1   1 
HETATM 1146 H H2   . HOH C 3 .   ? 11.290  9.445   4.583   1.00 0.00  ? 311  HOH A H2   1 
HETATM 1147 O O    . HOH C 3 .   ? -3.162  -27.018 8.986   1.00 28.52 ? 312  HOH A O    1 
HETATM 1148 H H1   . HOH C 3 .   ? -3.677  -26.340 9.396   1.00 0.00  ? 312  HOH A H1   1 
HETATM 1149 H H2   . HOH C 3 .   ? -2.530  -26.490 8.555   1.00 0.00  ? 312  HOH A H2   1 
HETATM 1150 O O    . HOH C 3 .   ? -2.950  17.106  9.637   1.00 48.56 ? 313  HOH A O    1 
HETATM 1151 H H1   . HOH C 3 .   ? -2.962  17.133  8.676   1.00 0.00  ? 313  HOH A H1   1 
HETATM 1152 H H2   . HOH C 3 .   ? -2.847  16.174  9.857   1.00 0.00  ? 313  HOH A H2   1 
HETATM 1153 O O    . HOH C 3 .   ? -13.577 -1.871  3.291   1.00 42.79 ? 314  HOH A O    1 
HETATM 1154 H H1   . HOH C 3 .   ? -13.070 -1.101  3.442   1.00 0.00  ? 314  HOH A H1   1 
HETATM 1155 H H2   . HOH C 3 .   ? -13.445 -1.931  2.384   1.00 0.00  ? 314  HOH A H2   1 
HETATM 1156 O O    . HOH C 3 .   ? 1.023   -25.606 4.254   1.00 45.20 ? 315  HOH A O    1 
HETATM 1157 H H1   . HOH C 3 .   ? 0.537   -26.199 4.837   1.00 0.00  ? 315  HOH A H1   1 
HETATM 1158 H H2   . HOH C 3 .   ? 0.870   -24.818 4.774   1.00 0.00  ? 315  HOH A H2   1 
HETATM 1159 O O    . HOH C 3 .   ? 8.539   -10.402 11.642  1.00 40.03 ? 316  HOH A O    1 
HETATM 1160 H H1   . HOH C 3 .   ? 8.571   -10.708 10.730  1.00 0.00  ? 316  HOH A H1   1 
HETATM 1161 H H2   . HOH C 3 .   ? 7.634   -10.556 11.883  1.00 0.00  ? 316  HOH A H2   1 
HETATM 1162 O O    . HOH C 3 .   ? 11.864  13.968  -1.928  1.00 28.73 ? 317  HOH A O    1 
HETATM 1163 H H1   . HOH C 3 .   ? 12.566  13.735  -1.310  1.00 0.00  ? 317  HOH A H1   1 
HETATM 1164 H H2   . HOH C 3 .   ? 11.665  14.905  -1.839  1.00 0.00  ? 317  HOH A H2   1 
HETATM 1165 O O    . HOH C 3 .   ? 8.785   -2.812  4.288   1.00 19.58 ? 318  HOH A O    1 
HETATM 1166 H H1   . HOH C 3 .   ? 9.187   -3.341  3.605   1.00 0.00  ? 318  HOH A H1   1 
HETATM 1167 H H2   . HOH C 3 .   ? 8.472   -3.488  4.907   1.00 0.00  ? 318  HOH A H2   1 
HETATM 1168 O O    . HOH C 3 .   ? -4.098  2.717   15.616  1.00 45.41 ? 319  HOH A O    1 
HETATM 1169 H H1   . HOH C 3 .   ? -4.665  2.645   16.381  1.00 0.00  ? 319  HOH A H1   1 
HETATM 1170 H H2   . HOH C 3 .   ? -4.519  2.120   14.991  1.00 0.00  ? 319  HOH A H2   1 
HETATM 1171 O O    . HOH C 3 .   ? 5.139   14.223  2.237   1.00 24.71 ? 320  HOH A O    1 
HETATM 1172 H H1   . HOH C 3 .   ? 4.947   13.630  2.962   1.00 0.00  ? 320  HOH A H1   1 
HETATM 1173 H H2   . HOH C 3 .   ? 4.778   15.029  2.615   1.00 0.00  ? 320  HOH A H2   1 
HETATM 1174 O O    . HOH C 3 .   ? -12.447 7.278   -1.744  1.00 35.58 ? 321  HOH A O    1 
HETATM 1175 H H1   . HOH C 3 .   ? -11.632 7.742   -1.633  1.00 0.00  ? 321  HOH A H1   1 
HETATM 1176 H H2   . HOH C 3 .   ? -12.914 7.843   -2.385  1.00 0.00  ? 321  HOH A H2   1 
HETATM 1177 O O    . HOH C 3 .   ? 10.695  -4.139  -7.566  1.00 33.55 ? 322  HOH A O    1 
HETATM 1178 H H1   . HOH C 3 .   ? 10.442  -3.209  -7.379  1.00 0.00  ? 322  HOH A H1   1 
HETATM 1179 H H2   . HOH C 3 .   ? 11.657  -4.245  -7.567  1.00 0.00  ? 322  HOH A H2   1 
HETATM 1180 O O    . HOH C 3 .   ? 4.913   4.684   -12.200 1.00 33.60 ? 323  HOH A O    1 
HETATM 1181 H H1   . HOH C 3 .   ? 5.655   4.879   -11.608 1.00 0.00  ? 323  HOH A H1   1 
HETATM 1182 H H2   . HOH C 3 .   ? 5.293   4.813   -13.061 1.00 0.00  ? 323  HOH A H2   1 
HETATM 1183 O O    . HOH C 3 .   ? 16.042  8.356   -2.229  1.00 42.62 ? 324  HOH A O    1 
HETATM 1184 H H1   . HOH C 3 .   ? 16.929  8.178   -2.551  1.00 0.00  ? 324  HOH A H1   1 
HETATM 1185 H H2   . HOH C 3 .   ? 15.831  7.588   -1.656  1.00 0.00  ? 324  HOH A H2   1 
HETATM 1186 O O    . HOH C 3 .   ? 4.740   -0.202  12.077  1.00 32.82 ? 325  HOH A O    1 
HETATM 1187 H H1   . HOH C 3 .   ? 4.485   -1.065  12.432  1.00 0.00  ? 325  HOH A H1   1 
HETATM 1188 H H2   . HOH C 3 .   ? 4.469   -0.236  11.155  1.00 0.00  ? 325  HOH A H2   1 
HETATM 1189 O O    . HOH C 3 .   ? -0.421  -18.868 -0.969  1.00 37.73 ? 326  HOH A O    1 
HETATM 1190 H H1   . HOH C 3 .   ? -1.098  -19.495 -0.782  1.00 0.00  ? 326  HOH A H1   1 
HETATM 1191 H H2   . HOH C 3 .   ? 0.073   -19.347 -1.627  1.00 0.00  ? 326  HOH A H2   1 
HETATM 1192 O O    . HOH C 3 .   ? 1.705   -23.226 10.458  1.00 38.45 ? 327  HOH A O    1 
HETATM 1193 H H1   . HOH C 3 .   ? 1.682   -22.756 9.620   1.00 0.00  ? 327  HOH A H1   1 
HETATM 1194 H H2   . HOH C 3 .   ? 0.798   -23.539 10.470  1.00 0.00  ? 327  HOH A H2   1 
HETATM 1195 O O    . HOH C 3 .   ? -6.255  -2.670  11.832  1.00 17.35 ? 328  HOH A O    1 
HETATM 1196 H H1   . HOH C 3 .   ? -6.302  -2.994  12.736  1.00 0.00  ? 328  HOH A H1   1 
HETATM 1197 H H2   . HOH C 3 .   ? -5.592  -3.299  11.520  1.00 0.00  ? 328  HOH A H2   1 
HETATM 1198 O O    . HOH C 3 .   ? 15.314  7.423   0.325   1.00 43.52 ? 329  HOH A O    1 
HETATM 1199 H H1   . HOH C 3 .   ? 14.639  8.049   0.595   1.00 0.00  ? 329  HOH A H1   1 
HETATM 1200 H H2   . HOH C 3 .   ? 15.919  7.471   1.073   1.00 0.00  ? 329  HOH A H2   1 
HETATM 1201 O O    . HOH C 3 .   ? 21.179  10.157  2.104   1.00 39.75 ? 330  HOH A O    1 
HETATM 1202 H H1   . HOH C 3 .   ? 20.247  10.416  2.051   1.00 0.00  ? 330  HOH A H1   1 
HETATM 1203 H H2   . HOH C 3 .   ? 21.110  9.684   2.887   1.00 0.00  ? 330  HOH A H2   1 
HETATM 1204 O O    . HOH C 3 .   ? -8.162  3.153   16.150  1.00 36.19 ? 331  HOH A O    1 
HETATM 1205 H H1   . HOH C 3 .   ? -7.999  2.889   15.250  1.00 0.00  ? 331  HOH A H1   1 
HETATM 1206 H H2   . HOH C 3 .   ? -7.676  2.521   16.682  1.00 0.00  ? 331  HOH A H2   1 
HETATM 1207 O O    . HOH C 3 .   ? -2.984  -14.646 -6.441  1.00 33.20 ? 332  HOH A O    1 
HETATM 1208 H H1   . HOH C 3 .   ? -2.827  -15.562 -6.232  1.00 0.00  ? 332  HOH A H1   1 
HETATM 1209 H H2   . HOH C 3 .   ? -3.647  -14.385 -5.824  1.00 0.00  ? 332  HOH A H2   1 
HETATM 1210 O O    . HOH C 3 .   ? 1.934   9.071   -13.265 1.00 46.06 ? 333  HOH A O    1 
HETATM 1211 H H1   . HOH C 3 .   ? 1.863   8.150   -13.408 1.00 0.00  ? 333  HOH A H1   1 
HETATM 1212 H H2   . HOH C 3 .   ? 1.080   9.359   -13.077 1.00 0.00  ? 333  HOH A H2   1 
HETATM 1213 O O    . HOH C 3 .   ? -6.788  7.762   -14.939 1.00 14.38 ? 334  HOH A O    1 
HETATM 1214 H H1   . HOH C 3 .   ? -5.875  7.608   -14.659 1.00 0.00  ? 334  HOH A H1   1 
HETATM 1215 H H2   . HOH C 3 .   ? -6.918  8.682   -14.833 1.00 0.00  ? 334  HOH A H2   1 
HETATM 1216 O O    . HOH C 3 .   ? 13.325  4.037   8.822   1.00 24.33 ? 335  HOH A O    1 
HETATM 1217 H H1   . HOH C 3 .   ? 13.677  4.895   8.591   1.00 0.00  ? 335  HOH A H1   1 
HETATM 1218 H H2   . HOH C 3 .   ? 12.402  4.178   9.128   1.00 0.00  ? 335  HOH A H2   1 
HETATM 1219 O O    . HOH C 3 .   ? -6.235  -19.768 4.195   1.00 32.19 ? 336  HOH A O    1 
HETATM 1220 H H1   . HOH C 3 .   ? -6.843  -19.914 3.499   1.00 0.00  ? 336  HOH A H1   1 
HETATM 1221 H H2   . HOH C 3 .   ? -5.656  -19.090 3.825   1.00 0.00  ? 336  HOH A H2   1 
HETATM 1222 O O    . HOH C 3 .   ? 1.591   -8.080  8.299   1.00 22.38 ? 337  HOH A O    1 
HETATM 1223 H H1   . HOH C 3 .   ? 2.453   -7.902  7.922   1.00 0.00  ? 337  HOH A H1   1 
HETATM 1224 H H2   . HOH C 3 .   ? 1.641   -8.909  8.798   1.00 0.00  ? 337  HOH A H2   1 
HETATM 1225 O O    . HOH C 3 .   ? -1.708  8.192   13.987  1.00 35.47 ? 338  HOH A O    1 
HETATM 1226 H H1   . HOH C 3 .   ? -2.401  8.097   13.330  1.00 0.00  ? 338  HOH A H1   1 
HETATM 1227 H H2   . HOH C 3 .   ? -1.272  7.336   13.984  1.00 0.00  ? 338  HOH A H2   1 
HETATM 1228 O O    . HOH C 3 .   ? -2.275  -12.127 -7.222  1.00 39.81 ? 339  HOH A O    1 
HETATM 1229 H H1   . HOH C 3 .   ? -3.064  -11.596 -7.127  1.00 0.00  ? 339  HOH A H1   1 
HETATM 1230 H H2   . HOH C 3 .   ? -2.582  -12.992 -7.532  1.00 0.00  ? 339  HOH A H2   1 
HETATM 1231 O O    . HOH C 3 .   ? 4.848   15.989  7.371   1.00 29.46 ? 340  HOH A O    1 
HETATM 1232 H H1   . HOH C 3 .   ? 4.842   16.879  7.024   1.00 0.00  ? 340  HOH A H1   1 
HETATM 1233 H H2   . HOH C 3 .   ? 5.482   15.934  8.107   1.00 0.00  ? 340  HOH A H2   1 
HETATM 1234 O O    . HOH C 3 .   ? -10.477 5.901   -12.733 1.00 33.45 ? 341  HOH A O    1 
HETATM 1235 H H1   . HOH C 3 .   ? -10.918 6.296   -11.978 1.00 0.00  ? 341  HOH A H1   1 
HETATM 1236 H H2   . HOH C 3 .   ? -10.436 6.704   -13.270 1.00 0.00  ? 341  HOH A H2   1 
HETATM 1237 O O    . HOH C 3 .   ? -6.792  -17.218 3.451   1.00 42.49 ? 342  HOH A O    1 
HETATM 1238 H H1   . HOH C 3 .   ? -7.338  -16.636 3.949   1.00 0.00  ? 342  HOH A H1   1 
HETATM 1239 H H2   . HOH C 3 .   ? -7.341  -17.992 3.413   1.00 0.00  ? 342  HOH A H2   1 
HETATM 1240 O O    . HOH C 3 .   ? -4.523  -3.161  -15.137 1.00 49.15 ? 343  HOH A O    1 
HETATM 1241 H H1   . HOH C 3 .   ? -4.886  -3.968  -15.490 1.00 0.00  ? 343  HOH A H1   1 
HETATM 1242 H H2   . HOH C 3 .   ? -3.615  -3.369  -14.936 1.00 0.00  ? 343  HOH A H2   1 
HETATM 1243 O O    . HOH C 3 .   ? 11.452  5.585   10.575  1.00 47.37 ? 344  HOH A O    1 
HETATM 1244 H H1   . HOH C 3 .   ? 11.190  6.209   9.905   1.00 0.00  ? 344  HOH A H1   1 
HETATM 1245 H H2   . HOH C 3 .   ? 10.686  5.710   11.174  1.00 0.00  ? 344  HOH A H2   1 
HETATM 1246 O O    . HOH C 3 .   ? -8.071  -0.456  -14.414 1.00 34.23 ? 345  HOH A O    1 
HETATM 1247 H H1   . HOH C 3 .   ? -7.251  0.028   -14.433 1.00 0.00  ? 345  HOH A H1   1 
HETATM 1248 H H2   . HOH C 3 .   ? -7.812  -0.905  -15.231 1.00 0.00  ? 345  HOH A H2   1 
HETATM 1249 O O    . HOH C 3 .   ? 3.975   4.570   -18.891 1.00 39.21 ? 346  HOH A O    1 
HETATM 1250 H H1   . HOH C 3 .   ? 3.430   5.250   -18.494 1.00 0.00  ? 346  HOH A H1   1 
HETATM 1251 H H2   . HOH C 3 .   ? 3.616   3.783   -18.550 1.00 0.00  ? 346  HOH A H2   1 
HETATM 1252 O O    . HOH C 3 .   ? 2.541   -8.721  10.706  1.00 33.47 ? 347  HOH A O    1 
HETATM 1253 H H1   . HOH C 3 .   ? 2.838   -8.672  9.790   1.00 0.00  ? 347  HOH A H1   1 
HETATM 1254 H H2   . HOH C 3 .   ? 2.506   -9.664  10.867  1.00 0.00  ? 347  HOH A H2   1 
HETATM 1255 O O    . HOH C 3 .   ? 0.501   -8.117  -12.897 1.00 36.81 ? 348  HOH A O    1 
HETATM 1256 H H1   . HOH C 3 .   ? 0.078   -8.206  -12.029 1.00 0.00  ? 348  HOH A H1   1 
HETATM 1257 H H2   . HOH C 3 .   ? 0.000   -8.707  -13.465 1.00 0.00  ? 348  HOH A H2   1 
HETATM 1258 O O    . HOH C 3 .   ? -7.010  17.809  -0.606  1.00 36.84 ? 349  HOH A O    1 
HETATM 1259 H H1   . HOH C 3 .   ? -7.279  16.975  -1.050  1.00 0.00  ? 349  HOH A H1   1 
HETATM 1260 H H2   . HOH C 3 .   ? -7.483  18.450  -1.124  1.00 0.00  ? 349  HOH A H2   1 
HETATM 1261 O O    . HOH C 3 .   ? 0.321   -16.453 -2.764  1.00 30.69 ? 350  HOH A O    1 
HETATM 1262 H H1   . HOH C 3 .   ? 0.614   -16.645 -3.681  1.00 0.00  ? 350  HOH A H1   1 
HETATM 1263 H H2   . HOH C 3 .   ? 0.511   -15.522 -2.630  1.00 0.00  ? 350  HOH A H2   1 
HETATM 1264 O O    . HOH C 3 .   ? -1.294  -3.231  15.079  1.00 14.80 ? 351  HOH A O    1 
HETATM 1265 H H1   . HOH C 3 .   ? -1.895  -2.803  15.715  1.00 0.00  ? 351  HOH A H1   1 
HETATM 1266 H H2   . HOH C 3 .   ? -0.766  -3.836  15.596  1.00 0.00  ? 351  HOH A H2   1 
HETATM 1267 O O    . HOH C 3 .   ? -8.430  8.326   4.813   1.00 12.63 ? 352  HOH A O    1 
HETATM 1268 H H1   . HOH C 3 .   ? -9.247  8.613   5.259   1.00 0.00  ? 352  HOH A H1   1 
HETATM 1269 H H2   . HOH C 3 .   ? -8.086  9.177   4.578   1.00 0.00  ? 352  HOH A H2   1 
HETATM 1270 O O    . HOH C 3 .   ? -10.464 2.751   -19.219 1.00 43.40 ? 353  HOH A O    1 
HETATM 1271 H H1   . HOH C 3 .   ? -10.807 2.796   -20.069 1.00 0.00  ? 353  HOH A H1   1 
HETATM 1272 H H2   . HOH C 3 .   ? -9.992  1.874   -19.129 1.00 0.00  ? 353  HOH A H2   1 
HETATM 1273 O O    . HOH C 3 .   ? -7.878  -13.711 -1.429  1.00 20.76 ? 354  HOH A O    1 
HETATM 1274 H H1   . HOH C 3 .   ? -8.673  -13.686 -0.892  1.00 0.00  ? 354  HOH A H1   1 
HETATM 1275 H H2   . HOH C 3 .   ? -7.376  -13.053 -1.077  1.00 0.00  ? 354  HOH A H2   1 
HETATM 1276 O O    . HOH C 3 .   ? 4.182   -11.327 -3.807  1.00 37.10 ? 355  HOH A O    1 
HETATM 1277 H H1   . HOH C 3 .   ? 3.523   -11.777 -4.338  1.00 0.00  ? 355  HOH A H1   1 
HETATM 1278 H H2   . HOH C 3 .   ? 3.733   -10.522 -3.532  1.00 0.00  ? 355  HOH A H2   1 
HETATM 1279 O O    . HOH C 3 .   ? -13.166 2.767   9.365   1.00 29.52 ? 356  HOH A O    1 
HETATM 1280 H H1   . HOH C 3 .   ? -12.693 2.441   8.597   1.00 0.00  ? 356  HOH A H1   1 
HETATM 1281 H H2   . HOH C 3 .   ? -14.071 2.837   9.055   1.00 0.00  ? 356  HOH A H2   1 
HETATM 1282 O O    . HOH C 3 .   ? -6.637  7.597   11.170  1.00 24.68 ? 357  HOH A O    1 
HETATM 1283 H H1   . HOH C 3 .   ? -6.735  8.524   11.400  1.00 0.00  ? 357  HOH A H1   1 
HETATM 1284 H H2   . HOH C 3 .   ? -5.680  7.491   11.113  1.00 0.00  ? 357  HOH A H2   1 
HETATM 1285 O O    . HOH C 3 .   ? 7.481   8.156   -13.239 1.00 45.38 ? 358  HOH A O    1 
HETATM 1286 H H1   . HOH C 3 .   ? 6.668   8.631   -13.380 1.00 0.00  ? 358  HOH A H1   1 
HETATM 1287 H H2   . HOH C 3 .   ? 7.430   7.342   -13.771 1.00 0.00  ? 358  HOH A H2   1 
HETATM 1288 O O    . HOH C 3 .   ? 2.665   -11.153 -9.098  1.00 36.28 ? 359  HOH A O    1 
HETATM 1289 H H1   . HOH C 3 .   ? 2.451   -11.805 -9.761  1.00 0.00  ? 359  HOH A H1   1 
HETATM 1290 H H2   . HOH C 3 .   ? 2.886   -10.339 -9.568  1.00 0.00  ? 359  HOH A H2   1 
HETATM 1291 O O    . HOH C 3 .   ? 16.402  3.799   8.595   1.00 27.49 ? 360  HOH A O    1 
HETATM 1292 H H1   . HOH C 3 .   ? 15.982  3.089   9.078   1.00 0.00  ? 360  HOH A H1   1 
HETATM 1293 H H2   . HOH C 3 .   ? 15.678  4.336   8.286   1.00 0.00  ? 360  HOH A H2   1 
HETATM 1294 O O    . HOH C 3 .   ? -2.227  1.013   16.886  1.00 30.93 ? 361  HOH A O    1 
HETATM 1295 H H1   . HOH C 3 .   ? -2.130  1.831   17.335  1.00 0.00  ? 361  HOH A H1   1 
HETATM 1296 H H2   . HOH C 3 .   ? -2.395  1.311   15.981  1.00 0.00  ? 361  HOH A H2   1 
HETATM 1297 O O    . HOH C 3 .   ? 5.398   3.643   11.209  1.00 22.74 ? 362  HOH A O    1 
HETATM 1298 H H1   . HOH C 3 .   ? 5.160   3.008   10.545  1.00 0.00  ? 362  HOH A H1   1 
HETATM 1299 H H2   . HOH C 3 .   ? 5.664   3.112   11.993  1.00 0.00  ? 362  HOH A H2   1 
HETATM 1300 O O    . HOH C 3 .   ? 13.617  15.808  -2.624  1.00 30.00 ? 363  HOH A O    1 
HETATM 1301 H H1   . HOH C 3 .   ? 14.040  14.959  -2.491  1.00 0.00  ? 363  HOH A H1   1 
HETATM 1302 H H2   . HOH C 3 .   ? 12.851  15.786  -2.074  1.00 0.00  ? 363  HOH A H2   1 
HETATM 1303 O O    . HOH C 3 .   ? -15.255 -2.667  -2.373  1.00 48.02 ? 364  HOH A O    1 
HETATM 1304 H H1   . HOH C 3 .   ? -14.684 -3.314  -2.806  1.00 0.00  ? 364  HOH A H1   1 
HETATM 1305 H H2   . HOH C 3 .   ? -16.069 -2.739  -2.852  1.00 0.00  ? 364  HOH A H2   1 
HETATM 1306 O O    . HOH C 3 .   ? -7.024  -2.619  -15.403 1.00 32.10 ? 365  HOH A O    1 
HETATM 1307 H H1   . HOH C 3 .   ? -6.257  -3.213  -15.481 1.00 0.00  ? 365  HOH A H1   1 
HETATM 1308 H H2   . HOH C 3 .   ? -7.766  -3.166  -15.121 1.00 0.00  ? 365  HOH A H2   1 
HETATM 1309 O O    . HOH C 3 .   ? 12.337  -2.004  -8.581  1.00 46.45 ? 366  HOH A O    1 
HETATM 1310 H H1   . HOH C 3 .   ? 13.032  -2.258  -9.186  1.00 0.00  ? 366  HOH A H1   1 
HETATM 1311 H H2   . HOH C 3 .   ? 11.674  -2.699  -8.718  1.00 0.00  ? 366  HOH A H2   1 
HETATM 1312 O O    . HOH C 3 .   ? -5.073  11.852  12.432  1.00 39.81 ? 367  HOH A O    1 
HETATM 1313 H H1   . HOH C 3 .   ? -4.852  10.966  12.112  1.00 0.00  ? 367  HOH A H1   1 
HETATM 1314 H H2   . HOH C 3 .   ? -5.807  11.786  13.058  1.00 0.00  ? 367  HOH A H2   1 
HETATM 1315 O O    . HOH C 3 .   ? 8.358   1.435   -10.050 1.00 44.25 ? 368  HOH A O    1 
HETATM 1316 H H1   . HOH C 3 .   ? 8.642   0.955   -10.838 1.00 0.00  ? 368  HOH A H1   1 
HETATM 1317 H H2   . HOH C 3 .   ? 8.589   0.844   -9.330  1.00 0.00  ? 368  HOH A H2   1 
HETATM 1318 O O    . HOH C 3 .   ? 0.474   14.671  -5.032  1.00 29.78 ? 369  HOH A O    1 
HETATM 1319 H H1   . HOH C 3 .   ? 0.574   15.467  -4.543  1.00 0.00  ? 369  HOH A H1   1 
HETATM 1320 H H2   . HOH C 3 .   ? 0.473   15.000  -5.942  1.00 0.00  ? 369  HOH A H2   1 
HETATM 1321 O O    . HOH C 3 .   ? -0.864  18.418  6.160   1.00 37.08 ? 370  HOH A O    1 
HETATM 1322 H H1   . HOH C 3 .   ? -0.928  17.841  6.902   1.00 0.00  ? 370  HOH A H1   1 
HETATM 1323 H H2   . HOH C 3 .   ? -0.367  19.162  6.502   1.00 0.00  ? 370  HOH A H2   1 
HETATM 1324 O O    . HOH C 3 .   ? -4.531  -6.172  14.540  1.00 28.05 ? 371  HOH A O    1 
HETATM 1325 H H1   . HOH C 3 .   ? -5.175  -5.825  15.157  1.00 0.00  ? 371  HOH A H1   1 
HETATM 1326 H H2   . HOH C 3 .   ? -4.502  -5.512  13.825  1.00 0.00  ? 371  HOH A H2   1 
HETATM 1327 O O    . HOH C 3 .   ? -3.063  13.537  11.704  1.00 44.72 ? 372  HOH A O    1 
HETATM 1328 H H1   . HOH C 3 .   ? -2.205  13.875  11.968  1.00 0.00  ? 372  HOH A H1   1 
HETATM 1329 H H2   . HOH C 3 .   ? -3.429  13.033  12.453  1.00 0.00  ? 372  HOH A H2   1 
HETATM 1330 O O    . HOH C 3 .   ? 0.231   -1.036  10.637  1.00 2.00  ? 373  HOH A O    1 
HETATM 1331 H H1   . HOH C 3 .   ? 1.172   -0.839  10.558  1.00 0.00  ? 373  HOH A H1   1 
HETATM 1332 H H2   . HOH C 3 .   ? -0.209  -0.354  10.121  1.00 0.00  ? 373  HOH A H2   1 
HETATM 1333 O O    . HOH C 3 .   ? 6.348   2.811   -11.110 1.00 46.31 ? 374  HOH A O    1 
HETATM 1334 H H1   . HOH C 3 .   ? 6.905   2.019   -10.947 1.00 0.00  ? 374  HOH A H1   1 
HETATM 1335 H H2   . HOH C 3 .   ? 6.630   3.155   -11.949 1.00 0.00  ? 374  HOH A H2   1 
HETATM 1336 O O    . HOH C 3 .   ? 16.456  16.705  -2.948  1.00 49.08 ? 375  HOH A O    1 
HETATM 1337 H H1   . HOH C 3 .   ? 17.061  17.434  -3.141  1.00 0.00  ? 375  HOH A H1   1 
HETATM 1338 H H2   . HOH C 3 .   ? 15.724  17.226  -2.607  1.00 0.00  ? 375  HOH A H2   1 
HETATM 1339 O O    . HOH C 3 .   ? 4.040   -4.027  -14.384 1.00 41.61 ? 376  HOH A O    1 
HETATM 1340 H H1   . HOH C 3 .   ? 4.438   -3.399  -15.021 1.00 0.00  ? 376  HOH A H1   1 
HETATM 1341 H H2   . HOH C 3 .   ? 4.862   -4.673  -14.315 1.00 0.00  ? 376  HOH A H2   1 
HETATM 1342 O O    . HOH C 3 .   ? -6.250  -21.368 7.876   1.00 44.77 ? 377  HOH A O    1 
HETATM 1343 H H1   . HOH C 3 .   ? -6.720  -21.384 7.076   1.00 0.00  ? 377  HOH A H1   1 
HETATM 1344 H H2   . HOH C 3 .   ? -6.015  -22.302 8.050   1.00 0.00  ? 377  HOH A H2   1 
HETATM 1345 O O    . HOH C 3 .   ? -3.938  -3.091  -17.838 1.00 40.07 ? 378  HOH A O    1 
HETATM 1346 H H1   . HOH C 3 .   ? -4.427  -3.836  -18.149 1.00 0.00  ? 378  HOH A H1   1 
HETATM 1347 H H2   . HOH C 3 .   ? -3.727  -3.310  -16.923 1.00 0.00  ? 378  HOH A H2   1 
HETATM 1348 O O    . HOH C 3 .   ? -6.285  13.752  -4.605  1.00 33.70 ? 379  HOH A O    1 
HETATM 1349 H H1   . HOH C 3 .   ? -7.048  14.227  -4.274  1.00 0.00  ? 379  HOH A H1   1 
HETATM 1350 H H2   . HOH C 3 .   ? -5.767  13.525  -3.835  1.00 0.00  ? 379  HOH A H2   1 
HETATM 1351 O O    . HOH C 3 .   ? 3.125   -24.543 8.427   1.00 35.70 ? 380  HOH A O    1 
HETATM 1352 H H1   . HOH C 3 .   ? 2.491   -24.045 7.842   1.00 0.00  ? 380  HOH A H1   1 
HETATM 1353 H H2   . HOH C 3 .   ? 2.733   -24.405 9.223   1.00 0.00  ? 380  HOH A H2   1 
HETATM 1354 O O    . HOH C 3 .   ? 4.593   7.885   -10.602 1.00 40.56 ? 381  HOH A O    1 
HETATM 1355 H H1   . HOH C 3 .   ? 5.553   7.860   -10.636 1.00 0.00  ? 381  HOH A H1   1 
HETATM 1356 H H2   . HOH C 3 .   ? 4.416   7.300   -9.858  1.00 0.00  ? 381  HOH A H2   1 
HETATM 1357 O O    . HOH C 3 .   ? -12.319 -4.966  3.542   1.00 45.79 ? 382  HOH A O    1 
HETATM 1358 H H1   . HOH C 3 .   ? -11.888 -5.813  3.785   1.00 0.00  ? 382  HOH A H1   1 
HETATM 1359 H H2   . HOH C 3 .   ? -13.246 -4.972  3.767   1.00 0.00  ? 382  HOH A H2   1 
HETATM 1360 O O    . HOH C 3 .   ? 8.040   4.757   11.052  1.00 47.07 ? 383  HOH A O    1 
HETATM 1361 H H1   . HOH C 3 .   ? 7.131   5.105   10.910  1.00 0.00  ? 383  HOH A H1   1 
HETATM 1362 H H2   . HOH C 3 .   ? 8.587   5.127   10.356  1.00 0.00  ? 383  HOH A H2   1 
HETATM 1363 O O    . HOH C 3 .   ? -11.737 -6.661  5.349   1.00 44.91 ? 384  HOH A O    1 
HETATM 1364 H H1   . HOH C 3 .   ? -12.220 -5.821  5.434   1.00 0.00  ? 384  HOH A H1   1 
HETATM 1365 H H2   . HOH C 3 .   ? -12.146 -7.238  5.974   1.00 0.00  ? 384  HOH A H2   1 
HETATM 1366 O O    . HOH C 3 .   ? 6.184   -3.077  -13.247 1.00 50.87 ? 385  HOH A O    1 
HETATM 1367 H H1   . HOH C 3 .   ? 5.432   -3.739  -13.191 1.00 0.00  ? 385  HOH A H1   1 
HETATM 1368 H H2   . HOH C 3 .   ? 6.864   -3.617  -13.470 1.00 0.00  ? 385  HOH A H2   1 
HETATM 1369 O O    . HOH C 3 .   ? 6.895   9.345   -9.705  1.00 41.20 ? 386  HOH A O    1 
HETATM 1370 H H1   . HOH C 3 .   ? 6.516   9.934   -9.049  1.00 0.00  ? 386  HOH A H1   1 
HETATM 1371 H H2   . HOH C 3 .   ? 6.940   9.908   -10.483 1.00 0.00  ? 386  HOH A H2   1 
HETATM 1372 O O    . HOH C 3 .   ? 18.516  8.135   0.606   1.00 41.62 ? 387  HOH A O    1 
HETATM 1373 H H1   . HOH C 3 .   ? 18.279  7.241   0.843   1.00 0.00  ? 387  HOH A H1   1 
HETATM 1374 H H2   . HOH C 3 .   ? 19.280  8.033   0.030   1.00 0.00  ? 387  HOH A H2   1 
HETATM 1375 O O    . HOH C 3 .   ? 5.623   6.281   12.358  1.00 49.74 ? 388  HOH A O    1 
HETATM 1376 H H1   . HOH C 3 .   ? 4.677   6.174   12.376  1.00 0.00  ? 388  HOH A H1   1 
HETATM 1377 H H2   . HOH C 3 .   ? 5.927   5.571   12.941  1.00 0.00  ? 388  HOH A H2   1 
HETATM 1378 O O    . HOH C 3 .   ? 9.817   6.853   -13.229 1.00 43.57 ? 389  HOH A O    1 
HETATM 1379 H H1   . HOH C 3 .   ? 9.595   6.079   -13.750 1.00 0.00  ? 389  HOH A H1   1 
HETATM 1380 H H2   . HOH C 3 .   ? 10.750  6.738   -13.036 1.00 0.00  ? 389  HOH A H2   1 
HETATM 1381 O O    . HOH C 3 .   ? 4.355   -13.953 -2.010  1.00 29.69 ? 390  HOH A O    1 
HETATM 1382 H H1   . HOH C 3 .   ? 4.289   -14.020 -2.973  1.00 0.00  ? 390  HOH A H1   1 
HETATM 1383 H H2   . HOH C 3 .   ? 3.468   -13.732 -1.697  1.00 0.00  ? 390  HOH A H2   1 
HETATM 1384 O O    . HOH C 3 .   ? -8.134  15.774  -1.629  1.00 42.88 ? 391  HOH A O    1 
HETATM 1385 H H1   . HOH C 3 .   ? -7.653  15.227  -0.998  1.00 0.00  ? 391  HOH A H1   1 
HETATM 1386 H H2   . HOH C 3 .   ? -8.828  16.065  -1.016  1.00 0.00  ? 391  HOH A H2   1 
HETATM 1387 O O    . HOH C 3 .   ? 3.915   -23.859 5.764   1.00 39.46 ? 392  HOH A O    1 
HETATM 1388 H H1   . HOH C 3 .   ? 4.442   -23.560 6.458   1.00 0.00  ? 392  HOH A H1   1 
HETATM 1389 H H2   . HOH C 3 .   ? 3.956   -24.773 5.875   1.00 0.00  ? 392  HOH A H2   1 
HETATM 1390 O O    . HOH C 3 .   ? -0.934  -15.759 -4.835  1.00 40.28 ? 393  HOH A O    1 
HETATM 1391 H H1   . HOH C 3 .   ? -1.549  -15.882 -4.114  1.00 0.00  ? 393  HOH A H1   1 
HETATM 1392 H H2   . HOH C 3 .   ? -0.611  -14.924 -4.684  1.00 0.00  ? 393  HOH A H2   1 
HETATM 1393 O O    . HOH C 3 .   ? -9.201  8.076   -12.150 1.00 48.94 ? 394  HOH A O    1 
HETATM 1394 H H1   . HOH C 3 .   ? -9.271  7.100   -12.126 1.00 0.00  ? 394  HOH A H1   1 
HETATM 1395 H H2   . HOH C 3 .   ? -8.879  8.202   -13.034 1.00 0.00  ? 394  HOH A H2   1 
HETATM 1396 O O    . HOH C 3 .   ? 8.293   10.678  10.202  1.00 41.57 ? 395  HOH A O    1 
HETATM 1397 H H1   . HOH C 3 .   ? 8.424   11.478  9.691   1.00 0.00  ? 395  HOH A H1   1 
HETATM 1398 H H2   . HOH C 3 .   ? 8.768   10.783  11.038  1.00 0.00  ? 395  HOH A H2   1 
HETATM 1399 O O    . HOH C 3 .   ? 4.719   -15.295 3.987   1.00 33.56 ? 396  HOH A O    1 
HETATM 1400 H H1   . HOH C 3 .   ? 5.479   -14.777 4.275   1.00 0.00  ? 396  HOH A H1   1 
HETATM 1401 H H2   . HOH C 3 .   ? 3.978   -14.686 4.042   1.00 0.00  ? 396  HOH A H2   1 
HETATM 1402 O O    . HOH C 3 .   ? 5.132   15.093  -6.830  1.00 43.46 ? 397  HOH A O    1 
HETATM 1403 H H1   . HOH C 3 .   ? 4.974   15.860  -6.278  1.00 0.00  ? 397  HOH A H1   1 
HETATM 1404 H H2   . HOH C 3 .   ? 4.927   14.359  -6.253  1.00 0.00  ? 397  HOH A H2   1 
HETATM 1405 O O    . HOH C 3 .   ? -2.556  -14.729 9.682   1.00 41.19 ? 398  HOH A O    1 
HETATM 1406 H H1   . HOH C 3 .   ? -2.385  -14.451 8.771   1.00 0.00  ? 398  HOH A H1   1 
HETATM 1407 H H2   . HOH C 3 .   ? -2.114  -15.557 9.806   1.00 0.00  ? 398  HOH A H2   1 
HETATM 1408 O O    . HOH C 3 .   ? 3.210   -6.218  -15.961 1.00 39.76 ? 399  HOH A O    1 
HETATM 1409 H H1   . HOH C 3 .   ? 2.643   -5.523  -15.591 1.00 0.00  ? 399  HOH A H1   1 
HETATM 1410 H H2   . HOH C 3 .   ? 3.022   -6.200  -16.897 1.00 0.00  ? 399  HOH A H2   1 
HETATM 1411 O O    . HOH C 3 .   ? 10.535  3.782   -11.098 1.00 42.69 ? 400  HOH A O    1 
HETATM 1412 H H1   . HOH C 3 .   ? 11.173  4.253   -10.553 1.00 0.00  ? 400  HOH A H1   1 
HETATM 1413 H H2   . HOH C 3 .   ? 11.067  3.170   -11.613 1.00 0.00  ? 400  HOH A H2   1 
HETATM 1414 O O    . HOH C 3 .   ? 6.447   1.718   13.097  1.00 31.70 ? 401  HOH A O    1 
HETATM 1415 H H1   . HOH C 3 .   ? 5.519   1.458   13.014  1.00 0.00  ? 401  HOH A H1   1 
HETATM 1416 H H2   . HOH C 3 .   ? 6.869   0.856   13.076  1.00 0.00  ? 401  HOH A H2   1 
HETATM 1417 O O    . HOH C 3 .   ? 7.677   -1.070  -12.132 1.00 33.44 ? 402  HOH A O    1 
HETATM 1418 H H1   . HOH C 3 .   ? 7.534   -0.315  -12.697 1.00 0.00  ? 402  HOH A H1   1 
HETATM 1419 H H2   . HOH C 3 .   ? 7.099   -1.729  -12.558 1.00 0.00  ? 402  HOH A H2   1 
HETATM 1420 O O    . HOH C 3 .   ? 5.475   -13.323 0.440   1.00 38.03 ? 403  HOH A O    1 
HETATM 1421 H H1   . HOH C 3 .   ? 5.193   -12.721 1.125   1.00 0.00  ? 403  HOH A H1   1 
HETATM 1422 H H2   . HOH C 3 .   ? 4.642   -13.458 -0.042  1.00 0.00  ? 403  HOH A H2   1 
HETATM 1423 O O    . HOH C 3 .   ? -10.774 2.046   17.833  1.00 39.74 ? 404  HOH A O    1 
HETATM 1424 H H1   . HOH C 3 .   ? -10.559 1.985   16.893  1.00 0.00  ? 404  HOH A H1   1 
HETATM 1425 H H2   . HOH C 3 .   ? -10.283 1.322   18.208  1.00 0.00  ? 404  HOH A H2   1 
HETATM 1426 O O    . HOH C 3 .   ? 6.365   -4.826  -15.576 1.00 51.58 ? 405  HOH A O    1 
HETATM 1427 H H1   . HOH C 3 .   ? 7.195   -4.718  -16.028 1.00 0.00  ? 405  HOH A H1   1 
HETATM 1428 H H2   . HOH C 3 .   ? 5.805   -4.144  -15.954 1.00 0.00  ? 405  HOH A H2   1 
HETATM 1429 O O    . HOH D 3 .   ? -8.923  -11.286 -1.762  1.00 22.71 ? 1101 HOH B O    1 
HETATM 1430 H H1   . HOH D 3 .   ? -8.063  -10.943 -1.981  1.00 0.00  ? 1101 HOH B H1   1 
HETATM 1431 H H2   . HOH D 3 .   ? -9.165  -11.801 -2.544  1.00 0.00  ? 1101 HOH B H2   1 
HETATM 1432 O O    . HOH D 3 .   ? -8.693  -3.456  14.970  1.00 23.91 ? 1102 HOH B O    1 
HETATM 1433 H H1   . HOH D 3 .   ? -8.780  -4.395  15.159  1.00 0.00  ? 1102 HOH B H1   1 
HETATM 1434 H H2   . HOH D 3 .   ? -9.611  -3.203  14.854  1.00 0.00  ? 1102 HOH B H2   1 
HETATM 1435 O O    . HOH D 3 .   ? -11.281 0.491   -14.646 1.00 27.02 ? 1103 HOH B O    1 
HETATM 1436 H H1   . HOH D 3 .   ? -11.033 0.355   -13.709 1.00 0.00  ? 1103 HOH B H1   1 
HETATM 1437 H H2   . HOH D 3 .   ? -11.208 -0.415  -15.016 1.00 0.00  ? 1103 HOH B H2   1 
HETATM 1438 O O    . HOH D 3 .   ? -11.577 -9.755  -2.515  1.00 27.47 ? 1104 HOH B O    1 
HETATM 1439 H H1   . HOH D 3 .   ? -12.195 -10.020 -1.816  1.00 0.00  ? 1104 HOH B H1   1 
HETATM 1440 H H2   . HOH D 3 .   ? -12.127 -9.847  -3.304  1.00 0.00  ? 1104 HOH B H2   1 
HETATM 1441 O O    . HOH D 3 .   ? -12.213 -9.095  -5.401  1.00 38.30 ? 1105 HOH B O    1 
HETATM 1442 H H1   . HOH D 3 .   ? -11.502 -8.476  -5.235  1.00 0.00  ? 1105 HOH B H1   1 
HETATM 1443 H H2   . HOH D 3 .   ? -12.989 -8.537  -5.316  1.00 0.00  ? 1105 HOH B H2   1 
HETATM 1444 O O    . HOH D 3 .   ? -3.466  -11.924 10.603  1.00 41.01 ? 1106 HOH B O    1 
HETATM 1445 H H1   . HOH D 3 .   ? -3.936  -11.784 11.425  1.00 0.00  ? 1106 HOH B H1   1 
HETATM 1446 H H2   . HOH D 3 .   ? -3.977  -11.388 9.980   1.00 0.00  ? 1106 HOH B H2   1 
HETATM 1447 O O    . HOH D 3 .   ? -5.815  -6.740  12.135  1.00 33.01 ? 1107 HOH B O    1 
HETATM 1448 H H1   . HOH D 3 .   ? -6.003  -7.415  11.455  1.00 0.00  ? 1107 HOH B H1   1 
HETATM 1449 H H2   . HOH D 3 .   ? -6.414  -6.963  12.841  1.00 0.00  ? 1107 HOH B H2   1 
HETATM 1450 O O    . HOH D 3 .   ? -10.939 -9.958  5.460   1.00 44.79 ? 1108 HOH B O    1 
HETATM 1451 H H1   . HOH D 3 .   ? -10.661 -10.072 6.383   1.00 0.00  ? 1108 HOH B H1   1 
HETATM 1452 H H2   . HOH D 3 .   ? -11.887 -10.046 5.408   1.00 0.00  ? 1108 HOH B H2   1 
HETATM 1453 O O    . HOH D 3 .   ? -8.429  -6.942  12.664  1.00 36.21 ? 1109 HOH B O    1 
HETATM 1454 H H1   . HOH D 3 .   ? -7.960  -7.254  11.876  1.00 0.00  ? 1109 HOH B H1   1 
HETATM 1455 H H2   . HOH D 3 .   ? -8.041  -7.522  13.307  1.00 0.00  ? 1109 HOH B H2   1 
HETATM 1456 O O    . HOH D 3 .   ? -14.001 -6.293  -15.891 1.00 34.53 ? 1110 HOH B O    1 
HETATM 1457 H H1   . HOH D 3 .   ? -13.286 -5.672  -15.738 1.00 0.00  ? 1110 HOH B H1   1 
HETATM 1458 H H2   . HOH D 3 .   ? -14.215 -6.124  -16.814 1.00 0.00  ? 1110 HOH B H2   1 
HETATM 1459 O O    . HOH D 3 .   ? -14.392 -4.081  -7.331  1.00 38.34 ? 1111 HOH B O    1 
HETATM 1460 H H1   . HOH D 3 .   ? -15.219 -4.525  -7.083  1.00 0.00  ? 1111 HOH B H1   1 
HETATM 1461 H H2   . HOH D 3 .   ? -13.677 -4.598  -6.988  1.00 0.00  ? 1111 HOH B H2   1 
HETATM 1462 O O    . HOH D 3 .   ? -14.526 -5.330  -4.742  1.00 47.58 ? 1112 HOH B O    1 
HETATM 1463 H H1   . HOH D 3 .   ? -14.673 -4.757  -5.502  1.00 0.00  ? 1112 HOH B H1   1 
HETATM 1464 H H2   . HOH D 3 .   ? -13.667 -5.761  -4.871  1.00 0.00  ? 1112 HOH B H2   1 
HETATM 1465 O O    . HOH D 3 .   ? -13.799 -2.111  -17.235 1.00 41.09 ? 1113 HOH B O    1 
HETATM 1466 H H1   . HOH D 3 .   ? -13.891 -1.229  -16.860 1.00 0.00  ? 1113 HOH B H1   1 
HETATM 1467 H H2   . HOH D 3 .   ? -14.737 -2.288  -17.414 1.00 0.00  ? 1113 HOH B H2   1 
HETATM 1468 O O    . HOH D 3 .   ? -4.887  -15.647 8.159   1.00 40.01 ? 1114 HOH B O    1 
HETATM 1469 H H1   . HOH D 3 .   ? -4.330  -16.428 8.177   1.00 0.00  ? 1114 HOH B H1   1 
HETATM 1470 H H2   . HOH D 3 .   ? -5.244  -15.601 7.271   1.00 0.00  ? 1114 HOH B H2   1 
HETATM 1471 O O    . HOH D 3 .   ? -12.793 -8.256  7.222   1.00 43.43 ? 1115 HOH B O    1 
HETATM 1472 H H1   . HOH D 3 .   ? -13.316 -7.895  6.505   1.00 0.00  ? 1115 HOH B H1   1 
HETATM 1473 H H2   . HOH D 3 .   ? -11.894 -8.475  6.911   1.00 0.00  ? 1115 HOH B H2   1 
# 
